data_2C5K
# 
_entry.id   2C5K 
# 
_audit_conform.dict_name       mmcif_pdbx.dic 
_audit_conform.dict_version    5.382 
_audit_conform.dict_location   http://mmcif.pdb.org/dictionaries/ascii/mmcif_pdbx.dic 
# 
loop_
_database_2.database_id 
_database_2.database_code 
_database_2.pdbx_database_accession 
_database_2.pdbx_DOI 
PDB   2C5K         pdb_00002c5k 10.2210/pdb2c5k/pdb 
PDBE  EBI-26195    ?            ?                   
WWPDB D_1290026195 ?            ?                   
# 
loop_
_pdbx_database_related.db_name 
_pdbx_database_related.db_id 
_pdbx_database_related.content_type 
_pdbx_database_related.details 
PDB 2C5I unspecified 'N-TERMINAL DOMAIN OF TLG1 COMPLEXED WITH N -TERMINUS OF VPS51 IN DISTORTED CONFORMATION' 
PDB 2C5J unspecified 'N-TERMINAL DOMAIN OF TLG1, DOMAIN-SWAPPED DIMER'                                         
# 
_pdbx_database_status.status_code                     REL 
_pdbx_database_status.entry_id                        2C5K 
_pdbx_database_status.deposit_site                    PDBE 
_pdbx_database_status.process_site                    PDBE 
_pdbx_database_status.SG_entry                        . 
_pdbx_database_status.recvd_initial_deposition_date   2005-10-27 
_pdbx_database_status.pdb_format_compatible           Y 
_pdbx_database_status.status_code_sf                  REL 
_pdbx_database_status.status_code_mr                  ? 
_pdbx_database_status.status_code_cs                  ? 
_pdbx_database_status.methods_development_category    ? 
_pdbx_database_status.status_code_nmr_data            ? 
# 
loop_
_audit_author.name 
_audit_author.pdbx_ordinal 
'Fridmann-Sirkis, Y.' 1 
'Kent, H.M.'          2 
'Lewis, M.J.'         3 
'Evans, P.R.'         4 
'Pelham, H.R.B.'      5 
# 
_citation.id                        primary 
_citation.title                     'Structural Analysis of the Interaction between the Snare Tlg1 and Vps51.' 
_citation.journal_abbrev            Traffic 
_citation.journal_volume            7 
_citation.page_first                182 
_citation.page_last                 ? 
_citation.year                      2006 
_citation.journal_id_ASTM           ? 
_citation.country                   DK 
_citation.journal_id_ISSN           1398-9219 
_citation.journal_id_CSD            ? 
_citation.book_publisher            ? 
_citation.pdbx_database_id_PubMed   16420526 
_citation.pdbx_database_id_DOI      10.1111/J.1600-0854.2005.00374.X 
# 
loop_
_citation_author.citation_id 
_citation_author.name 
_citation_author.ordinal 
_citation_author.identifier_ORCID 
primary 'Fridmann-Sirkis, Y.' 1 ? 
primary 'Kent, H.M.'          2 ? 
primary 'Lewis, M.J.'         3 ? 
primary 'Evans, P.R.'         4 ? 
primary 'Pelham, H.R.B.'      5 ? 
# 
_cell.entry_id           2C5K 
_cell.length_a           60.452 
_cell.length_b           60.452 
_cell.length_c           62.388 
_cell.angle_alpha        90.00 
_cell.angle_beta         90.00 
_cell.angle_gamma        120.00 
_cell.Z_PDB              6 
_cell.pdbx_unique_axis   ? 
# 
_symmetry.entry_id                         2C5K 
_symmetry.space_group_name_H-M             'P 32 2 1' 
_symmetry.pdbx_full_space_group_name_H-M   ? 
_symmetry.cell_setting                     ? 
_symmetry.Int_Tables_number                154 
# 
loop_
_entity.id 
_entity.type 
_entity.src_method 
_entity.pdbx_description 
_entity.formula_weight 
_entity.pdbx_number_of_molecules 
_entity.pdbx_ec 
_entity.pdbx_mutation 
_entity.pdbx_fragment 
_entity.details 
1 polymer     syn 'VACUOLAR PROTEIN SORTING PROTEIN 51'                  2970.432  1   ? ? 'N-TERMINAL RESIDUES 9-32'         ? 
2 polymer     man 'T-SNARE AFFECTING A LATE GOLGI COMPARTMENT PROTEIN 1' 11244.396 1   ? ? 'N-TERMINAL DOMAIN, RESIDUES 1-95' ? 
3 non-polymer syn 'SULFATE ION'                                          96.063    4   ? ? ?                                  ? 
4 water       nat water                                                  18.015    114 ? ? ?                                  ? 
# 
loop_
_entity_name_com.entity_id 
_entity_name_com.name 
1 'VPS51, APICAL BUD GROWTH PROTEIN 3' 
2 'SYNTAXIN TLG1'                      
# 
loop_
_entity_poly.entity_id 
_entity_poly.type 
_entity_poly.nstd_linkage 
_entity_poly.nstd_monomer 
_entity_poly.pdbx_seq_one_letter_code 
_entity_poly.pdbx_seq_one_letter_code_can 
_entity_poly.pdbx_strand_id 
_entity_poly.pdbx_target_identifier 
1 'polypeptide(L)' no no KSLRVSSLNKDRRLLLREFYNLEN                                                                           
KSLRVSSLNKDRRLLLREFYNLEN                                                                           P ? 
2 'polypeptide(L)' no no 
;MNNSEDPFQQVVKDTKEQLNRINNYITRHNTAGDDDQEEEIQDILKDVEETIVDLDRSIIVMKRDENEDVSGREAQVKNI
KQQLDALKLRFDRRI
;
;MNNSEDPFQQVVKDTKEQLNRINNYITRHNTAGDDDQEEEIQDILKDVEETIVDLDRSIIVMKRDENEDVSGREAQVKNI
KQQLDALKLRFDRRI
;
T ? 
# 
loop_
_entity_poly_seq.entity_id 
_entity_poly_seq.num 
_entity_poly_seq.mon_id 
_entity_poly_seq.hetero 
1 1  LYS n 
1 2  SER n 
1 3  LEU n 
1 4  ARG n 
1 5  VAL n 
1 6  SER n 
1 7  SER n 
1 8  LEU n 
1 9  ASN n 
1 10 LYS n 
1 11 ASP n 
1 12 ARG n 
1 13 ARG n 
1 14 LEU n 
1 15 LEU n 
1 16 LEU n 
1 17 ARG n 
1 18 GLU n 
1 19 PHE n 
1 20 TYR n 
1 21 ASN n 
1 22 LEU n 
1 23 GLU n 
1 24 ASN n 
2 1  MET n 
2 2  ASN n 
2 3  ASN n 
2 4  SER n 
2 5  GLU n 
2 6  ASP n 
2 7  PRO n 
2 8  PHE n 
2 9  GLN n 
2 10 GLN n 
2 11 VAL n 
2 12 VAL n 
2 13 LYS n 
2 14 ASP n 
2 15 THR n 
2 16 LYS n 
2 17 GLU n 
2 18 GLN n 
2 19 LEU n 
2 20 ASN n 
2 21 ARG n 
2 22 ILE n 
2 23 ASN n 
2 24 ASN n 
2 25 TYR n 
2 26 ILE n 
2 27 THR n 
2 28 ARG n 
2 29 HIS n 
2 30 ASN n 
2 31 THR n 
2 32 ALA n 
2 33 GLY n 
2 34 ASP n 
2 35 ASP n 
2 36 ASP n 
2 37 GLN n 
2 38 GLU n 
2 39 GLU n 
2 40 GLU n 
2 41 ILE n 
2 42 GLN n 
2 43 ASP n 
2 44 ILE n 
2 45 LEU n 
2 46 LYS n 
2 47 ASP n 
2 48 VAL n 
2 49 GLU n 
2 50 GLU n 
2 51 THR n 
2 52 ILE n 
2 53 VAL n 
2 54 ASP n 
2 55 LEU n 
2 56 ASP n 
2 57 ARG n 
2 58 SER n 
2 59 ILE n 
2 60 ILE n 
2 61 VAL n 
2 62 MET n 
2 63 LYS n 
2 64 ARG n 
2 65 ASP n 
2 66 GLU n 
2 67 ASN n 
2 68 GLU n 
2 69 ASP n 
2 70 VAL n 
2 71 SER n 
2 72 GLY n 
2 73 ARG n 
2 74 GLU n 
2 75 ALA n 
2 76 GLN n 
2 77 VAL n 
2 78 LYS n 
2 79 ASN n 
2 80 ILE n 
2 81 LYS n 
2 82 GLN n 
2 83 GLN n 
2 84 LEU n 
2 85 ASP n 
2 86 ALA n 
2 87 LEU n 
2 88 LYS n 
2 89 LEU n 
2 90 ARG n 
2 91 PHE n 
2 92 ASP n 
2 93 ARG n 
2 94 ARG n 
2 95 ILE n 
# 
_entity_src_gen.entity_id                          2 
_entity_src_gen.pdbx_src_id                        1 
_entity_src_gen.pdbx_alt_source_flag               sample 
_entity_src_gen.pdbx_seq_type                      ? 
_entity_src_gen.pdbx_beg_seq_num                   ? 
_entity_src_gen.pdbx_end_seq_num                   ? 
_entity_src_gen.gene_src_common_name               
;BAKER'S YEAST
;
_entity_src_gen.gene_src_genus                     ? 
_entity_src_gen.pdbx_gene_src_gene                 ? 
_entity_src_gen.gene_src_species                   ? 
_entity_src_gen.gene_src_strain                    ? 
_entity_src_gen.gene_src_tissue                    ? 
_entity_src_gen.gene_src_tissue_fraction           ? 
_entity_src_gen.gene_src_details                   ? 
_entity_src_gen.pdbx_gene_src_fragment             ? 
_entity_src_gen.pdbx_gene_src_scientific_name      'SACCHAROMYCES CEREVISIAE' 
_entity_src_gen.pdbx_gene_src_ncbi_taxonomy_id     4932 
_entity_src_gen.pdbx_gene_src_variant              ? 
_entity_src_gen.pdbx_gene_src_cell_line            ? 
_entity_src_gen.pdbx_gene_src_atcc                 ? 
_entity_src_gen.pdbx_gene_src_organ                ? 
_entity_src_gen.pdbx_gene_src_organelle            ? 
_entity_src_gen.pdbx_gene_src_cell                 ? 
_entity_src_gen.pdbx_gene_src_cellular_location    ? 
_entity_src_gen.host_org_common_name               ? 
_entity_src_gen.pdbx_host_org_scientific_name      'ESCHERICHIA COLI' 
_entity_src_gen.pdbx_host_org_ncbi_taxonomy_id     511693 
_entity_src_gen.host_org_genus                     ? 
_entity_src_gen.pdbx_host_org_gene                 ? 
_entity_src_gen.pdbx_host_org_organ                ? 
_entity_src_gen.host_org_species                   ? 
_entity_src_gen.pdbx_host_org_tissue               ? 
_entity_src_gen.pdbx_host_org_tissue_fraction      ? 
_entity_src_gen.pdbx_host_org_strain               BL21 
_entity_src_gen.pdbx_host_org_variant              ? 
_entity_src_gen.pdbx_host_org_cell_line            ? 
_entity_src_gen.pdbx_host_org_atcc                 ? 
_entity_src_gen.pdbx_host_org_culture_collection   ? 
_entity_src_gen.pdbx_host_org_cell                 ? 
_entity_src_gen.pdbx_host_org_organelle            ? 
_entity_src_gen.pdbx_host_org_cellular_location    ? 
_entity_src_gen.pdbx_host_org_vector_type          ? 
_entity_src_gen.pdbx_host_org_vector               ? 
_entity_src_gen.host_org_details                   ? 
_entity_src_gen.expression_system_id               ? 
_entity_src_gen.plasmid_name                       PET30A 
_entity_src_gen.plasmid_details                    ? 
_entity_src_gen.pdbx_description                   ? 
# 
_pdbx_entity_src_syn.entity_id              1 
_pdbx_entity_src_syn.pdbx_src_id            1 
_pdbx_entity_src_syn.pdbx_alt_source_flag   sample 
_pdbx_entity_src_syn.pdbx_beg_seq_num       ? 
_pdbx_entity_src_syn.pdbx_end_seq_num       ? 
_pdbx_entity_src_syn.organism_scientific    'SACCHAROMYCES CEREVISIAE' 
_pdbx_entity_src_syn.organism_common_name   
;BAKER'S YEAST
;
_pdbx_entity_src_syn.ncbi_taxonomy_id       4932 
_pdbx_entity_src_syn.details                ? 
# 
loop_
_struct_ref.id 
_struct_ref.db_name 
_struct_ref.db_code 
_struct_ref.entity_id 
_struct_ref.pdbx_seq_one_letter_code 
_struct_ref.pdbx_align_begin 
_struct_ref.pdbx_db_accession 
_struct_ref.pdbx_db_isoform 
1 UNP TLG1_YEAST  2 ? ? Q03322 ? 
2 UNP VPS51_YEAST 1 ? ? P36116 ? 
# 
loop_
_struct_ref_seq.align_id 
_struct_ref_seq.ref_id 
_struct_ref_seq.pdbx_PDB_id_code 
_struct_ref_seq.pdbx_strand_id 
_struct_ref_seq.seq_align_beg 
_struct_ref_seq.pdbx_seq_align_beg_ins_code 
_struct_ref_seq.seq_align_end 
_struct_ref_seq.pdbx_seq_align_end_ins_code 
_struct_ref_seq.pdbx_db_accession 
_struct_ref_seq.db_align_beg 
_struct_ref_seq.pdbx_db_align_beg_ins_code 
_struct_ref_seq.db_align_end 
_struct_ref_seq.pdbx_db_align_end_ins_code 
_struct_ref_seq.pdbx_auth_seq_align_beg 
_struct_ref_seq.pdbx_auth_seq_align_end 
1 1 2C5K T 1 ? 95 ? Q03322 1 ? 95 ? 1 95 
2 2 2C5K P 1 ? 24 ? P36116 9 ? 32 ? 9 32 
# 
loop_
_chem_comp.id 
_chem_comp.type 
_chem_comp.mon_nstd_flag 
_chem_comp.name 
_chem_comp.pdbx_synonyms 
_chem_comp.formula 
_chem_comp.formula_weight 
ALA 'L-peptide linking' y ALANINE         ? 'C3 H7 N O2'     89.093  
ARG 'L-peptide linking' y ARGININE        ? 'C6 H15 N4 O2 1' 175.209 
ASN 'L-peptide linking' y ASPARAGINE      ? 'C4 H8 N2 O3'    132.118 
ASP 'L-peptide linking' y 'ASPARTIC ACID' ? 'C4 H7 N O4'     133.103 
GLN 'L-peptide linking' y GLUTAMINE       ? 'C5 H10 N2 O3'   146.144 
GLU 'L-peptide linking' y 'GLUTAMIC ACID' ? 'C5 H9 N O4'     147.129 
GLY 'peptide linking'   y GLYCINE         ? 'C2 H5 N O2'     75.067  
HIS 'L-peptide linking' y HISTIDINE       ? 'C6 H10 N3 O2 1' 156.162 
HOH non-polymer         . WATER           ? 'H2 O'           18.015  
ILE 'L-peptide linking' y ISOLEUCINE      ? 'C6 H13 N O2'    131.173 
LEU 'L-peptide linking' y LEUCINE         ? 'C6 H13 N O2'    131.173 
LYS 'L-peptide linking' y LYSINE          ? 'C6 H15 N2 O2 1' 147.195 
MET 'L-peptide linking' y METHIONINE      ? 'C5 H11 N O2 S'  149.211 
PHE 'L-peptide linking' y PHENYLALANINE   ? 'C9 H11 N O2'    165.189 
PRO 'L-peptide linking' y PROLINE         ? 'C5 H9 N O2'     115.130 
SER 'L-peptide linking' y SERINE          ? 'C3 H7 N O3'     105.093 
SO4 non-polymer         . 'SULFATE ION'   ? 'O4 S -2'        96.063  
THR 'L-peptide linking' y THREONINE       ? 'C4 H9 N O3'     119.119 
TYR 'L-peptide linking' y TYROSINE        ? 'C9 H11 N O3'    181.189 
VAL 'L-peptide linking' y VALINE          ? 'C5 H11 N O2'    117.146 
# 
_exptl.entry_id          2C5K 
_exptl.method            'X-RAY DIFFRACTION' 
_exptl.crystals_number   1 
# 
_exptl_crystal.id                    1 
_exptl_crystal.density_meas          ? 
_exptl_crystal.density_Matthews      2.18 
_exptl_crystal.density_percent_sol   43.04 
_exptl_crystal.description           ? 
# 
_exptl_crystal_grow.crystal_id      1 
_exptl_crystal_grow.method          ? 
_exptl_crystal_grow.temp            ? 
_exptl_crystal_grow.temp_details    ? 
_exptl_crystal_grow.pH              6.25 
_exptl_crystal_grow.pdbx_pH_range   ? 
_exptl_crystal_grow.pdbx_details    '9MG/ML PROTEIN, 66% SAT AMSO4, 10MM NA CITRATE PH 6.25 FROZEN IN 20% GLYCEROL' 
# 
_diffrn.id                     1 
_diffrn.ambient_temp           100.0 
_diffrn.ambient_temp_details   ? 
_diffrn.crystal_id             1 
# 
_diffrn_detector.diffrn_id              1 
_diffrn_detector.detector               'IMAGE PLATE' 
_diffrn_detector.type                   MARRESEARCH 
_diffrn_detector.pdbx_collection_date   2004-12-08 
_diffrn_detector.details                'OSMIC MIRRORS' 
# 
_diffrn_radiation.diffrn_id                        1 
_diffrn_radiation.wavelength_id                    1 
_diffrn_radiation.pdbx_monochromatic_or_laue_m_l   M 
_diffrn_radiation.monochromator                    'OSMIC MIRRORS' 
_diffrn_radiation.pdbx_diffrn_protocol             'SINGLE WAVELENGTH' 
_diffrn_radiation.pdbx_scattering_type             x-ray 
# 
_diffrn_radiation_wavelength.id           1 
_diffrn_radiation_wavelength.wavelength   1.5418 
_diffrn_radiation_wavelength.wt           1.0 
# 
_diffrn_source.diffrn_id                   1 
_diffrn_source.source                      'ROTATING ANODE' 
_diffrn_source.type                        'RIGAKU RU200' 
_diffrn_source.pdbx_synchrotron_site       ? 
_diffrn_source.pdbx_synchrotron_beamline   ? 
_diffrn_source.pdbx_wavelength             1.5418 
_diffrn_source.pdbx_wavelength_list        ? 
# 
_reflns.pdbx_diffrn_id               1 
_reflns.pdbx_ordinal                 1 
_reflns.entry_id                     2C5K 
_reflns.observed_criterion_sigma_I   0.000 
_reflns.observed_criterion_sigma_F   ? 
_reflns.d_resolution_low             31.000 
_reflns.d_resolution_high            2.050 
_reflns.number_obs                   8616 
_reflns.number_all                   ? 
_reflns.percent_possible_obs         99.9 
_reflns.pdbx_Rmerge_I_obs            0.04000 
_reflns.pdbx_Rsym_value              ? 
_reflns.pdbx_netI_over_sigmaI        23.0000 
_reflns.B_iso_Wilson_estimate        ? 
_reflns.pdbx_redundancy              4.800 
# 
_reflns_shell.pdbx_diffrn_id         1 
_reflns_shell.pdbx_ordinal           1 
_reflns_shell.d_res_high             2.05 
_reflns_shell.d_res_low              2.16 
_reflns_shell.percent_possible_all   100.0 
_reflns_shell.Rmerge_I_obs           0.15000 
_reflns_shell.pdbx_Rsym_value        ? 
_reflns_shell.meanI_over_sigI_obs    9.300 
_reflns_shell.pdbx_redundancy        4.80 
# 
_refine.pdbx_refine_id                           'X-RAY DIFFRACTION' 
_refine.entry_id                                 2C5K 
_refine.pdbx_diffrn_id                           1 
_refine.pdbx_TLS_residual_ADP_flag               ? 
_refine.ls_number_reflns_obs                     8190 
_refine.ls_number_reflns_all                     ? 
_refine.pdbx_ls_sigma_I                          ? 
_refine.pdbx_ls_sigma_F                          ? 
_refine.pdbx_data_cutoff_high_absF               ? 
_refine.pdbx_data_cutoff_low_absF                ? 
_refine.pdbx_data_cutoff_high_rms_absF           ? 
_refine.ls_d_res_low                             52.34 
_refine.ls_d_res_high                            2.05 
_refine.ls_percent_reflns_obs                    99.8 
_refine.ls_R_factor_obs                          0.177 
_refine.ls_R_factor_all                          ? 
_refine.ls_R_factor_R_work                       0.175 
_refine.ls_R_factor_R_free                       0.221 
_refine.ls_R_factor_R_free_error                 ? 
_refine.ls_R_factor_R_free_error_details         ? 
_refine.ls_percent_reflns_R_free                 4.700 
_refine.ls_number_reflns_R_free                  407 
_refine.ls_number_parameters                     ? 
_refine.ls_number_restraints                     ? 
_refine.occupancy_min                            ? 
_refine.occupancy_max                            ? 
_refine.correlation_coeff_Fo_to_Fc               0.943 
_refine.correlation_coeff_Fo_to_Fc_free          0.916 
_refine.B_iso_mean                               19.47 
_refine.aniso_B[1][1]                            0.66000 
_refine.aniso_B[2][2]                            0.66000 
_refine.aniso_B[3][3]                            -0.99000 
_refine.aniso_B[1][2]                            0.33000 
_refine.aniso_B[1][3]                            0.00000 
_refine.aniso_B[2][3]                            0.00000 
_refine.solvent_model_details                    MASK 
_refine.solvent_model_param_ksol                 ? 
_refine.solvent_model_param_bsol                 ? 
_refine.pdbx_solvent_vdw_probe_radii             1.20 
_refine.pdbx_solvent_ion_probe_radii             0.80 
_refine.pdbx_solvent_shrinkage_radii             0.80 
_refine.pdbx_ls_cross_valid_method               THROUGHOUT 
_refine.details                                  'HYDROGENS HAVE BEEN ADDED IN THE RIDING POSITIONS.' 
_refine.pdbx_starting_model                      'PDB ENTRY 2C5I' 
_refine.pdbx_method_to_determine_struct          'MOLECULAR REPLACEMENT' 
_refine.pdbx_isotropic_thermal_model             ? 
_refine.pdbx_stereochemistry_target_values       'MAXIMUM LIKELIHOOD' 
_refine.pdbx_stereochem_target_val_spec_case     ? 
_refine.pdbx_R_Free_selection_details            RANDOM 
_refine.pdbx_overall_ESU_R                       0.192 
_refine.pdbx_overall_ESU_R_Free                  0.168 
_refine.overall_SU_ML                            0.112 
_refine.pdbx_overall_phase_error                 ? 
_refine.overall_SU_B                             3.998 
_refine.overall_SU_R_Cruickshank_DPI             ? 
_refine.pdbx_overall_SU_R_free_Cruickshank_DPI   ? 
_refine.pdbx_overall_SU_R_Blow_DPI               ? 
_refine.pdbx_overall_SU_R_free_Blow_DPI          ? 
# 
_refine_hist.pdbx_refine_id                   'X-RAY DIFFRACTION' 
_refine_hist.cycle_id                         LAST 
_refine_hist.pdbx_number_atoms_protein        936 
_refine_hist.pdbx_number_atoms_nucleic_acid   0 
_refine_hist.pdbx_number_atoms_ligand         20 
_refine_hist.number_atoms_solvent             114 
_refine_hist.number_atoms_total               1070 
_refine_hist.d_res_high                       2.05 
_refine_hist.d_res_low                        52.34 
# 
loop_
_refine_ls_restr.type 
_refine_ls_restr.dev_ideal 
_refine_ls_restr.dev_ideal_target 
_refine_ls_restr.weight 
_refine_ls_restr.number 
_refine_ls_restr.pdbx_refine_id 
_refine_ls_restr.pdbx_restraint_function 
r_bond_refined_d             0.013  0.022  ? 968  'X-RAY DIFFRACTION' ? 
r_bond_other_d               ?      ?      ? ?    'X-RAY DIFFRACTION' ? 
r_angle_refined_deg          1.216  1.994  ? 1301 'X-RAY DIFFRACTION' ? 
r_angle_other_deg            ?      ?      ? ?    'X-RAY DIFFRACTION' ? 
r_dihedral_angle_1_deg       4.772  5.000  ? 112  'X-RAY DIFFRACTION' ? 
r_dihedral_angle_2_deg       36.008 24.915 ? 59   'X-RAY DIFFRACTION' ? 
r_dihedral_angle_3_deg       14.977 15.000 ? 202  'X-RAY DIFFRACTION' ? 
r_dihedral_angle_4_deg       21.259 15.000 ? 12   'X-RAY DIFFRACTION' ? 
r_chiral_restr               0.081  0.200  ? 146  'X-RAY DIFFRACTION' ? 
r_gen_planes_refined         0.005  0.020  ? 715  'X-RAY DIFFRACTION' ? 
r_gen_planes_other           ?      ?      ? ?    'X-RAY DIFFRACTION' ? 
r_nbd_refined                0.222  0.200  ? 456  'X-RAY DIFFRACTION' ? 
r_nbd_other                  ?      ?      ? ?    'X-RAY DIFFRACTION' ? 
r_nbtor_refined              0.297  0.200  ? 656  'X-RAY DIFFRACTION' ? 
r_nbtor_other                ?      ?      ? ?    'X-RAY DIFFRACTION' ? 
r_xyhbond_nbd_refined        0.198  0.200  ? 103  'X-RAY DIFFRACTION' ? 
r_xyhbond_nbd_other          ?      ?      ? ?    'X-RAY DIFFRACTION' ? 
r_metal_ion_refined          ?      ?      ? ?    'X-RAY DIFFRACTION' ? 
r_metal_ion_other            ?      ?      ? ?    'X-RAY DIFFRACTION' ? 
r_symmetry_vdw_refined       0.291  0.200  ? 46   'X-RAY DIFFRACTION' ? 
r_symmetry_vdw_other         ?      ?      ? ?    'X-RAY DIFFRACTION' ? 
r_symmetry_hbond_refined     0.191  0.200  ? 26   'X-RAY DIFFRACTION' ? 
r_symmetry_hbond_other       ?      ?      ? ?    'X-RAY DIFFRACTION' ? 
r_symmetry_metal_ion_refined ?      ?      ? ?    'X-RAY DIFFRACTION' ? 
r_symmetry_metal_ion_other   ?      ?      ? ?    'X-RAY DIFFRACTION' ? 
r_mcbond_it                  1.039  1.500  ? 584  'X-RAY DIFFRACTION' ? 
r_mcbond_other               ?      ?      ? ?    'X-RAY DIFFRACTION' ? 
r_mcangle_it                 1.779  2.000  ? 912  'X-RAY DIFFRACTION' ? 
r_mcangle_other              ?      ?      ? ?    'X-RAY DIFFRACTION' ? 
r_scbond_it                  2.397  3.000  ? 418  'X-RAY DIFFRACTION' ? 
r_scbond_other               ?      ?      ? ?    'X-RAY DIFFRACTION' ? 
r_scangle_it                 3.791  4.500  ? 387  'X-RAY DIFFRACTION' ? 
r_scangle_other              ?      ?      ? ?    'X-RAY DIFFRACTION' ? 
r_long_range_B_refined       ?      ?      ? ?    'X-RAY DIFFRACTION' ? 
r_long_range_B_other         ?      ?      ? ?    'X-RAY DIFFRACTION' ? 
r_rigid_bond_restr           ?      ?      ? ?    'X-RAY DIFFRACTION' ? 
r_sphericity_free            ?      ?      ? ?    'X-RAY DIFFRACTION' ? 
r_sphericity_bonded          ?      ?      ? ?    'X-RAY DIFFRACTION' ? 
# 
_refine_ls_shell.pdbx_refine_id                   'X-RAY DIFFRACTION' 
_refine_ls_shell.pdbx_total_number_of_bins_used   20 
_refine_ls_shell.d_res_high                       2.05 
_refine_ls_shell.d_res_low                        2.10 
_refine_ls_shell.number_reflns_R_work             591 
_refine_ls_shell.R_factor_R_work                  0.1920 
_refine_ls_shell.percent_reflns_obs               ? 
_refine_ls_shell.R_factor_R_free                  0.2480 
_refine_ls_shell.R_factor_R_free_error            ? 
_refine_ls_shell.percent_reflns_R_free            ? 
_refine_ls_shell.number_reflns_R_free             36 
_refine_ls_shell.number_reflns_all                ? 
_refine_ls_shell.R_factor_all                     ? 
# 
_struct.entry_id                  2C5K 
_struct.title                     'N-terminal domain of tlg1 complexed with N-terminus of vps51' 
_struct.pdbx_model_details        ? 
_struct.pdbx_CASP_flag            ? 
_struct.pdbx_model_type_details   ? 
# 
_struct_keywords.entry_id        2C5K 
_struct_keywords.pdbx_keywords   'PROTEIN TRANSPORT' 
_struct_keywords.text            'PROTEIN TRANSPORT-COMPLEX, SNARE, VFT COMPLEX, PROTEIN TRANSPORT, PHOSPHORYLATION' 
# 
loop_
_struct_asym.id 
_struct_asym.pdbx_blank_PDB_chainid_flag 
_struct_asym.pdbx_modified 
_struct_asym.entity_id 
_struct_asym.details 
A N N 1 ? 
B N N 2 ? 
C N N 3 ? 
D N N 3 ? 
E N N 3 ? 
F N N 3 ? 
G N N 4 ? 
H N N 4 ? 
# 
_struct_biol.id   1 
# 
loop_
_struct_conf.conf_type_id 
_struct_conf.id 
_struct_conf.pdbx_PDB_helix_id 
_struct_conf.beg_label_comp_id 
_struct_conf.beg_label_asym_id 
_struct_conf.beg_label_seq_id 
_struct_conf.pdbx_beg_PDB_ins_code 
_struct_conf.end_label_comp_id 
_struct_conf.end_label_asym_id 
_struct_conf.end_label_seq_id 
_struct_conf.pdbx_end_PDB_ins_code 
_struct_conf.beg_auth_comp_id 
_struct_conf.beg_auth_asym_id 
_struct_conf.beg_auth_seq_id 
_struct_conf.end_auth_comp_id 
_struct_conf.end_auth_asym_id 
_struct_conf.end_auth_seq_id 
_struct_conf.pdbx_PDB_helix_class 
_struct_conf.details 
_struct_conf.pdbx_PDB_helix_length 
HELX_P HELX_P1 1 SER A 7  ? LEU A 22 ? SER P 15 LEU P 30 1 ? 16 
HELX_P HELX_P2 2 ASP B 6  ? HIS B 29 ? ASP T 6  HIS T 29 1 ? 24 
HELX_P HELX_P3 3 GLN B 37 ? ARG B 64 ? GLN T 37 ARG T 64 1 ? 28 
HELX_P HELX_P4 4 VAL B 70 ? ARG B 93 ? VAL T 70 ARG T 93 1 ? 24 
# 
_struct_conf_type.id          HELX_P 
_struct_conf_type.criteria    ? 
_struct_conf_type.reference   ? 
# 
loop_
_struct_site.id 
_struct_site.pdbx_evidence_code 
_struct_site.pdbx_auth_asym_id 
_struct_site.pdbx_auth_comp_id 
_struct_site.pdbx_auth_seq_id 
_struct_site.pdbx_auth_ins_code 
_struct_site.pdbx_num_residues 
_struct_site.details 
AC1 Software ? ? ? ? 11 'BINDING SITE FOR RESIDUE SO4 P1031' 
AC2 Software ? ? ? ? 4  'BINDING SITE FOR RESIDUE SO4 T1096' 
AC3 Software ? ? ? ? 3  'BINDING SITE FOR RESIDUE SO4 T1097' 
AC4 Software ? ? ? ? 5  'BINDING SITE FOR RESIDUE SO4 T1098' 
# 
loop_
_struct_site_gen.id 
_struct_site_gen.site_id 
_struct_site_gen.pdbx_num_res 
_struct_site_gen.label_comp_id 
_struct_site_gen.label_asym_id 
_struct_site_gen.label_seq_id 
_struct_site_gen.pdbx_auth_ins_code 
_struct_site_gen.auth_comp_id 
_struct_site_gen.auth_asym_id 
_struct_site_gen.auth_seq_id 
_struct_site_gen.label_atom_id 
_struct_site_gen.label_alt_id 
_struct_site_gen.symmetry 
_struct_site_gen.details 
1  AC1 11 VAL A 5  ? VAL P 13   . ? 1_555 ? 
2  AC1 11 SER A 7  ? SER P 15   . ? 1_555 ? 
3  AC1 11 LEU A 8  ? LEU P 16   . ? 1_555 ? 
4  AC1 11 ASN A 9  ? ASN P 17   . ? 1_555 ? 
5  AC1 11 LYS A 10 ? LYS P 18   . ? 1_555 ? 
6  AC1 11 HOH G .  ? HOH P 2025 . ? 1_555 ? 
7  AC1 11 HOH G .  ? HOH P 2026 . ? 1_555 ? 
8  AC1 11 HOH G .  ? HOH P 2027 . ? 1_555 ? 
9  AC1 11 HOH G .  ? HOH P 2028 . ? 1_555 ? 
10 AC1 11 GLN B 82 ? GLN T 82   . ? 1_555 ? 
11 AC1 11 HOH H .  ? HOH T 2075 . ? 1_555 ? 
12 AC2 4  VAL A 5  ? VAL P 13   . ? 1_555 ? 
13 AC2 4  SER A 6  ? SER P 14   . ? 1_555 ? 
14 AC2 4  ARG B 21 ? ARG T 21   . ? 1_555 ? 
15 AC2 4  HOH H .  ? HOH T 2084 . ? 1_555 ? 
16 AC3 3  TYR A 20 ? TYR P 28   . ? 1_555 ? 
17 AC3 3  ARG B 57 ? ARG T 57   . ? 1_555 ? 
18 AC3 3  ARG B 93 ? ARG T 93   . ? 1_555 ? 
19 AC4 5  LYS A 1  ? LYS P 9    . ? 1_555 ? 
20 AC4 5  ARG B 28 ? ARG T 28   . ? 1_555 ? 
21 AC4 5  HIS B 29 ? HIS T 29   . ? 1_555 ? 
22 AC4 5  HOH H .  ? HOH T 2085 . ? 1_555 ? 
23 AC4 5  HOH H .  ? HOH T 2086 . ? 1_555 ? 
# 
_atom_sites.entry_id                    2C5K 
_atom_sites.fract_transf_matrix[1][1]   0.00541008 
_atom_sites.fract_transf_matrix[1][2]   -0.01829407 
_atom_sites.fract_transf_matrix[1][3]   -0.00095788 
_atom_sites.fract_transf_matrix[2][1]   0.01687101 
_atom_sites.fract_transf_matrix[2][2]   -0.00535880 
_atom_sites.fract_transf_matrix[2][3]   0.00717638 
_atom_sites.fract_transf_matrix[3][1]   -0.00692046 
_atom_sites.fract_transf_matrix[3][2]   -0.00278938 
_atom_sites.fract_transf_matrix[3][3]   0.01418645 
_atom_sites.fract_transf_vector[1]      -0.322674 
_atom_sites.fract_transf_vector[2]      0.213229 
_atom_sites.fract_transf_vector[3]      -0.123661 
# 
loop_
_atom_type.symbol 
C 
N 
O 
S 
# 
loop_
_atom_site.group_PDB 
_atom_site.id 
_atom_site.type_symbol 
_atom_site.label_atom_id 
_atom_site.label_alt_id 
_atom_site.label_comp_id 
_atom_site.label_asym_id 
_atom_site.label_entity_id 
_atom_site.label_seq_id 
_atom_site.pdbx_PDB_ins_code 
_atom_site.Cartn_x 
_atom_site.Cartn_y 
_atom_site.Cartn_z 
_atom_site.occupancy 
_atom_site.B_iso_or_equiv 
_atom_site.pdbx_formal_charge 
_atom_site.auth_seq_id 
_atom_site.auth_comp_id 
_atom_site.auth_asym_id 
_atom_site.auth_atom_id 
_atom_site.pdbx_PDB_model_num 
ATOM   1    N N   . LYS A 1 1  ? 20.325  -4.080  3.163   1.00 24.21 ? 9    LYS P N   1 
ATOM   2    C CA  . LYS A 1 1  ? 19.196  -4.967  2.734   1.00 24.17 ? 9    LYS P CA  1 
ATOM   3    C C   . LYS A 1 1  ? 18.118  -4.161  2.020   1.00 22.44 ? 9    LYS P C   1 
ATOM   4    O O   . LYS A 1 1  ? 17.832  -3.023  2.391   1.00 22.21 ? 9    LYS P O   1 
ATOM   5    C CB  . LYS A 1 1  ? 18.572  -5.694  3.938   1.00 24.77 ? 9    LYS P CB  1 
ATOM   6    C CG  . LYS A 1 1  ? 19.415  -6.865  4.428   1.00 29.16 ? 9    LYS P CG  1 
ATOM   7    C CD  . LYS A 1 1  ? 19.079  -7.277  5.858   1.00 33.24 ? 9    LYS P CD  1 
ATOM   8    C CE  . LYS A 1 1  ? 20.120  -8.286  6.396   1.00 35.65 ? 9    LYS P CE  1 
ATOM   9    N NZ  . LYS A 1 1  ? 19.897  -8.579  7.839   1.00 36.14 ? 9    LYS P NZ  1 
ATOM   10   N N   . SER A 1 2  ? 17.512  -4.780  1.015   1.00 20.65 ? 10   SER P N   1 
ATOM   11   C CA  . SER A 1 2  ? 16.377  -4.212  0.326   1.00 18.77 ? 10   SER P CA  1 
ATOM   12   C C   . SER A 1 2  ? 15.130  -4.238  1.220   1.00 18.46 ? 10   SER P C   1 
ATOM   13   O O   . SER A 1 2  ? 14.789  -5.263  1.834   1.00 18.57 ? 10   SER P O   1 
ATOM   14   C CB  . SER A 1 2  ? 16.096  -4.970  -0.969  1.00 18.63 ? 10   SER P CB  1 
ATOM   15   O OG  . SER A 1 2  ? 14.852  -4.579  -1.527  1.00 15.16 ? 10   SER P OG  1 
ATOM   16   N N   . LEU A 1 3  ? 14.448  -3.104  1.259   1.00 16.90 ? 11   LEU P N   1 
ATOM   17   C CA  . LEU A 1 3  ? 13.185  -2.981  1.960   1.00 15.78 ? 11   LEU P CA  1 
ATOM   18   C C   . LEU A 1 3  ? 11.983  -3.379  1.102   1.00 14.60 ? 11   LEU P C   1 
ATOM   19   O O   . LEU A 1 3  ? 10.860  -3.480  1.614   1.00 14.49 ? 11   LEU P O   1 
ATOM   20   C CB  . LEU A 1 3  ? 13.020  -1.524  2.409   1.00 15.59 ? 11   LEU P CB  1 
ATOM   21   C CG  . LEU A 1 3  ? 14.017  -1.057  3.470   1.00 17.72 ? 11   LEU P CG  1 
ATOM   22   C CD1 . LEU A 1 3  ? 13.791  0.411   3.760   1.00 17.91 ? 11   LEU P CD1 1 
ATOM   23   C CD2 . LEU A 1 3  ? 13.885  -1.870  4.754   1.00 18.94 ? 11   LEU P CD2 1 
ATOM   24   N N   . ARG A 1 4  ? 12.207  -3.568  -0.200  1.00 12.61 ? 12   ARG P N   1 
ATOM   25   C CA  . ARG A 1 4  ? 11.109  -3.783  -1.149  1.00 12.30 ? 12   ARG P CA  1 
ATOM   26   C C   . ARG A 1 4  ? 10.492  -5.172  -1.001  1.00 12.26 ? 12   ARG P C   1 
ATOM   27   O O   . ARG A 1 4  ? 11.200  -6.149  -0.821  1.00 12.32 ? 12   ARG P O   1 
ATOM   28   C CB  . ARG A 1 4  ? 11.565  -3.513  -2.602  1.00 11.49 ? 12   ARG P CB  1 
ATOM   29   C CG  . ARG A 1 4  ? 12.071  -2.064  -2.815  1.00 9.62  ? 12   ARG P CG  1 
ATOM   30   C CD  . ARG A 1 4  ? 12.605  -1.759  -4.220  1.00 11.19 ? 12   ARG P CD  1 
ATOM   31   N NE  . ARG A 1 4  ? 12.951  -0.332  -4.316  1.00 8.96  ? 12   ARG P NE  1 
ATOM   32   C CZ  . ARG A 1 4  ? 12.156  0.601   -4.841  1.00 8.37  ? 12   ARG P CZ  1 
ATOM   33   N NH1 . ARG A 1 4  ? 10.979  0.258   -5.370  1.00 7.55  ? 12   ARG P NH1 1 
ATOM   34   N NH2 . ARG A 1 4  ? 12.550  1.875   -4.868  1.00 6.30  ? 12   ARG P NH2 1 
ATOM   35   N N   . VAL A 1 5  ? 9.169   -5.245  -1.093  1.00 12.64 ? 13   VAL P N   1 
ATOM   36   C CA  . VAL A 1 5  ? 8.449   -6.532  -1.039  1.00 12.51 ? 13   VAL P CA  1 
ATOM   37   C C   . VAL A 1 5  ? 8.440   -7.166  -2.426  1.00 13.55 ? 13   VAL P C   1 
ATOM   38   O O   . VAL A 1 5  ? 8.105   -6.502  -3.405  1.00 13.52 ? 13   VAL P O   1 
ATOM   39   C CB  . VAL A 1 5  ? 6.997   -6.346  -0.546  1.00 12.36 ? 13   VAL P CB  1 
ATOM   40   C CG1 . VAL A 1 5  ? 6.183   -7.655  -0.657  1.00 11.55 ? 13   VAL P CG1 1 
ATOM   41   C CG2 . VAL A 1 5  ? 6.987   -5.833  0.902   1.00 11.67 ? 13   VAL P CG2 1 
ATOM   42   N N   . SER A 1 6  ? 8.802   -8.444  -2.507  1.00 13.71 ? 14   SER P N   1 
ATOM   43   C CA  . SER A 1 6  ? 8.804   -9.148  -3.796  1.00 15.05 ? 14   SER P CA  1 
ATOM   44   C C   . SER A 1 6  ? 7.397   -9.333  -4.354  1.00 14.19 ? 14   SER P C   1 
ATOM   45   O O   . SER A 1 6  ? 6.457   -9.583  -3.595  1.00 14.24 ? 14   SER P O   1 
ATOM   46   C CB  . SER A 1 6  ? 9.467   -10.515 -3.655  1.00 15.37 ? 14   SER P CB  1 
ATOM   47   O OG  . SER A 1 6  ? 9.879   -10.954 -4.935  1.00 20.50 ? 14   SER P OG  1 
ATOM   48   N N   . SER A 1 7  ? 7.261   -9.213  -5.678  1.00 13.52 ? 15   SER P N   1 
ATOM   49   C CA  . SER A 1 7  ? 5.965   -9.350  -6.384  1.00 13.50 ? 15   SER P CA  1 
ATOM   50   C C   . SER A 1 7  ? 4.984   -8.173  -6.229  1.00 12.33 ? 15   SER P C   1 
ATOM   51   O O   . SER A 1 7  ? 3.921   -8.185  -6.818  1.00 10.58 ? 15   SER P O   1 
ATOM   52   C CB  . SER A 1 7  ? 5.256   -10.669 -6.052  1.00 13.52 ? 15   SER P CB  1 
ATOM   53   O OG  . SER A 1 7  ? 5.928   -11.745 -6.675  1.00 17.68 ? 15   SER P OG  1 
ATOM   54   N N   . LEU A 1 8  ? 5.348   -7.169  -5.431  1.00 11.82 ? 16   LEU P N   1 
ATOM   55   C CA  . LEU A 1 8  ? 4.518   -5.993  -5.262  1.00 11.47 ? 16   LEU P CA  1 
ATOM   56   C C   . LEU A 1 8  ? 4.143   -5.336  -6.610  1.00 11.01 ? 16   LEU P C   1 
ATOM   57   O O   . LEU A 1 8  ? 2.983   -5.060  -6.853  1.00 9.80  ? 16   LEU P O   1 
ATOM   58   C CB  . LEU A 1 8  ? 5.198   -5.010  -4.291  1.00 11.53 ? 16   LEU P CB  1 
ATOM   59   C CG  . LEU A 1 8  ? 4.400   -3.785  -3.813  1.00 14.29 ? 16   LEU P CG  1 
ATOM   60   C CD1 . LEU A 1 8  ? 4.882   -3.326  -2.423  1.00 14.56 ? 16   LEU P CD1 1 
ATOM   61   C CD2 . LEU A 1 8  ? 4.474   -2.632  -4.799  1.00 11.19 ? 16   LEU P CD2 1 
ATOM   62   N N   . ASN A 1 9  ? 5.127   -5.070  -7.466  1.00 11.09 ? 17   ASN P N   1 
ATOM   63   C CA  . ASN A 1 9  ? 4.855   -4.463  -8.779  1.00 12.08 ? 17   ASN P CA  1 
ATOM   64   C C   . ASN A 1 9  ? 4.063   -5.382  -9.701  1.00 12.50 ? 17   ASN P C   1 
ATOM   65   O O   . ASN A 1 9  ? 3.086   -4.959  -10.295 1.00 12.08 ? 17   ASN P O   1 
ATOM   66   C CB  . ASN A 1 9  ? 6.149   -3.976  -9.444  1.00 12.02 ? 17   ASN P CB  1 
ATOM   67   C CG  . ASN A 1 9  ? 6.805   -2.864  -8.654  1.00 12.93 ? 17   ASN P CG  1 
ATOM   68   O OD1 . ASN A 1 9  ? 6.188   -1.831  -8.427  1.00 12.34 ? 17   ASN P OD1 1 
ATOM   69   N ND2 . ASN A 1 9  ? 8.046   -3.085  -8.192  1.00 11.93 ? 17   ASN P ND2 1 
ATOM   70   N N   . LYS A 1 10 ? 4.460   -6.653  -9.783  1.00 13.31 ? 18   LYS P N   1 
ATOM   71   C CA  . LYS A 1 10 ? 3.661   -7.668  -10.487 1.00 13.87 ? 18   LYS P CA  1 
ATOM   72   C C   . LYS A 1 10 ? 2.192   -7.645  -10.004 1.00 12.73 ? 18   LYS P C   1 
ATOM   73   O O   . LYS A 1 10 ? 1.263   -7.617  -10.819 1.00 12.31 ? 18   LYS P O   1 
ATOM   74   C CB  . LYS A 1 10 ? 4.281   -9.055  -10.244 1.00 14.39 ? 18   LYS P CB  1 
ATOM   75   C CG  . LYS A 1 10 ? 3.498   -10.229 -10.879 1.00 16.79 ? 18   LYS P CG  1 
ATOM   76   C CD  . LYS A 1 10 ? 4.103   -11.565 -10.399 1.00 18.38 ? 18   LYS P CD  1 
ATOM   77   C CE  . LYS A 1 10 ? 3.044   -12.469 -9.731  1.00 24.88 ? 18   LYS P CE  1 
ATOM   78   N NZ  . LYS A 1 10 ? 3.660   -13.501 -8.806  1.00 28.35 ? 18   LYS P NZ  1 
ATOM   79   N N   . ASP A 1 11 ? 1.983   -7.655  -8.682  1.00 11.76 ? 19   ASP P N   1 
ATOM   80   C CA  . ASP A 1 11 ? 0.610   -7.685  -8.112  1.00 11.03 ? 19   ASP P CA  1 
ATOM   81   C C   . ASP A 1 11 ? -0.214  -6.429  -8.474  1.00 10.38 ? 19   ASP P C   1 
ATOM   82   O O   . ASP A 1 11 ? -1.416  -6.515  -8.792  1.00 9.94  ? 19   ASP P O   1 
ATOM   83   C CB  . ASP A 1 11 ? 0.646   -7.925  -6.583  1.00 10.82 ? 19   ASP P CB  1 
ATOM   84   C CG  . ASP A 1 11 ? 1.159   -9.334  -6.214  1.00 11.21 ? 19   ASP P CG  1 
ATOM   85   O OD1 . ASP A 1 11 ? 1.194   -10.213 -7.094  1.00 11.01 ? 19   ASP P OD1 1 
ATOM   86   O OD2 . ASP A 1 11 ? 1.571   -9.555  -5.059  1.00 11.03 ? 19   ASP P OD2 1 
ATOM   87   N N   . ARG A 1 12 ? 0.441   -5.273  -8.451  1.00 9.60  ? 20   ARG P N   1 
ATOM   88   C CA  . ARG A 1 12 ? -0.193  -4.019  -8.869  1.00 10.59 ? 20   ARG P CA  1 
ATOM   89   C C   . ARG A 1 12 ? -0.657  -4.045  -10.317 1.00 9.94  ? 20   ARG P C   1 
ATOM   90   O O   . ARG A 1 12 ? -1.746  -3.540  -10.630 1.00 9.67  ? 20   ARG P O   1 
ATOM   91   C CB  . ARG A 1 12 ? 0.751   -2.826  -8.677  1.00 10.48 ? 20   ARG P CB  1 
ATOM   92   C CG  . ARG A 1 12 ? 0.914   -2.351  -7.237  1.00 11.29 ? 20   ARG P CG  1 
ATOM   93   C CD  . ARG A 1 12 ? 1.674   -1.016  -7.202  1.00 11.48 ? 20   ARG P CD  1 
ATOM   94   N NE  . ARG A 1 12 ? 0.891   0.081   -7.762  1.00 13.52 ? 20   ARG P NE  1 
ATOM   95   C CZ  . ARG A 1 12 ? 1.350   1.315   -7.952  1.00 13.86 ? 20   ARG P CZ  1 
ATOM   96   N NH1 . ARG A 1 12 ? 2.598   1.608   -7.619  1.00 12.08 ? 20   ARG P NH1 1 
ATOM   97   N NH2 . ARG A 1 12 ? 0.552   2.255   -8.461  1.00 13.43 ? 20   ARG P NH2 1 
ATOM   98   N N   . ARG A 1 13 ? 0.171   -4.615  -11.192 1.00 9.83  ? 21   ARG P N   1 
ATOM   99   C CA  . ARG A 1 13 ? -0.185  -4.752  -12.601 1.00 10.92 ? 21   ARG P CA  1 
ATOM   100  C C   . ARG A 1 13 ? -1.358  -5.706  -12.784 1.00 11.10 ? 21   ARG P C   1 
ATOM   101  O O   . ARG A 1 13 ? -2.186  -5.488  -13.649 1.00 11.19 ? 21   ARG P O   1 
ATOM   102  C CB  . ARG A 1 13 ? 1.026   -5.159  -13.474 1.00 10.59 ? 21   ARG P CB  1 
ATOM   103  C CG  . ARG A 1 13 ? 2.114   -4.065  -13.485 1.00 12.41 ? 21   ARG P CG  1 
ATOM   104  C CD  . ARG A 1 13 ? 3.220   -4.293  -14.512 1.00 13.01 ? 21   ARG P CD  1 
ATOM   105  N NE  . ARG A 1 13 ? 3.876   -5.599  -14.363 1.00 17.31 ? 21   ARG P NE  1 
ATOM   106  C CZ  . ARG A 1 13 ? 4.932   -5.854  -13.593 1.00 18.74 ? 21   ARG P CZ  1 
ATOM   107  N NH1 . ARG A 1 13 ? 5.489   -4.898  -12.836 1.00 18.88 ? 21   ARG P NH1 1 
ATOM   108  N NH2 . ARG A 1 13 ? 5.433   -7.087  -13.575 1.00 18.41 ? 21   ARG P NH2 1 
ATOM   109  N N   . LEU A 1 14 ? -1.425  -6.765  -11.975 1.00 11.95 ? 22   LEU P N   1 
ATOM   110  C CA  . LEU A 1 14 ? -2.561  -7.696  -12.035 1.00 12.85 ? 22   LEU P CA  1 
ATOM   111  C C   . LEU A 1 14 ? -3.855  -7.008  -11.588 1.00 12.98 ? 22   LEU P C   1 
ATOM   112  O O   . LEU A 1 14 ? -4.937  -7.310  -12.104 1.00 12.16 ? 22   LEU P O   1 
ATOM   113  C CB  . LEU A 1 14 ? -2.297  -8.942  -11.178 1.00 13.62 ? 22   LEU P CB  1 
ATOM   114  C CG  . LEU A 1 14 ? -1.246  -9.892  -11.764 1.00 15.25 ? 22   LEU P CG  1 
ATOM   115  C CD1 . LEU A 1 14 ? -0.719  -10.916 -10.724 1.00 17.03 ? 22   LEU P CD1 1 
ATOM   116  C CD2 . LEU A 1 14 ? -1.798  -10.586 -13.082 1.00 18.42 ? 22   LEU P CD2 1 
ATOM   117  N N   . LEU A 1 15 ? -3.730  -6.099  -10.617 1.00 12.73 ? 23   LEU P N   1 
ATOM   118  C CA  . LEU A 1 15 ? -4.852  -5.287  -10.156 1.00 13.88 ? 23   LEU P CA  1 
ATOM   119  C C   . LEU A 1 15 ? -5.367  -4.394  -11.293 1.00 13.64 ? 23   LEU P C   1 
ATOM   120  O O   . LEU A 1 15 ? -6.572  -4.332  -11.559 1.00 13.32 ? 23   LEU P O   1 
ATOM   121  C CB  . LEU A 1 15 ? -4.452  -4.415  -8.945  1.00 14.05 ? 23   LEU P CB  1 
ATOM   122  C CG  . LEU A 1 15 ? -5.587  -3.536  -8.381  1.00 14.93 ? 23   LEU P CG  1 
ATOM   123  C CD1 . LEU A 1 15 ? -6.751  -4.391  -7.861  1.00 14.85 ? 23   LEU P CD1 1 
ATOM   124  C CD2 . LEU A 1 15 ? -5.111  -2.559  -7.319  1.00 14.62 ? 23   LEU P CD2 1 
ATOM   125  N N   . LEU A 1 16 ? -4.443  -3.709  -11.960 1.00 13.72 ? 24   LEU P N   1 
ATOM   126  C CA  . LEU A 1 16 ? -4.806  -2.782  -13.026 1.00 14.48 ? 24   LEU P CA  1 
ATOM   127  C C   . LEU A 1 16 ? -5.426  -3.512  -14.241 1.00 16.36 ? 24   LEU P C   1 
ATOM   128  O O   . LEU A 1 16 ? -6.304  -2.970  -14.911 1.00 16.21 ? 24   LEU P O   1 
ATOM   129  C CB  . LEU A 1 16 ? -3.589  -1.946  -13.436 1.00 14.03 ? 24   LEU P CB  1 
ATOM   130  C CG  . LEU A 1 16 ? -3.080  -1.009  -12.326 1.00 13.40 ? 24   LEU P CG  1 
ATOM   131  C CD1 . LEU A 1 16 ? -1.656  -0.604  -12.617 1.00 16.12 ? 24   LEU P CD1 1 
ATOM   132  C CD2 . LEU A 1 16 ? -3.982  0.186   -12.153 1.00 12.06 ? 24   LEU P CD2 1 
ATOM   133  N N   . ARG A 1 17 ? -4.946  -4.727  -14.505 1.00 18.14 ? 25   ARG P N   1 
ATOM   134  C CA  . ARG A 1 17 ? -5.517  -5.619  -15.519 1.00 20.92 ? 25   ARG P CA  1 
ATOM   135  C C   . ARG A 1 17 ? -6.976  -5.966  -15.196 1.00 21.64 ? 25   ARG P C   1 
ATOM   136  O O   . ARG A 1 17 ? -7.865  -5.870  -16.054 1.00 20.75 ? 25   ARG P O   1 
ATOM   137  C CB  . ARG A 1 17 ? -4.697  -6.913  -15.574 1.00 21.64 ? 25   ARG P CB  1 
ATOM   138  C CG  . ARG A 1 17 ? -5.213  -7.934  -16.595 1.00 25.71 ? 25   ARG P CG  1 
ATOM   139  C CD  . ARG A 1 17 ? -4.163  -9.002  -16.877 1.00 33.28 ? 25   ARG P CD  1 
ATOM   140  N NE  . ARG A 1 17 ? -4.485  -10.316 -16.317 1.00 38.33 ? 25   ARG P NE  1 
ATOM   141  C CZ  . ARG A 1 17 ? -5.372  -11.161 -16.843 1.00 42.04 ? 25   ARG P CZ  1 
ATOM   142  N NH1 . ARG A 1 17 ? -6.065  -10.821 -17.927 1.00 44.32 ? 25   ARG P NH1 1 
ATOM   143  N NH2 . ARG A 1 17 ? -5.584  -12.345 -16.274 1.00 43.41 ? 25   ARG P NH2 1 
ATOM   144  N N   . GLU A 1 18 ? -7.190  -6.382  -13.953 1.00 23.25 ? 26   GLU P N   1 
ATOM   145  C CA  . GLU A 1 18 ? -8.507  -6.697  -13.418 1.00 25.99 ? 26   GLU P CA  1 
ATOM   146  C C   . GLU A 1 18 ? -9.388  -5.465  -13.550 1.00 27.01 ? 26   GLU P C   1 
ATOM   147  O O   . GLU A 1 18 ? -10.528 -5.547  -14.001 1.00 27.11 ? 26   GLU P O   1 
ATOM   148  C CB  . GLU A 1 18 ? -8.371  -7.194  -11.957 1.00 25.83 ? 26   GLU P CB  1 
ATOM   149  C CG  . GLU A 1 18 ? -9.675  -7.313  -11.116 1.00 29.75 ? 26   GLU P CG  1 
ATOM   150  C CD  . GLU A 1 18 ? -10.649 -8.396  -11.612 1.00 32.93 ? 26   GLU P CD  1 
ATOM   151  O OE1 . GLU A 1 18 ? -10.295 -9.180  -12.526 1.00 34.08 ? 26   GLU P OE1 1 
ATOM   152  O OE2 . GLU A 1 18 ? -11.784 -8.462  -11.078 1.00 35.97 ? 26   GLU P OE2 1 
ATOM   153  N N   . PHE A 1 19 ? -8.816  -4.310  -13.206 1.00 28.64 ? 27   PHE P N   1 
ATOM   154  C CA  . PHE A 1 19 ? -9.496  -3.025  -13.312 1.00 29.77 ? 27   PHE P CA  1 
ATOM   155  C C   . PHE A 1 19 ? -10.054 -2.812  -14.710 1.00 30.03 ? 27   PHE P C   1 
ATOM   156  O O   . PHE A 1 19 ? -11.147 -2.280  -14.843 1.00 30.20 ? 27   PHE P O   1 
ATOM   157  C CB  . PHE A 1 19 ? -8.550  -1.890  -12.880 1.00 30.34 ? 27   PHE P CB  1 
ATOM   158  C CG  . PHE A 1 19 ? -9.089  -0.497  -13.098 1.00 30.88 ? 27   PHE P CG  1 
ATOM   159  C CD1 . PHE A 1 19 ? -9.898  0.118   -12.138 1.00 31.93 ? 27   PHE P CD1 1 
ATOM   160  C CD2 . PHE A 1 19 ? -8.748  0.225   -14.246 1.00 32.30 ? 27   PHE P CD2 1 
ATOM   161  C CE1 . PHE A 1 19 ? -10.371 1.435   -12.331 1.00 31.20 ? 27   PHE P CE1 1 
ATOM   162  C CE2 . PHE A 1 19 ? -9.224  1.555   -14.448 1.00 32.34 ? 27   PHE P CE2 1 
ATOM   163  C CZ  . PHE A 1 19 ? -10.030 2.149   -13.479 1.00 30.94 ? 27   PHE P CZ  1 
ATOM   164  N N   . TYR A 1 20 ? -9.334  -3.254  -15.745 1.00 31.11 ? 28   TYR P N   1 
ATOM   165  C CA  . TYR A 1 20 ? -9.846  -3.147  -17.130 1.00 31.85 ? 28   TYR P CA  1 
ATOM   166  C C   . TYR A 1 20 ? -10.667 -4.322  -17.631 1.00 33.81 ? 28   TYR P C   1 
ATOM   167  O O   . TYR A 1 20 ? -11.197 -4.255  -18.730 1.00 34.69 ? 28   TYR P O   1 
ATOM   168  C CB  . TYR A 1 20 ? -8.760  -2.738  -18.157 1.00 30.81 ? 28   TYR P CB  1 
ATOM   169  C CG  . TYR A 1 20 ? -8.487  -1.254  -18.077 1.00 28.98 ? 28   TYR P CG  1 
ATOM   170  C CD1 . TYR A 1 20 ? -7.365  -0.775  -17.402 1.00 26.46 ? 28   TYR P CD1 1 
ATOM   171  C CD2 . TYR A 1 20 ? -9.394  -0.328  -18.608 1.00 27.11 ? 28   TYR P CD2 1 
ATOM   172  C CE1 . TYR A 1 20 ? -7.133  0.580   -17.288 1.00 27.46 ? 28   TYR P CE1 1 
ATOM   173  C CE2 . TYR A 1 20 ? -9.172  1.053   -18.488 1.00 27.38 ? 28   TYR P CE2 1 
ATOM   174  C CZ  . TYR A 1 20 ? -8.045  1.489   -17.825 1.00 26.92 ? 28   TYR P CZ  1 
ATOM   175  O OH  . TYR A 1 20 ? -7.808  2.825   -17.696 1.00 26.20 ? 28   TYR P OH  1 
ATOM   176  N N   . ASN A 1 21 ? -10.768 -5.395  -16.845 1.00 35.76 ? 29   ASN P N   1 
ATOM   177  C CA  . ASN A 1 21 ? -11.757 -6.453  -17.111 1.00 37.53 ? 29   ASN P CA  1 
ATOM   178  C C   . ASN A 1 21 ? -13.142 -6.024  -16.644 1.00 38.36 ? 29   ASN P C   1 
ATOM   179  O O   . ASN A 1 21 ? -14.157 -6.395  -17.249 1.00 38.70 ? 29   ASN P O   1 
ATOM   180  C CB  . ASN A 1 21 ? -11.364 -7.782  -16.452 1.00 37.47 ? 29   ASN P CB  1 
ATOM   181  C CG  . ASN A 1 21 ? -10.102 -8.371  -17.041 1.00 39.10 ? 29   ASN P CG  1 
ATOM   182  O OD1 . ASN A 1 21 ? -9.762  -8.113  -18.201 1.00 41.55 ? 29   ASN P OD1 1 
ATOM   183  N ND2 . ASN A 1 21 ? -9.391  -9.169  -16.247 1.00 41.30 ? 29   ASN P ND2 1 
ATOM   184  N N   . LEU A 1 22 ? -13.166 -5.220  -15.578 1.00 39.12 ? 30   LEU P N   1 
ATOM   185  C CA  . LEU A 1 22 ? -14.403 -4.757  -14.942 1.00 39.54 ? 30   LEU P CA  1 
ATOM   186  C C   . LEU A 1 22 ? -15.044 -3.602  -15.703 1.00 39.65 ? 30   LEU P C   1 
ATOM   187  O O   . LEU A 1 22 ? -14.413 -2.564  -15.906 1.00 40.10 ? 30   LEU P O   1 
ATOM   188  C CB  . LEU A 1 22 ? -14.127 -4.354  -13.491 1.00 39.56 ? 30   LEU P CB  1 
ATOM   189  C CG  . LEU A 1 22 ? -13.655 -5.466  -12.550 1.00 39.96 ? 30   LEU P CG  1 
ATOM   190  C CD1 . LEU A 1 22 ? -13.048 -4.882  -11.299 1.00 40.02 ? 30   LEU P CD1 1 
ATOM   191  C CD2 . LEU A 1 22 ? -14.793 -6.430  -12.196 1.00 40.77 ? 30   LEU P CD2 1 
ATOM   192  N N   . GLU B 2 5  ? -5.229  -13.251 -2.613  1.00 33.57 ? 5    GLU T N   1 
ATOM   193  C CA  . GLU B 2 5  ? -6.230  -14.159 -3.255  1.00 33.23 ? 5    GLU T CA  1 
ATOM   194  C C   . GLU B 2 5  ? -6.722  -13.587 -4.596  1.00 31.88 ? 5    GLU T C   1 
ATOM   195  O O   . GLU B 2 5  ? -6.190  -13.930 -5.672  1.00 32.65 ? 5    GLU T O   1 
ATOM   196  C CB  . GLU B 2 5  ? -7.414  -14.372 -2.310  1.00 33.88 ? 5    GLU T CB  1 
ATOM   197  C CG  . GLU B 2 5  ? -7.003  -14.479 -0.854  1.00 37.46 ? 5    GLU T CG  1 
ATOM   198  C CD  . GLU B 2 5  ? -7.985  -13.807 0.089   1.00 41.49 ? 5    GLU T CD  1 
ATOM   199  O OE1 . GLU B 2 5  ? -9.138  -13.538 -0.330  1.00 42.99 ? 5    GLU T OE1 1 
ATOM   200  O OE2 . GLU B 2 5  ? -7.595  -13.547 1.255   1.00 43.64 ? 5    GLU T OE2 1 
ATOM   201  N N   . ASP B 2 6  ? -7.758  -12.740 -4.535  1.00 29.49 ? 6    ASP T N   1 
ATOM   202  C CA  . ASP B 2 6  ? -8.115  -11.925 -5.682  1.00 26.21 ? 6    ASP T CA  1 
ATOM   203  C C   . ASP B 2 6  ? -7.050  -10.827 -5.802  1.00 23.38 ? 6    ASP T C   1 
ATOM   204  O O   . ASP B 2 6  ? -6.344  -10.548 -4.829  1.00 21.76 ? 6    ASP T O   1 
ATOM   205  C CB  . ASP B 2 6  ? -9.575  -11.404 -5.616  1.00 27.34 ? 6    ASP T CB  1 
ATOM   206  C CG  . ASP B 2 6  ? -9.848  -10.451 -4.457  1.00 29.00 ? 6    ASP T CG  1 
ATOM   207  O OD1 . ASP B 2 6  ? -10.895 -10.619 -3.782  1.00 33.27 ? 6    ASP T OD1 1 
ATOM   208  O OD2 . ASP B 2 6  ? -9.078  -9.507  -4.233  1.00 29.09 ? 6    ASP T OD2 1 
ATOM   209  N N   . PRO B 2 7  ? -6.897  -10.233 -6.997  1.00 20.79 ? 7    PRO T N   1 
ATOM   210  C CA  . PRO B 2 7  ? -5.849  -9.213  -7.160  1.00 18.62 ? 7    PRO T CA  1 
ATOM   211  C C   . PRO B 2 7  ? -5.909  -8.083  -6.109  1.00 16.53 ? 7    PRO T C   1 
ATOM   212  O O   . PRO B 2 7  ? -4.865  -7.565  -5.721  1.00 16.45 ? 7    PRO T O   1 
ATOM   213  C CB  . PRO B 2 7  ? -6.117  -8.648  -8.561  1.00 18.08 ? 7    PRO T CB  1 
ATOM   214  C CG  . PRO B 2 7  ? -6.851  -9.727  -9.282  1.00 20.32 ? 7    PRO T CG  1 
ATOM   215  C CD  . PRO B 2 7  ? -7.661  -10.458 -8.241  1.00 20.84 ? 7    PRO T CD  1 
ATOM   216  N N   . PHE B 2 8  ? -7.112  -7.708  -5.673  1.00 14.33 ? 8    PHE T N   1 
ATOM   217  C CA  . PHE B 2 8  ? -7.296  -6.609  -4.713  1.00 13.01 ? 8    PHE T CA  1 
ATOM   218  C C   . PHE B 2 8  ? -6.704  -7.031  -3.360  1.00 12.66 ? 8    PHE T C   1 
ATOM   219  O O   . PHE B 2 8  ? -5.912  -6.305  -2.744  1.00 11.14 ? 8    PHE T O   1 
ATOM   220  C CB  . PHE B 2 8  ? -8.795  -6.236  -4.585  1.00 12.58 ? 8    PHE T CB  1 
ATOM   221  C CG  . PHE B 2 8  ? -9.059  -5.036  -3.694  1.00 11.44 ? 8    PHE T CG  1 
ATOM   222  C CD1 . PHE B 2 8  ? -9.276  -3.781  -4.239  1.00 9.74  ? 8    PHE T CD1 1 
ATOM   223  C CD2 . PHE B 2 8  ? -9.104  -5.175  -2.304  1.00 12.69 ? 8    PHE T CD2 1 
ATOM   224  C CE1 . PHE B 2 8  ? -9.498  -2.666  -3.410  1.00 9.17  ? 8    PHE T CE1 1 
ATOM   225  C CE2 . PHE B 2 8  ? -9.333  -4.064  -1.471  1.00 10.67 ? 8    PHE T CE2 1 
ATOM   226  C CZ  . PHE B 2 8  ? -9.519  -2.820  -2.030  1.00 11.10 ? 8    PHE T CZ  1 
ATOM   227  N N   . GLN B 2 9  ? -7.078  -8.222  -2.907  1.00 12.13 ? 9    GLN T N   1 
ATOM   228  C CA  . GLN B 2 9  ? -6.587  -8.707  -1.618  1.00 12.62 ? 9    GLN T CA  1 
ATOM   229  C C   . GLN B 2 9  ? -5.067  -8.872  -1.599  1.00 11.89 ? 9    GLN T C   1 
ATOM   230  O O   . GLN B 2 9  ? -4.438  -8.610  -0.580  1.00 11.48 ? 9    GLN T O   1 
ATOM   231  C CB  . GLN B 2 9  ? -7.288  -10.016 -1.195  1.00 12.81 ? 9    GLN T CB  1 
ATOM   232  C CG  . GLN B 2 9  ? -8.732  -9.836  -0.751  1.00 15.68 ? 9    GLN T CG  1 
ATOM   233  C CD  . GLN B 2 9  ? -8.914  -8.721  0.273   1.00 19.09 ? 9    GLN T CD  1 
ATOM   234  O OE1 . GLN B 2 9  ? -9.741  -7.820  0.075   1.00 19.31 ? 9    GLN T OE1 1 
ATOM   235  N NE2 . GLN B 2 9  ? -8.132  -8.765  1.362   1.00 16.84 ? 9    GLN T NE2 1 
ATOM   236  N N   . GLN B 2 10 ? -4.489  -9.325  -2.714  1.00 11.03 ? 10   GLN T N   1 
ATOM   237  C CA  . GLN B 2 10 ? -3.031  -9.468  -2.808  1.00 10.97 ? 10   GLN T CA  1 
ATOM   238  C C   . GLN B 2 10 ? -2.286  -8.151  -2.636  1.00 9.65  ? 10   GLN T C   1 
ATOM   239  O O   . GLN B 2 10 ? -1.323  -8.074  -1.868  1.00 8.19  ? 10   GLN T O   1 
ATOM   240  C CB  . GLN B 2 10 ? -2.627  -10.139 -4.129  1.00 11.76 ? 10   GLN T CB  1 
ATOM   241  C CG  . GLN B 2 10 ? -1.164  -10.567 -4.142  1.00 15.36 ? 10   GLN T CG  1 
ATOM   242  C CD  . GLN B 2 10 ? -0.798  -11.562 -3.035  1.00 20.99 ? 10   GLN T CD  1 
ATOM   243  O OE1 . GLN B 2 10 ? -1.338  -12.675 -2.980  1.00 21.16 ? 10   GLN T OE1 1 
ATOM   244  N NE2 . GLN B 2 10 ? 0.135   -11.161 -2.149  1.00 19.76 ? 10   GLN T NE2 1 
ATOM   245  N N   . VAL B 2 11 ? -2.743  -7.122  -3.350  1.00 9.33  ? 11   VAL T N   1 
ATOM   246  C CA  . VAL B 2 11 ? -2.178  -5.762  -3.228  1.00 8.92  ? 11   VAL T CA  1 
ATOM   247  C C   . VAL B 2 11 ? -2.331  -5.206  -1.802  1.00 9.17  ? 11   VAL T C   1 
ATOM   248  O O   . VAL B 2 11 ? -1.384  -4.609  -1.272  1.00 9.23  ? 11   VAL T O   1 
ATOM   249  C CB  . VAL B 2 11 ? -2.751  -4.789  -4.294  1.00 8.40  ? 11   VAL T CB  1 
ATOM   250  C CG1 . VAL B 2 11 ? -2.281  -3.348  -4.047  1.00 8.54  ? 11   VAL T CG1 1 
ATOM   251  C CG2 . VAL B 2 11 ? -2.335  -5.225  -5.713  1.00 9.53  ? 11   VAL T CG2 1 
ATOM   252  N N   . VAL B 2 12 ? -3.498  -5.419  -1.181  1.00 9.33  ? 12   VAL T N   1 
ATOM   253  C CA  . VAL B 2 12 ? -3.726  -5.017  0.214   1.00 9.19  ? 12   VAL T CA  1 
ATOM   254  C C   . VAL B 2 12 ? -2.638  -5.620  1.097   1.00 10.21 ? 12   VAL T C   1 
ATOM   255  O O   . VAL B 2 12 ? -1.945  -4.907  1.847   1.00 9.76  ? 12   VAL T O   1 
ATOM   256  C CB  . VAL B 2 12 ? -5.167  -5.386  0.719   1.00 9.20  ? 12   VAL T CB  1 
ATOM   257  C CG1 . VAL B 2 12 ? -5.261  -5.345  2.281   1.00 8.64  ? 12   VAL T CG1 1 
ATOM   258  C CG2 . VAL B 2 12 ? -6.226  -4.469  0.092   1.00 7.28  ? 12   VAL T CG2 1 
ATOM   259  N N   . LYS B 2 13 ? -2.455  -6.927  0.957   1.00 11.08 ? 13   LYS T N   1 
ATOM   260  C CA  . LYS B 2 13 ? -1.484  -7.678  1.751   1.00 12.19 ? 13   LYS T CA  1 
ATOM   261  C C   . LYS B 2 13 ? -0.034  -7.212  1.498   1.00 11.15 ? 13   LYS T C   1 
ATOM   262  O O   . LYS B 2 13 ? 0.724   -6.988  2.450   1.00 10.78 ? 13   LYS T O   1 
ATOM   263  C CB  . LYS B 2 13 ? -1.662  -9.173  1.446   1.00 13.53 ? 13   LYS T CB  1 
ATOM   264  C CG  . LYS B 2 13 ? -0.558  -10.087 1.943   1.00 17.41 ? 13   LYS T CG  1 
ATOM   265  C CD  . LYS B 2 13 ? -0.875  -11.508 1.519   1.00 23.97 ? 13   LYS T CD  1 
ATOM   266  C CE  . LYS B 2 13 ? 0.052   -12.525 2.196   1.00 28.37 ? 13   LYS T CE  1 
ATOM   267  N NZ  . LYS B 2 13 ? -0.404  -13.906 1.813   1.00 32.21 ? 13   LYS T NZ  1 
ATOM   268  N N   . ASP B 2 14 ? 0.329   -7.057  0.222   1.00 9.95  ? 14   ASP T N   1 
ATOM   269  C CA  . ASP B 2 14 ? 1.636   -6.501  -0.168  1.00 9.18  ? 14   ASP T CA  1 
ATOM   270  C C   . ASP B 2 14 ? 1.898   -5.119  0.433   1.00 8.39  ? 14   ASP T C   1 
ATOM   271  O O   . ASP B 2 14 ? 3.006   -4.831  0.852   1.00 8.86  ? 14   ASP T O   1 
ATOM   272  C CB  . ASP B 2 14 ? 1.721   -6.337  -1.682  1.00 8.56  ? 14   ASP T CB  1 
ATOM   273  C CG  . ASP B 2 14 ? 1.749   -7.654  -2.439  1.00 10.10 ? 14   ASP T CG  1 
ATOM   274  O OD1 . ASP B 2 14 ? 1.976   -8.729  -1.861  1.00 9.24  ? 14   ASP T OD1 1 
ATOM   275  O OD2 . ASP B 2 14 ? 1.539   -7.588  -3.661  1.00 8.41  ? 14   ASP T OD2 1 
ATOM   276  N N   . THR B 2 15 ? 0.882   -4.266  0.433   1.00 7.96  ? 15   THR T N   1 
ATOM   277  C CA  . THR B 2 15 ? 0.987   -2.886  0.913   1.00 8.26  ? 15   THR T CA  1 
ATOM   278  C C   . THR B 2 15 ? 1.202   -2.824  2.426   1.00 8.17  ? 15   THR T C   1 
ATOM   279  O O   . THR B 2 15 ? 2.069   -2.115  2.909   1.00 9.52  ? 15   THR T O   1 
ATOM   280  C CB  . THR B 2 15 ? -0.254  -2.050  0.475   1.00 8.02  ? 15   THR T CB  1 
ATOM   281  O OG1 . THR B 2 15 ? -0.409  -2.151  -0.947  1.00 8.35  ? 15   THR T OG1 1 
ATOM   282  C CG2 . THR B 2 15 ? -0.102  -0.573  0.843   1.00 7.17  ? 15   THR T CG2 1 
ATOM   283  N N   . LYS B 2 16 ? 0.424   -3.581  3.177   1.00 8.97  ? 16   LYS T N   1 
ATOM   284  C CA  . LYS B 2 16 ? 0.614   -3.651  4.615   1.00 8.80  ? 16   LYS T CA  1 
ATOM   285  C C   . LYS B 2 16 ? 1.981   -4.212  4.960   1.00 8.65  ? 16   LYS T C   1 
ATOM   286  O O   . LYS B 2 16 ? 2.657   -3.686  5.840   1.00 8.40  ? 16   LYS T O   1 
ATOM   287  C CB  . LYS B 2 16 ? -0.528  -4.453  5.261   1.00 9.20  ? 16   LYS T CB  1 
ATOM   288  C CG  . LYS B 2 16 ? -1.890  -3.723  5.213   1.00 8.34  ? 16   LYS T CG  1 
ATOM   289  C CD  . LYS B 2 16 ? -2.928  -4.343  6.222   1.00 10.72 ? 16   LYS T CD  1 
ATOM   290  C CE  . LYS B 2 16 ? -2.481  -4.131  7.715   1.00 7.20  ? 16   LYS T CE  1 
ATOM   291  N NZ  . LYS B 2 16 ? -2.431  -2.673  8.020   1.00 8.38  ? 16   LYS T NZ  1 
ATOM   292  N N   . GLU B 2 17 ? 2.379   -5.276  4.268   1.00 8.79  ? 17   GLU T N   1 
ATOM   293  C CA  A GLU B 2 17 ? 3.709   -5.859  4.425   0.50 9.59  ? 17   GLU T CA  1 
ATOM   294  C CA  B GLU B 2 17 ? 3.716   -5.855  4.440   0.50 9.51  ? 17   GLU T CA  1 
ATOM   295  C C   . GLU B 2 17 ? 4.811   -4.831  4.115   1.00 8.77  ? 17   GLU T C   1 
ATOM   296  O O   . GLU B 2 17 ? 5.775   -4.705  4.850   1.00 8.83  ? 17   GLU T O   1 
ATOM   297  C CB  A GLU B 2 17 ? 3.849   -7.096  3.525   0.50 9.30  ? 17   GLU T CB  1 
ATOM   298  C CB  B GLU B 2 17 ? 3.895   -7.129  3.586   0.50 9.56  ? 17   GLU T CB  1 
ATOM   299  C CG  A GLU B 2 17 ? 5.173   -7.831  3.662   0.50 10.54 ? 17   GLU T CG  1 
ATOM   300  C CG  B GLU B 2 17 ? 5.317   -7.737  3.626   0.50 11.60 ? 17   GLU T CG  1 
ATOM   301  C CD  A GLU B 2 17 ? 5.189   -9.162  2.929   0.50 10.89 ? 17   GLU T CD  1 
ATOM   302  C CD  B GLU B 2 17 ? 5.650   -8.434  4.943   0.50 14.21 ? 17   GLU T CD  1 
ATOM   303  O OE1 A GLU B 2 17 ? 4.126   -9.609  2.445   0.50 13.67 ? 17   GLU T OE1 1 
ATOM   304  O OE1 B GLU B 2 17 ? 4.715   -8.759  5.701   0.50 17.83 ? 17   GLU T OE1 1 
ATOM   305  O OE2 A GLU B 2 17 ? 6.274   -9.767  2.844   0.50 14.19 ? 17   GLU T OE2 1 
ATOM   306  O OE2 B GLU B 2 17 ? 6.853   -8.662  5.225   0.50 16.34 ? 17   GLU T OE2 1 
ATOM   307  N N   . GLN B 2 18 ? 4.654   -4.111  3.010   1.00 8.85  ? 18   GLN T N   1 
ATOM   308  C CA  . GLN B 2 18 ? 5.647   -3.108  2.595   1.00 7.82  ? 18   GLN T CA  1 
ATOM   309  C C   . GLN B 2 18 ? 5.773   -1.974  3.625   1.00 8.08  ? 18   GLN T C   1 
ATOM   310  O O   . GLN B 2 18 ? 6.867   -1.559  3.988   1.00 7.89  ? 18   GLN T O   1 
ATOM   311  C CB  . GLN B 2 18 ? 5.261   -2.528  1.232   1.00 7.97  ? 18   GLN T CB  1 
ATOM   312  C CG  . GLN B 2 18 ? 6.227   -1.473  0.718   1.00 6.87  ? 18   GLN T CG  1 
ATOM   313  C CD  . GLN B 2 18 ? 7.596   -2.071  0.490   1.00 6.14  ? 18   GLN T CD  1 
ATOM   314  O OE1 . GLN B 2 18 ? 7.874   -2.609  -0.580  1.00 8.55  ? 18   GLN T OE1 1 
ATOM   315  N NE2 . GLN B 2 18 ? 8.461   -1.987  1.503   1.00 6.95  ? 18   GLN T NE2 1 
ATOM   316  N N   . LEU B 2 19 ? 4.638   -1.495  4.111   1.00 7.82  ? 19   LEU T N   1 
ATOM   317  C CA  . LEU B 2 19 ? 4.648   -0.496  5.163   1.00 7.68  ? 19   LEU T CA  1 
ATOM   318  C C   . LEU B 2 19 ? 5.248   -1.041  6.448   1.00 7.53  ? 19   LEU T C   1 
ATOM   319  O O   . LEU B 2 19 ? 6.065   -0.385  7.060   1.00 8.05  ? 19   LEU T O   1 
ATOM   320  C CB  . LEU B 2 19 ? 3.237   0.054   5.388   1.00 7.56  ? 19   LEU T CB  1 
ATOM   321  C CG  . LEU B 2 19 ? 2.671   0.909   4.239   1.00 7.17  ? 19   LEU T CG  1 
ATOM   322  C CD1 . LEU B 2 19 ? 1.243   1.291   4.528   1.00 5.66  ? 19   LEU T CD1 1 
ATOM   323  C CD2 . LEU B 2 19 ? 3.510   2.165   3.982   1.00 7.65  ? 19   LEU T CD2 1 
ATOM   324  N N   . ASN B 2 20 ? 4.866   -2.252  6.832   1.00 8.29  ? 20   ASN T N   1 
ATOM   325  C CA  . ASN B 2 20 ? 5.413   -2.870  8.010   1.00 9.22  ? 20   ASN T CA  1 
ATOM   326  C C   . ASN B 2 20 ? 6.937   -3.026  7.945   1.00 9.53  ? 20   ASN T C   1 
ATOM   327  O O   . ASN B 2 20 ? 7.632   -2.791  8.938   1.00 9.43  ? 20   ASN T O   1 
ATOM   328  C CB  . ASN B 2 20 ? 4.739   -4.216  8.268   1.00 9.89  ? 20   ASN T CB  1 
ATOM   329  C CG  . ASN B 2 20 ? 5.313   -4.923  9.479   1.00 12.22 ? 20   ASN T CG  1 
ATOM   330  O OD1 . ASN B 2 20 ? 6.115   -5.831  9.337   1.00 14.46 ? 20   ASN T OD1 1 
ATOM   331  N ND2 . ASN B 2 20 ? 4.922   -4.487  10.677  1.00 12.32 ? 20   ASN T ND2 1 
ATOM   332  N N   . ARG B 2 21 ? 7.449   -3.428  6.788   1.00 9.08  ? 21   ARG T N   1 
ATOM   333  C CA  . ARG B 2 21 ? 8.907   -3.561  6.589   1.00 10.36 ? 21   ARG T CA  1 
ATOM   334  C C   . ARG B 2 21 ? 9.680   -2.237  6.809   1.00 9.72  ? 21   ARG T C   1 
ATOM   335  O O   . ARG B 2 21 ? 10.702  -2.208  7.496   1.00 9.35  ? 21   ARG T O   1 
ATOM   336  C CB  . ARG B 2 21 ? 9.175   -4.114  5.190   1.00 10.80 ? 21   ARG T CB  1 
ATOM   337  C CG  . ARG B 2 21 ? 10.432  -4.951  5.082   1.00 17.10 ? 21   ARG T CG  1 
ATOM   338  C CD  . ARG B 2 21 ? 10.479  -5.748  3.793   1.00 19.90 ? 21   ARG T CD  1 
ATOM   339  N NE  . ARG B 2 21 ? 9.662   -6.958  3.864   1.00 23.87 ? 21   ARG T NE  1 
ATOM   340  C CZ  . ARG B 2 21 ? 9.626   -7.889  2.913   1.00 24.32 ? 21   ARG T CZ  1 
ATOM   341  N NH1 . ARG B 2 21 ? 10.370  -7.760  1.821   1.00 23.38 ? 21   ARG T NH1 1 
ATOM   342  N NH2 . ARG B 2 21 ? 8.847   -8.953  3.056   1.00 26.33 ? 21   ARG T NH2 1 
ATOM   343  N N   . ILE B 2 22 ? 9.185   -1.137  6.250   1.00 8.53  ? 22   ILE T N   1 
ATOM   344  C CA  . ILE B 2 22 ? 9.788   0.166   6.530   1.00 8.57  ? 22   ILE T CA  1 
ATOM   345  C C   . ILE B 2 22 ? 9.671   0.572   8.004   1.00 9.08  ? 22   ILE T C   1 
ATOM   346  O O   . ILE B 2 22 ? 10.597  1.175   8.571   1.00 9.52  ? 22   ILE T O   1 
ATOM   347  C CB  . ILE B 2 22 ? 9.191   1.255   5.644   1.00 8.64  ? 22   ILE T CB  1 
ATOM   348  C CG1 . ILE B 2 22 ? 9.397   0.900   4.156   1.00 9.13  ? 22   ILE T CG1 1 
ATOM   349  C CG2 . ILE B 2 22 ? 9.818   2.620   5.984   1.00 9.02  ? 22   ILE T CG2 1 
ATOM   350  C CD1 . ILE B 2 22 ? 8.550   1.721   3.160   1.00 7.93  ? 22   ILE T CD1 1 
ATOM   351  N N   . ASN B 2 23 ? 8.526   0.267   8.607   1.00 9.43  ? 23   ASN T N   1 
ATOM   352  C CA  . ASN B 2 23 ? 8.290   0.560   10.003  1.00 10.30 ? 23   ASN T CA  1 
ATOM   353  C C   . ASN B 2 23 ? 9.304   -0.135  10.919  1.00 10.79 ? 23   ASN T C   1 
ATOM   354  O O   . ASN B 2 23 ? 9.884   0.510   11.789  1.00 10.75 ? 23   ASN T O   1 
ATOM   355  C CB  . ASN B 2 23 ? 6.847   0.205   10.405  1.00 10.03 ? 23   ASN T CB  1 
ATOM   356  C CG  . ASN B 2 23 ? 6.421   0.924   11.656  1.00 9.98  ? 23   ASN T CG  1 
ATOM   357  O OD1 . ASN B 2 23 ? 6.612   2.134   11.766  1.00 8.93  ? 23   ASN T OD1 1 
ATOM   358  N ND2 . ASN B 2 23 ? 5.863   0.180   12.624  1.00 7.54  ? 23   ASN T ND2 1 
ATOM   359  N N   . ASN B 2 24 ? 9.534   -1.424  10.687  1.00 11.54 ? 24   ASN T N   1 
ATOM   360  C CA  . ASN B 2 24 ? 10.557  -2.191  11.408  1.00 12.93 ? 24   ASN T CA  1 
ATOM   361  C C   . ASN B 2 24 ? 11.961  -1.582  11.217  1.00 13.35 ? 24   ASN T C   1 
ATOM   362  O O   . ASN B 2 24 ? 12.768  -1.495  12.160  1.00 12.94 ? 24   ASN T O   1 
ATOM   363  C CB  . ASN B 2 24 ? 10.527  -3.668  10.952  1.00 13.74 ? 24   ASN T CB  1 
ATOM   364  C CG  . ASN B 2 24 ? 9.204   -4.399  11.343  1.00 17.05 ? 24   ASN T CG  1 
ATOM   365  O OD1 . ASN B 2 24 ? 8.486   -3.972  12.247  1.00 23.94 ? 24   ASN T OD1 1 
ATOM   366  N ND2 . ASN B 2 24 ? 8.888   -5.492  10.642  1.00 17.66 ? 24   ASN T ND2 1 
ATOM   367  N N   . TYR B 2 25 ? 12.244  -1.160  9.986   1.00 13.96 ? 25   TYR T N   1 
ATOM   368  C CA  . TYR B 2 25 ? 13.513  -0.529  9.658   1.00 15.09 ? 25   TYR T CA  1 
ATOM   369  C C   . TYR B 2 25 ? 13.709  0.762   10.448  1.00 15.69 ? 25   TYR T C   1 
ATOM   370  O O   . TYR B 2 25 ? 14.779  1.003   10.993  1.00 14.82 ? 25   TYR T O   1 
ATOM   371  C CB  . TYR B 2 25 ? 13.629  -0.265  8.154   1.00 15.21 ? 25   TYR T CB  1 
ATOM   372  C CG  . TYR B 2 25 ? 14.899  0.474   7.789   1.00 16.76 ? 25   TYR T CG  1 
ATOM   373  C CD1 . TYR B 2 25 ? 16.081  -0.228  7.462   1.00 17.68 ? 25   TYR T CD1 1 
ATOM   374  C CD2 . TYR B 2 25 ? 14.933  1.876   7.791   1.00 17.35 ? 25   TYR T CD2 1 
ATOM   375  C CE1 . TYR B 2 25 ? 17.263  0.465   7.136   1.00 18.93 ? 25   TYR T CE1 1 
ATOM   376  C CE2 . TYR B 2 25 ? 16.101  2.571   7.473   1.00 18.31 ? 25   TYR T CE2 1 
ATOM   377  C CZ  . TYR B 2 25 ? 17.253  1.862   7.158   1.00 17.96 ? 25   TYR T CZ  1 
ATOM   378  O OH  . TYR B 2 25 ? 18.376  2.575   6.850   1.00 20.90 ? 25   TYR T OH  1 
ATOM   379  N N   . ILE B 2 26 ? 12.670  1.587   10.501  1.00 16.70 ? 26   ILE T N   1 
ATOM   380  C CA  . ILE B 2 26 ? 12.725  2.876   11.190  1.00 18.64 ? 26   ILE T CA  1 
ATOM   381  C C   . ILE B 2 26 ? 12.996  2.689   12.679  1.00 19.68 ? 26   ILE T C   1 
ATOM   382  O O   . ILE B 2 26 ? 13.786  3.422   13.250  1.00 20.19 ? 26   ILE T O   1 
ATOM   383  C CB  . ILE B 2 26 ? 11.429  3.738   10.949  1.00 18.21 ? 26   ILE T CB  1 
ATOM   384  C CG1 . ILE B 2 26 ? 11.439  4.315   9.534   1.00 17.94 ? 26   ILE T CG1 1 
ATOM   385  C CG2 . ILE B 2 26 ? 11.335  4.898   11.936  1.00 17.88 ? 26   ILE T CG2 1 
ATOM   386  C CD1 . ILE B 2 26 ? 10.132  4.975   9.142   1.00 19.16 ? 26   ILE T CD1 1 
ATOM   387  N N   . THR B 2 27 ? 12.352  1.704   13.290  1.00 21.20 ? 27   THR T N   1 
ATOM   388  C CA  . THR B 2 27 ? 12.597  1.368   14.689  1.00 23.93 ? 27   THR T CA  1 
ATOM   389  C C   . THR B 2 27 ? 14.103  1.139   14.920  1.00 25.69 ? 27   THR T C   1 
ATOM   390  O O   . THR B 2 27 ? 14.677  1.667   15.874  1.00 26.10 ? 27   THR T O   1 
ATOM   391  C CB  . THR B 2 27 ? 11.765  0.128   15.119  1.00 23.78 ? 27   THR T CB  1 
ATOM   392  O OG1 . THR B 2 27 ? 10.367  0.449   15.051  1.00 23.95 ? 27   THR T OG1 1 
ATOM   393  C CG2 . THR B 2 27 ? 12.091  -0.311  16.537  1.00 23.59 ? 27   THR T CG2 1 
ATOM   394  N N   . ARG B 2 28 ? 14.742  0.392   14.022  1.00 27.38 ? 28   ARG T N   1 
ATOM   395  C CA  . ARG B 2 28 ? 16.156  0.067   14.163  1.00 29.65 ? 28   ARG T CA  1 
ATOM   396  C C   . ARG B 2 28 ? 17.113  1.176   13.731  1.00 30.91 ? 28   ARG T C   1 
ATOM   397  O O   . ARG B 2 28 ? 18.263  1.161   14.129  1.00 31.70 ? 28   ARG T O   1 
ATOM   398  C CB  . ARG B 2 28 ? 16.486  -1.221  13.421  1.00 29.73 ? 28   ARG T CB  1 
ATOM   399  C CG  . ARG B 2 28 ? 15.965  -2.478  14.089  1.00 31.33 ? 28   ARG T CG  1 
ATOM   400  C CD  . ARG B 2 28 ? 16.336  -3.696  13.284  1.00 33.75 ? 28   ARG T CD  1 
ATOM   401  N NE  . ARG B 2 28 ? 15.636  -3.764  11.998  1.00 37.00 ? 28   ARG T NE  1 
ATOM   402  C CZ  . ARG B 2 28 ? 16.195  -3.536  10.806  1.00 37.68 ? 28   ARG T CZ  1 
ATOM   403  N NH1 . ARG B 2 28 ? 17.479  -3.210  10.721  1.00 38.05 ? 28   ARG T NH1 1 
ATOM   404  N NH2 . ARG B 2 28 ? 15.463  -3.639  9.695   1.00 36.65 ? 28   ARG T NH2 1 
ATOM   405  N N   . HIS B 2 29 ? 16.653  2.129   12.923  1.00 32.78 ? 29   HIS T N   1 
ATOM   406  C CA  . HIS B 2 29 ? 17.494  3.258   12.494  1.00 34.46 ? 29   HIS T CA  1 
ATOM   407  C C   . HIS B 2 29 ? 16.730  4.587   12.664  1.00 36.38 ? 29   HIS T C   1 
ATOM   408  O O   . HIS B 2 29 ? 16.438  5.279   11.673  1.00 36.29 ? 29   HIS T O   1 
ATOM   409  C CB  . HIS B 2 29 ? 17.934  3.103   11.028  1.00 34.25 ? 29   HIS T CB  1 
ATOM   410  C CG  . HIS B 2 29 ? 18.406  1.729   10.660  1.00 33.11 ? 29   HIS T CG  1 
ATOM   411  N ND1 . HIS B 2 29 ? 19.736  1.432   10.448  1.00 33.94 ? 29   HIS T ND1 1 
ATOM   412  C CD2 . HIS B 2 29 ? 17.726  0.581   10.434  1.00 31.80 ? 29   HIS T CD2 1 
ATOM   413  C CE1 . HIS B 2 29 ? 19.857  0.158   10.120  1.00 32.62 ? 29   HIS T CE1 1 
ATOM   414  N NE2 . HIS B 2 29 ? 18.651  -0.382  10.104  1.00 33.02 ? 29   HIS T NE2 1 
ATOM   415  N N   . ASN B 2 30 ? 16.417  4.933   13.919  1.00 38.42 ? 30   ASN T N   1 
ATOM   416  C CA  . ASN B 2 30 ? 15.533  6.073   14.256  1.00 40.28 ? 30   ASN T CA  1 
ATOM   417  C C   . ASN B 2 30 ? 16.271  7.431   14.343  1.00 41.01 ? 30   ASN T C   1 
ATOM   418  O O   . ASN B 2 30 ? 15.801  8.380   14.990  1.00 41.50 ? 30   ASN T O   1 
ATOM   419  C CB  . ASN B 2 30 ? 14.773  5.776   15.569  1.00 40.72 ? 30   ASN T CB  1 
ATOM   420  C CG  . ASN B 2 30 ? 13.253  6.047   15.477  1.00 42.65 ? 30   ASN T CG  1 
ATOM   421  O OD1 . ASN B 2 30 ? 12.796  6.991   14.823  1.00 44.13 ? 30   ASN T OD1 1 
ATOM   422  N ND2 . ASN B 2 30 ? 12.470  5.215   16.166  1.00 44.37 ? 30   ASN T ND2 1 
ATOM   423  N N   . THR B 2 31 ? 17.436  7.507   13.700  1.00 41.74 ? 31   THR T N   1 
ATOM   424  C CA  . THR B 2 31 ? 18.221  8.744   13.630  1.00 42.40 ? 31   THR T CA  1 
ATOM   425  C C   . THR B 2 31 ? 18.279  9.203   12.169  1.00 42.70 ? 31   THR T C   1 
ATOM   426  O O   . THR B 2 31 ? 18.247  8.373   11.255  1.00 42.74 ? 31   THR T O   1 
ATOM   427  C CB  . THR B 2 31 ? 19.665  8.581   14.236  1.00 42.38 ? 31   THR T CB  1 
ATOM   428  O OG1 . THR B 2 31 ? 20.529  7.916   13.306  1.00 42.46 ? 31   THR T OG1 1 
ATOM   429  C CG2 . THR B 2 31 ? 19.641  7.803   15.556  1.00 42.73 ? 31   THR T CG2 1 
ATOM   430  N N   . ALA B 2 32 ? 18.359  10.514  11.945  1.00 42.99 ? 32   ALA T N   1 
ATOM   431  C CA  . ALA B 2 32 ? 18.238  11.057  10.585  1.00 43.48 ? 32   ALA T CA  1 
ATOM   432  C C   . ALA B 2 32 ? 19.517  10.958  9.741   1.00 43.65 ? 32   ALA T C   1 
ATOM   433  O O   . ALA B 2 32 ? 20.552  11.533  10.081  1.00 43.82 ? 32   ALA T O   1 
ATOM   434  C CB  . ALA B 2 32 ? 17.720  12.487  10.624  1.00 43.48 ? 32   ALA T CB  1 
ATOM   435  N N   . ASP B 2 35 ? 21.402  8.649   6.375   1.00 37.18 ? 35   ASP T N   1 
ATOM   436  C CA  . ASP B 2 35 ? 20.800  7.318   6.360   1.00 36.64 ? 35   ASP T CA  1 
ATOM   437  C C   . ASP B 2 35 ? 20.772  6.721   4.952   1.00 35.78 ? 35   ASP T C   1 
ATOM   438  O O   . ASP B 2 35 ? 20.357  7.373   3.986   1.00 35.88 ? 35   ASP T O   1 
ATOM   439  C CB  . ASP B 2 35 ? 19.383  7.355   6.942   1.00 37.41 ? 35   ASP T CB  1 
ATOM   440  C CG  . ASP B 2 35 ? 18.891  5.979   7.367   1.00 38.80 ? 35   ASP T CG  1 
ATOM   441  O OD1 . ASP B 2 35 ? 18.473  5.176   6.490   1.00 39.14 ? 35   ASP T OD1 1 
ATOM   442  O OD2 . ASP B 2 35 ? 18.928  5.708   8.590   1.00 40.10 ? 35   ASP T OD2 1 
ATOM   443  N N   . ASP B 2 36 ? 21.209  5.466   4.864   1.00 34.87 ? 36   ASP T N   1 
ATOM   444  C CA  . ASP B 2 36 ? 21.358  4.726   3.610   1.00 33.81 ? 36   ASP T CA  1 
ATOM   445  C C   . ASP B 2 36 ? 20.075  4.569   2.802   1.00 32.19 ? 36   ASP T C   1 
ATOM   446  O O   . ASP B 2 36 ? 20.112  4.593   1.571   1.00 32.39 ? 36   ASP T O   1 
ATOM   447  C CB  . ASP B 2 36 ? 21.938  3.333   3.893   1.00 34.76 ? 36   ASP T CB  1 
ATOM   448  C CG  . ASP B 2 36 ? 23.458  3.341   4.036   1.00 37.18 ? 36   ASP T CG  1 
ATOM   449  O OD1 . ASP B 2 36 ? 24.092  4.400   3.793   1.00 39.69 ? 36   ASP T OD1 1 
ATOM   450  O OD2 . ASP B 2 36 ? 24.023  2.275   4.385   1.00 40.91 ? 36   ASP T OD2 1 
ATOM   451  N N   . GLN B 2 37 ? 18.950  4.406   3.496   1.00 29.68 ? 37   GLN T N   1 
ATOM   452  C CA  . GLN B 2 37 ? 17.678  4.066   2.856   1.00 27.69 ? 37   GLN T CA  1 
ATOM   453  C C   . GLN B 2 37 ? 16.711  5.242   2.713   1.00 25.79 ? 37   GLN T C   1 
ATOM   454  O O   . GLN B 2 37 ? 15.535  5.043   2.398   1.00 24.59 ? 37   GLN T O   1 
ATOM   455  C CB  . GLN B 2 37 ? 16.989  2.941   3.637   1.00 27.94 ? 37   GLN T CB  1 
ATOM   456  C CG  . GLN B 2 37 ? 17.820  1.675   3.753   1.00 28.87 ? 37   GLN T CG  1 
ATOM   457  C CD  . GLN B 2 37 ? 17.538  0.665   2.668   1.00 29.11 ? 37   GLN T CD  1 
ATOM   458  O OE1 . GLN B 2 37 ? 17.990  -0.465  2.759   1.00 31.39 ? 37   GLN T OE1 1 
ATOM   459  N NE2 . GLN B 2 37 ? 16.793  1.055   1.647   1.00 27.85 ? 37   GLN T NE2 1 
ATOM   460  N N   . GLU B 2 38 ? 17.206  6.454   2.931   1.00 23.88 ? 38   GLU T N   1 
ATOM   461  C CA  . GLU B 2 38 ? 16.358  7.633   2.936   1.00 22.91 ? 38   GLU T CA  1 
ATOM   462  C C   . GLU B 2 38 ? 15.639  7.899   1.596   1.00 21.27 ? 38   GLU T C   1 
ATOM   463  O O   . GLU B 2 38 ? 14.440  8.128   1.593   1.00 19.56 ? 38   GLU T O   1 
ATOM   464  C CB  . GLU B 2 38 ? 17.158  8.865   3.373   1.00 23.69 ? 38   GLU T CB  1 
ATOM   465  C CG  . GLU B 2 38 ? 16.258  10.001  3.827   1.00 26.91 ? 38   GLU T CG  1 
ATOM   466  C CD  . GLU B 2 38 ? 16.994  11.052  4.635   1.00 30.55 ? 38   GLU T CD  1 
ATOM   467  O OE1 . GLU B 2 38 ? 17.564  11.972  4.024   1.00 31.77 ? 38   GLU T OE1 1 
ATOM   468  O OE2 . GLU B 2 38 ? 16.977  10.959  5.878   1.00 33.31 ? 38   GLU T OE2 1 
ATOM   469  N N   . GLU B 2 39 ? 16.379  7.879   0.482   1.00 20.07 ? 39   GLU T N   1 
ATOM   470  C CA  . GLU B 2 39 ? 15.791  8.028   -0.861  1.00 20.18 ? 39   GLU T CA  1 
ATOM   471  C C   . GLU B 2 39 ? 14.865  6.857   -1.149  1.00 18.01 ? 39   GLU T C   1 
ATOM   472  O O   . GLU B 2 39 ? 13.777  7.026   -1.688  1.00 17.52 ? 39   GLU T O   1 
ATOM   473  C CB  . GLU B 2 39 ? 16.869  8.078   -1.971  1.00 19.92 ? 39   GLU T CB  1 
ATOM   474  C CG  . GLU B 2 39 ? 17.867  9.264   -1.922  1.00 23.53 ? 39   GLU T CG  1 
ATOM   475  C CD  . GLU B 2 39 ? 18.827  9.323   -3.156  1.00 25.28 ? 39   GLU T CD  1 
ATOM   476  O OE1 . GLU B 2 39 ? 18.695  8.481   -4.090  1.00 31.44 ? 39   GLU T OE1 1 
ATOM   477  O OE2 . GLU B 2 39 ? 19.721  10.224  -3.199  1.00 31.25 ? 39   GLU T OE2 1 
ATOM   478  N N   . GLU B 2 40 ? 15.329  5.659   -0.816  1.00 16.05 ? 40   GLU T N   1 
ATOM   479  C CA  . GLU B 2 40 ? 14.579  4.458   -1.079  1.00 15.13 ? 40   GLU T CA  1 
ATOM   480  C C   . GLU B 2 40 ? 13.205  4.492   -0.405  1.00 13.46 ? 40   GLU T C   1 
ATOM   481  O O   . GLU B 2 40 ? 12.179  4.236   -1.049  1.00 11.96 ? 40   GLU T O   1 
ATOM   482  C CB  . GLU B 2 40 ? 15.402  3.260   -0.633  1.00 15.71 ? 40   GLU T CB  1 
ATOM   483  C CG  . GLU B 2 40 ? 14.800  1.966   -0.960  1.00 17.24 ? 40   GLU T CG  1 
ATOM   484  C CD  . GLU B 2 40 ? 15.079  1.465   -2.368  1.00 15.21 ? 40   GLU T CD  1 
ATOM   485  O OE1 . GLU B 2 40 ? 14.944  0.239   -2.510  1.00 12.63 ? 40   GLU T OE1 1 
ATOM   486  O OE2 . GLU B 2 40 ? 15.353  2.256   -3.320  1.00 15.04 ? 40   GLU T OE2 1 
ATOM   487  N N   . ILE B 2 41 ? 13.195  4.846   0.879   1.00 11.63 ? 41   ILE T N   1 
ATOM   488  C CA  . ILE B 2 41 ? 11.945  4.930   1.651   1.00 10.98 ? 41   ILE T CA  1 
ATOM   489  C C   . ILE B 2 41 ? 10.968  5.958   1.060   1.00 9.86  ? 41   ILE T C   1 
ATOM   490  O O   . ILE B 2 41 ? 9.785   5.667   0.899   1.00 9.17  ? 41   ILE T O   1 
ATOM   491  C CB  . ILE B 2 41 ? 12.222  5.175   3.166   1.00 10.94 ? 41   ILE T CB  1 
ATOM   492  C CG1 . ILE B 2 41 ? 12.864  3.920   3.776   1.00 10.99 ? 41   ILE T CG1 1 
ATOM   493  C CG2 . ILE B 2 41 ? 10.917  5.593   3.926   1.00 9.51  ? 41   ILE T CG2 1 
ATOM   494  C CD1 . ILE B 2 41 ? 13.570  4.157   5.143   1.00 11.18 ? 41   ILE T CD1 1 
ATOM   495  N N   . GLN B 2 42 ? 11.473  7.132   0.688   1.00 9.20  ? 42   GLN T N   1 
ATOM   496  C CA  . GLN B 2 42 ? 10.649  8.119   -0.003  1.00 9.49  ? 42   GLN T CA  1 
ATOM   497  C C   . GLN B 2 42 ? 10.033  7.578   -1.291  1.00 9.79  ? 42   GLN T C   1 
ATOM   498  O O   . GLN B 2 42 ? 8.847   7.793   -1.542  1.00 9.40  ? 42   GLN T O   1 
ATOM   499  C CB  . GLN B 2 42 ? 11.429  9.414   -0.272  1.00 9.40  ? 42   GLN T CB  1 
ATOM   500  C CG  . GLN B 2 42 ? 11.733  10.176  1.029   1.00 10.93 ? 42   GLN T CG  1 
ATOM   501  C CD  . GLN B 2 42 ? 12.657  11.357  0.804   1.00 15.34 ? 42   GLN T CD  1 
ATOM   502  O OE1 . GLN B 2 42 ? 12.213  12.449  0.451   1.00 16.28 ? 42   GLN T OE1 1 
ATOM   503  N NE2 . GLN B 2 42 ? 13.947  11.142  1.012   1.00 17.17 ? 42   GLN T NE2 1 
ATOM   504  N N   . ASP B 2 43 ? 10.836  6.874   -2.098  1.00 8.96  ? 43   ASP T N   1 
ATOM   505  C CA  . ASP B 2 43 ? 10.332  6.278   -3.333  1.00 9.11  ? 43   ASP T CA  1 
ATOM   506  C C   . ASP B 2 43 ? 9.249   5.246   -3.067  1.00 8.01  ? 43   ASP T C   1 
ATOM   507  O O   . ASP B 2 43 ? 8.217   5.267   -3.713  1.00 7.62  ? 43   ASP T O   1 
ATOM   508  C CB  . ASP B 2 43 ? 11.467  5.628   -4.134  1.00 9.35  ? 43   ASP T CB  1 
ATOM   509  C CG  . ASP B 2 43 ? 12.349  6.657   -4.845  1.00 11.63 ? 43   ASP T CG  1 
ATOM   510  O OD1 . ASP B 2 43 ? 12.024  7.861   -4.827  1.00 13.90 ? 43   ASP T OD1 1 
ATOM   511  O OD2 . ASP B 2 43 ? 13.361  6.257   -5.433  1.00 14.86 ? 43   ASP T OD2 1 
ATOM   512  N N   . ILE B 2 44 ? 9.479   4.351   -2.113  1.00 7.67  ? 44   ILE T N   1 
ATOM   513  C CA  . ILE B 2 44 ? 8.494   3.317   -1.826  1.00 7.59  ? 44   ILE T CA  1 
ATOM   514  C C   . ILE B 2 44 ? 7.206   3.918   -1.239  1.00 7.27  ? 44   ILE T C   1 
ATOM   515  O O   . ILE B 2 44 ? 6.121   3.512   -1.609  1.00 8.01  ? 44   ILE T O   1 
ATOM   516  C CB  . ILE B 2 44 ? 9.063   2.235   -0.899  1.00 8.04  ? 44   ILE T CB  1 
ATOM   517  C CG1 . ILE B 2 44 ? 10.272  1.545   -1.536  1.00 7.56  ? 44   ILE T CG1 1 
ATOM   518  C CG2 . ILE B 2 44 ? 7.965   1.198   -0.558  1.00 6.57  ? 44   ILE T CG2 1 
ATOM   519  C CD1 . ILE B 2 44 ? 11.111  0.788   -0.527  1.00 9.21  ? 44   ILE T CD1 1 
ATOM   520  N N   . LEU B 2 45 ? 7.327   4.889   -0.342  1.00 7.28  ? 45   LEU T N   1 
ATOM   521  C CA  . LEU B 2 45 ? 6.125   5.555   0.222   1.00 8.72  ? 45   LEU T CA  1 
ATOM   522  C C   . LEU B 2 45 ? 5.277   6.242   -0.841  1.00 8.75  ? 45   LEU T C   1 
ATOM   523  O O   . LEU B 2 45 ? 4.045   6.236   -0.754  1.00 8.57  ? 45   LEU T O   1 
ATOM   524  C CB  . LEU B 2 45 ? 6.476   6.581   1.316   1.00 7.86  ? 45   LEU T CB  1 
ATOM   525  C CG  . LEU B 2 45 ? 7.074   5.993   2.599   1.00 10.24 ? 45   LEU T CG  1 
ATOM   526  C CD1 . LEU B 2 45 ? 7.293   7.062   3.639   1.00 11.37 ? 45   LEU T CD1 1 
ATOM   527  C CD2 . LEU B 2 45 ? 6.184   4.873   3.130   1.00 10.98 ? 45   LEU T CD2 1 
ATOM   528  N N   . LYS B 2 46 ? 5.939   6.856   -1.825  1.00 8.95  ? 46   LYS T N   1 
ATOM   529  C CA  . LYS B 2 46 ? 5.212   7.489   -2.932  1.00 8.90  ? 46   LYS T CA  1 
ATOM   530  C C   . LYS B 2 46 ? 4.532   6.438   -3.785  1.00 8.44  ? 46   LYS T C   1 
ATOM   531  O O   . LYS B 2 46 ? 3.390   6.623   -4.203  1.00 8.53  ? 46   LYS T O   1 
ATOM   532  C CB  . LYS B 2 46 ? 6.146   8.376   -3.787  1.00 9.70  ? 46   LYS T CB  1 
ATOM   533  C CG  . LYS B 2 46 ? 5.471   9.027   -5.026  1.00 10.36 ? 46   LYS T CG  1 
ATOM   534  C CD  . LYS B 2 46 ? 4.423   10.072  -4.633  1.00 12.69 ? 46   LYS T CD  1 
ATOM   535  C CE  . LYS B 2 46 ? 3.734   10.614  -5.879  1.00 18.15 ? 46   LYS T CE  1 
ATOM   536  N NZ  . LYS B 2 46 ? 2.956   11.902  -5.638  1.00 21.84 ? 46   LYS T NZ  1 
ATOM   537  N N   . ASP B 2 47 ? 5.224   5.333   -4.054  1.00 7.86  ? 47   ASP T N   1 
ATOM   538  C CA  . ASP B 2 47 ? 4.581   4.213   -4.763  1.00 8.44  ? 47   ASP T CA  1 
ATOM   539  C C   . ASP B 2 47 ? 3.352   3.692   -3.996  1.00 7.84  ? 47   ASP T C   1 
ATOM   540  O O   . ASP B 2 47 ? 2.328   3.383   -4.600  1.00 8.27  ? 47   ASP T O   1 
ATOM   541  C CB  . ASP B 2 47 ? 5.547   3.041   -5.002  1.00 7.90  ? 47   ASP T CB  1 
ATOM   542  C CG  . ASP B 2 47 ? 6.649   3.368   -5.986  1.00 9.21  ? 47   ASP T CG  1 
ATOM   543  O OD1 . ASP B 2 47 ? 6.449   4.217   -6.888  1.00 9.38  ? 47   ASP T OD1 1 
ATOM   544  O OD2 . ASP B 2 47 ? 7.737   2.769   -5.843  1.00 10.68 ? 47   ASP T OD2 1 
ATOM   545  N N   . VAL B 2 48 ? 3.463   3.587   -2.671  1.00 7.93  ? 48   VAL T N   1 
ATOM   546  C CA  . VAL B 2 48 ? 2.327   3.189   -1.818  1.00 7.79  ? 48   VAL T CA  1 
ATOM   547  C C   . VAL B 2 48 ? 1.133   4.162   -1.910  1.00 8.73  ? 48   VAL T C   1 
ATOM   548  O O   . VAL B 2 48 ? -0.003  3.730   -2.058  1.00 8.61  ? 48   VAL T O   1 
ATOM   549  C CB  . VAL B 2 48 ? 2.772   2.985   -0.328  1.00 7.85  ? 48   VAL T CB  1 
ATOM   550  C CG1 . VAL B 2 48 ? 1.546   2.931   0.617   1.00 6.43  ? 48   VAL T CG1 1 
ATOM   551  C CG2 . VAL B 2 48 ? 3.635   1.744   -0.205  1.00 6.98  ? 48   VAL T CG2 1 
ATOM   552  N N   . GLU B 2 49 ? 1.392   5.470   -1.842  1.00 10.28 ? 49   GLU T N   1 
ATOM   553  C CA  . GLU B 2 49 ? 0.368   6.485   -2.134  1.00 12.18 ? 49   GLU T CA  1 
ATOM   554  C C   . GLU B 2 49 ? -0.430  6.206   -3.411  1.00 10.55 ? 49   GLU T C   1 
ATOM   555  O O   . GLU B 2 49 ? -1.648  6.318   -3.437  1.00 9.34  ? 49   GLU T O   1 
ATOM   556  C CB  . GLU B 2 49 ? 1.034   7.840   -2.353  1.00 12.42 ? 49   GLU T CB  1 
ATOM   557  C CG  . GLU B 2 49 ? 1.067   8.789   -1.209  1.00 17.12 ? 49   GLU T CG  1 
ATOM   558  C CD  . GLU B 2 49 ? 1.652   10.151  -1.636  1.00 18.51 ? 49   GLU T CD  1 
ATOM   559  O OE1 . GLU B 2 49 ? 1.158   10.730  -2.635  1.00 21.75 ? 49   GLU T OE1 1 
ATOM   560  O OE2 . GLU B 2 49 ? 2.598   10.639  -0.963  1.00 27.59 ? 49   GLU T OE2 1 
ATOM   561  N N   . GLU B 2 50 ? 0.295   5.927   -4.492  1.00 9.94  ? 50   GLU T N   1 
ATOM   562  C CA  . GLU B 2 50 ? -0.302  5.718   -5.796  1.00 9.76  ? 50   GLU T CA  1 
ATOM   563  C C   . GLU B 2 50 ? -0.984  4.349   -5.866  1.00 9.28  ? 50   GLU T C   1 
ATOM   564  O O   . GLU B 2 50 ? -1.983  4.175   -6.551  1.00 9.25  ? 50   GLU T O   1 
ATOM   565  C CB  . GLU B 2 50 ? 0.777   5.893   -6.875  1.00 9.50  ? 50   GLU T CB  1 
ATOM   566  C CG  . GLU B 2 50 ? 1.260   7.356   -6.952  1.00 9.42  ? 50   GLU T CG  1 
ATOM   567  C CD  . GLU B 2 50 ? 2.266   7.622   -8.073  1.00 11.09 ? 50   GLU T CD  1 
ATOM   568  O OE1 . GLU B 2 50 ? 2.765   6.674   -8.693  1.00 11.60 ? 50   GLU T OE1 1 
ATOM   569  O OE2 . GLU B 2 50 ? 2.552   8.806   -8.329  1.00 13.84 ? 50   GLU T OE2 1 
ATOM   570  N N   . THR B 2 51 ? -0.447  3.384   -5.135  1.00 9.34  ? 51   THR T N   1 
ATOM   571  C CA  . THR B 2 51 ? -1.126  2.091   -4.977  1.00 9.06  ? 51   THR T CA  1 
ATOM   572  C C   . THR B 2 51 ? -2.491  2.209   -4.306  1.00 9.13  ? 51   THR T C   1 
ATOM   573  O O   . THR B 2 51 ? -3.439  1.546   -4.716  1.00 9.83  ? 51   THR T O   1 
ATOM   574  C CB  . THR B 2 51 ? -0.287  1.119   -4.160  1.00 9.01  ? 51   THR T CB  1 
ATOM   575  O OG1 . THR B 2 51 ? 0.993   0.996   -4.767  1.00 9.25  ? 51   THR T OG1 1 
ATOM   576  C CG2 . THR B 2 51 ? -0.981  -0.278  -4.115  1.00 6.13  ? 51   THR T CG2 1 
ATOM   577  N N   . ILE B 2 52 ? -2.582  3.041   -3.266  1.00 9.78  ? 52   ILE T N   1 
ATOM   578  C CA  . ILE B 2 52 ? -3.836  3.250   -2.540  1.00 9.83  ? 52   ILE T CA  1 
ATOM   579  C C   . ILE B 2 52 ? -4.871  3.912   -3.460  1.00 9.66  ? 52   ILE T C   1 
ATOM   580  O O   . ILE B 2 52 ? -6.052  3.598   -3.401  1.00 10.23 ? 52   ILE T O   1 
ATOM   581  C CB  . ILE B 2 52 ? -3.588  4.117   -1.270  1.00 10.26 ? 52   ILE T CB  1 
ATOM   582  C CG1 . ILE B 2 52 ? -2.782  3.338   -0.229  1.00 9.74  ? 52   ILE T CG1 1 
ATOM   583  C CG2 . ILE B 2 52 ? -4.905  4.657   -0.676  1.00 9.85  ? 52   ILE T CG2 1 
ATOM   584  C CD1 . ILE B 2 52 ? -2.181  4.252   0.859   1.00 10.97 ? 52   ILE T CD1 1 
ATOM   585  N N   . VAL B 2 53 ? -4.410  4.830   -4.315  1.00 9.93  ? 53   VAL T N   1 
ATOM   586  C CA  . VAL B 2 53 ? -5.272  5.445   -5.337  1.00 10.08 ? 53   VAL T CA  1 
ATOM   587  C C   . VAL B 2 53 ? -5.856  4.341   -6.225  1.00 9.51  ? 53   VAL T C   1 
ATOM   588  O O   . VAL B 2 53 ? -7.061  4.339   -6.499  1.00 10.37 ? 53   VAL T O   1 
ATOM   589  C CB  . VAL B 2 53 ? -4.516  6.552   -6.169  1.00 9.72  ? 53   VAL T CB  1 
ATOM   590  C CG1 . VAL B 2 53 ? -5.286  6.953   -7.407  1.00 10.03 ? 53   VAL T CG1 1 
ATOM   591  C CG2 . VAL B 2 53 ? -4.300  7.794   -5.315  1.00 10.03 ? 53   VAL T CG2 1 
ATOM   592  N N   . ASP B 2 54 ? -5.015  3.389   -6.633  1.00 9.33  ? 54   ASP T N   1 
ATOM   593  C CA  . ASP B 2 54 ? -5.484  2.249   -7.448  1.00 9.40  ? 54   ASP T CA  1 
ATOM   594  C C   . ASP B 2 54 ? -6.509  1.383   -6.719  1.00 9.10  ? 54   ASP T C   1 
ATOM   595  O O   . ASP B 2 54 ? -7.512  0.957   -7.322  1.00 9.47  ? 54   ASP T O   1 
ATOM   596  C CB  . ASP B 2 54 ? -4.318  1.395   -7.981  1.00 9.24  ? 54   ASP T CB  1 
ATOM   597  C CG  . ASP B 2 54 ? -3.464  2.137   -9.033  1.00 11.51 ? 54   ASP T CG  1 
ATOM   598  O OD1 . ASP B 2 54 ? -3.920  3.157   -9.608  1.00 12.86 ? 54   ASP T OD1 1 
ATOM   599  O OD2 . ASP B 2 54 ? -2.314  1.709   -9.273  1.00 12.91 ? 54   ASP T OD2 1 
ATOM   600  N N   . LEU B 2 55 ? -6.256  1.097   -5.440  1.00 8.03  ? 55   LEU T N   1 
ATOM   601  C CA  . LEU B 2 55 ? -7.235  0.378   -4.611  1.00 8.47  ? 55   LEU T CA  1 
ATOM   602  C C   . LEU B 2 55 ? -8.551  1.169   -4.521  1.00 8.93  ? 55   LEU T C   1 
ATOM   603  O O   . LEU B 2 55 ? -9.617  0.594   -4.687  1.00 9.36  ? 55   LEU T O   1 
ATOM   604  C CB  . LEU B 2 55 ? -6.691  0.097   -3.207  1.00 7.30  ? 55   LEU T CB  1 
ATOM   605  C CG  . LEU B 2 55 ? -5.483  -0.842  -3.167  1.00 8.90  ? 55   LEU T CG  1 
ATOM   606  C CD1 . LEU B 2 55 ? -4.800  -0.808  -1.770  1.00 7.87  ? 55   LEU T CD1 1 
ATOM   607  C CD2 . LEU B 2 55 ? -5.923  -2.260  -3.578  1.00 9.26  ? 55   LEU T CD2 1 
ATOM   608  N N   . ASP B 2 56 ? -8.472  2.482   -4.301  1.00 9.89  ? 56   ASP T N   1 
ATOM   609  C CA  . ASP B 2 56 ? -9.695  3.307   -4.249  1.00 11.15 ? 56   ASP T CA  1 
ATOM   610  C C   . ASP B 2 56 ? -10.472 3.304   -5.564  1.00 11.68 ? 56   ASP T C   1 
ATOM   611  O O   . ASP B 2 56 ? -11.680 3.169   -5.540  1.00 10.04 ? 56   ASP T O   1 
ATOM   612  C CB  . ASP B 2 56 ? -9.423  4.749   -3.814  1.00 11.21 ? 56   ASP T CB  1 
ATOM   613  C CG  . ASP B 2 56 ? -9.411  4.918   -2.303  1.00 14.30 ? 56   ASP T CG  1 
ATOM   614  O OD1 . ASP B 2 56 ? -9.997  4.090   -1.581  1.00 18.27 ? 56   ASP T OD1 1 
ATOM   615  O OD2 . ASP B 2 56 ? -8.794  5.893   -1.839  1.00 18.37 ? 56   ASP T OD2 1 
ATOM   616  N N   . ARG B 2 57 ? -9.775  3.409   -6.700  1.00 13.39 ? 57   ARG T N   1 
ATOM   617  C CA  . ARG B 2 57 ? -10.428 3.340   -8.040  1.00 15.03 ? 57   ARG T CA  1 
ATOM   618  C C   . ARG B 2 57 ? -11.114 2.015   -8.250  1.00 15.20 ? 57   ARG T C   1 
ATOM   619  O O   . ARG B 2 57 ? -12.210 1.941   -8.806  1.00 15.15 ? 57   ARG T O   1 
ATOM   620  C CB  . ARG B 2 57 ? -9.408  3.506   -9.171  1.00 15.89 ? 57   ARG T CB  1 
ATOM   621  C CG  . ARG B 2 57 ? -8.676  4.836   -9.140  1.00 20.98 ? 57   ARG T CG  1 
ATOM   622  C CD  . ARG B 2 57 ? -7.254  4.740   -9.760  1.00 27.46 ? 57   ARG T CD  1 
ATOM   623  N NE  . ARG B 2 57 ? -7.268  4.694   -11.222 1.00 31.36 ? 57   ARG T NE  1 
ATOM   624  C CZ  . ARG B 2 57 ? -6.587  3.825   -11.961 1.00 33.03 ? 57   ARG T CZ  1 
ATOM   625  N NH1 . ARG B 2 57 ? -5.824  2.922   -11.374 1.00 35.26 ? 57   ARG T NH1 1 
ATOM   626  N NH2 . ARG B 2 57 ? -6.678  3.853   -13.293 1.00 34.60 ? 57   ARG T NH2 1 
ATOM   627  N N   . SER B 2 58 ? -10.435 0.956   -7.835  1.00 15.08 ? 58   SER T N   1 
ATOM   628  C CA  . SER B 2 58 ? -10.975 -0.390  -7.920  1.00 15.64 ? 58   SER T CA  1 
ATOM   629  C C   . SER B 2 58 ? -12.303 -0.540  -7.127  1.00 14.59 ? 58   SER T C   1 
ATOM   630  O O   . SER B 2 58 ? -13.276 -1.118  -7.631  1.00 14.21 ? 58   SER T O   1 
ATOM   631  C CB  . SER B 2 58 ? -9.898  -1.394  -7.496  1.00 15.55 ? 58   SER T CB  1 
ATOM   632  O OG  . SER B 2 58 ? -10.512 -2.548  -6.962  1.00 21.41 ? 58   SER T OG  1 
ATOM   633  N N   . ILE B 2 59 ? -12.341 0.015   -5.917  1.00 13.35 ? 59   ILE T N   1 
ATOM   634  C CA  . ILE B 2 59 ? -13.564 0.112   -5.118  1.00 12.94 ? 59   ILE T CA  1 
ATOM   635  C C   . ILE B 2 59 ? -14.672 0.927   -5.834  1.00 13.23 ? 59   ILE T C   1 
ATOM   636  O O   . ILE B 2 59 ? -15.816 0.490   -5.913  1.00 11.71 ? 59   ILE T O   1 
ATOM   637  C CB  . ILE B 2 59 ? -13.251 0.700   -3.724  1.00 12.94 ? 59   ILE T CB  1 
ATOM   638  C CG1 . ILE B 2 59 ? -12.486 -0.338  -2.887  1.00 10.42 ? 59   ILE T CG1 1 
ATOM   639  C CG2 . ILE B 2 59 ? -14.536 1.187   -3.003  1.00 12.20 ? 59   ILE T CG2 1 
ATOM   640  C CD1 . ILE B 2 59 ? -11.897 0.221   -1.623  1.00 10.12 ? 59   ILE T CD1 1 
ATOM   641  N N   . ILE B 2 60 ? -14.312 2.092   -6.369  1.00 13.69 ? 60   ILE T N   1 
ATOM   642  C CA  . ILE B 2 60 ? -15.252 2.901   -7.136  1.00 14.89 ? 60   ILE T CA  1 
ATOM   643  C C   . ILE B 2 60 ? -15.962 2.069   -8.209  1.00 16.02 ? 60   ILE T C   1 
ATOM   644  O O   . ILE B 2 60 ? -17.195 2.078   -8.272  1.00 15.89 ? 60   ILE T O   1 
ATOM   645  C CB  . ILE B 2 60 ? -14.571 4.142   -7.770  1.00 14.89 ? 60   ILE T CB  1 
ATOM   646  C CG1 . ILE B 2 60 ? -14.116 5.132   -6.672  1.00 15.35 ? 60   ILE T CG1 1 
ATOM   647  C CG2 . ILE B 2 60 ? -15.496 4.787   -8.816  1.00 14.35 ? 60   ILE T CG2 1 
ATOM   648  C CD1 . ILE B 2 60 ? -13.227 6.262   -7.192  1.00 15.41 ? 60   ILE T CD1 1 
ATOM   649  N N   . VAL B 2 61 ? -15.195 1.332   -9.015  1.00 16.91 ? 61   VAL T N   1 
ATOM   650  C CA  A VAL B 2 61 ? -15.796 0.582   -10.109 0.50 17.76 ? 61   VAL T CA  1 
ATOM   651  C CA  B VAL B 2 61 ? -15.741 0.529   -10.118 0.50 17.50 ? 61   VAL T CA  1 
ATOM   652  C C   . VAL B 2 61 ? -16.662 -0.586  -9.612  1.00 18.42 ? 61   VAL T C   1 
ATOM   653  O O   . VAL B 2 61 ? -17.753 -0.796  -10.139 1.00 18.28 ? 61   VAL T O   1 
ATOM   654  C CB  A VAL B 2 61 ? -14.782 0.178   -11.230 0.50 17.80 ? 61   VAL T CB  1 
ATOM   655  C CB  B VAL B 2 61 ? -14.619 -0.083  -11.008 0.50 17.49 ? 61   VAL T CB  1 
ATOM   656  C CG1 A VAL B 2 61 ? -13.925 1.358   -11.630 0.50 17.64 ? 61   VAL T CG1 1 
ATOM   657  C CG1 B VAL B 2 61 ? -15.207 -0.956  -12.133 0.50 16.86 ? 61   VAL T CG1 1 
ATOM   658  C CG2 A VAL B 2 61 ? -13.912 -0.980  -10.820 0.50 17.99 ? 61   VAL T CG2 1 
ATOM   659  C CG2 B VAL B 2 61 ? -13.752 1.003   -11.598 0.50 16.79 ? 61   VAL T CG2 1 
ATOM   660  N N   . MET B 2 62 ? -16.197 -1.302  -8.585  1.00 19.17 ? 62   MET T N   1 
ATOM   661  C CA  . MET B 2 62 ? -16.925 -2.411  -7.979  1.00 21.48 ? 62   MET T CA  1 
ATOM   662  C C   . MET B 2 62 ? -18.230 -1.973  -7.325  1.00 22.50 ? 62   MET T C   1 
ATOM   663  O O   . MET B 2 62 ? -19.230 -2.708  -7.381  1.00 23.24 ? 62   MET T O   1 
ATOM   664  C CB  . MET B 2 62 ? -16.044 -3.119  -6.948  1.00 20.93 ? 62   MET T CB  1 
ATOM   665  C CG  . MET B 2 62 ? -14.914 -3.924  -7.566  1.00 21.34 ? 62   MET T CG  1 
ATOM   666  S SD  . MET B 2 62 ? -13.992 -4.980  -6.415  1.00 24.25 ? 62   MET T SD  1 
ATOM   667  C CE  . MET B 2 62 ? -12.810 -3.845  -5.750  1.00 12.77 ? 62   MET T CE  1 
ATOM   668  N N   . LYS B 2 63 ? -18.220 -0.778  -6.725  1.00 23.93 ? 63   LYS T N   1 
ATOM   669  C CA  . LYS B 2 63 ? -19.412 -0.169  -6.120  1.00 26.22 ? 63   LYS T CA  1 
ATOM   670  C C   . LYS B 2 63 ? -20.576 0.007   -7.129  1.00 27.19 ? 63   LYS T C   1 
ATOM   671  O O   . LYS B 2 63 ? -21.747 -0.116  -6.747  1.00 27.06 ? 63   LYS T O   1 
ATOM   672  C CB  . LYS B 2 63 ? -19.062 1.149   -5.414  1.00 25.54 ? 63   LYS T CB  1 
ATOM   673  C CG  . LYS B 2 63 ? -20.080 1.589   -4.368  1.00 27.67 ? 63   LYS T CG  1 
ATOM   674  C CD  . LYS B 2 63 ? -19.997 3.092   -4.027  1.00 28.00 ? 63   LYS T CD  1 
ATOM   675  C CE  . LYS B 2 63 ? -19.237 3.353   -2.729  1.00 33.30 ? 63   LYS T CE  1 
ATOM   676  N NZ  . LYS B 2 63 ? -18.730 4.776   -2.601  1.00 33.85 ? 63   LYS T NZ  1 
ATOM   677  N N   . ARG B 2 64 ? -20.250 0.274   -8.400  1.00 28.39 ? 64   ARG T N   1 
ATOM   678  C CA  . ARG B 2 64 ? -21.248 0.303   -9.489  1.00 29.96 ? 64   ARG T CA  1 
ATOM   679  C C   . ARG B 2 64 ? -22.065 -0.984  -9.639  1.00 31.39 ? 64   ARG T C   1 
ATOM   680  O O   . ARG B 2 64 ? -23.225 -0.939  -10.082 1.00 31.93 ? 64   ARG T O   1 
ATOM   681  C CB  . ARG B 2 64 ? -20.598 0.625   -10.836 1.00 29.78 ? 64   ARG T CB  1 
ATOM   682  C CG  . ARG B 2 64 ? -20.249 2.070   -10.975 1.00 28.08 ? 64   ARG T CG  1 
ATOM   683  C CD  . ARG B 2 64 ? -19.767 2.447   -12.376 1.00 26.39 ? 64   ARG T CD  1 
ATOM   684  N NE  . ARG B 2 64 ? -18.992 3.660   -12.201 1.00 23.71 ? 64   ARG T NE  1 
ATOM   685  C CZ  . ARG B 2 64 ? -17.729 3.842   -12.561 1.00 21.05 ? 64   ARG T CZ  1 
ATOM   686  N NH1 . ARG B 2 64 ? -17.052 2.929   -13.268 1.00 18.27 ? 64   ARG T NH1 1 
ATOM   687  N NH2 . ARG B 2 64 ? -17.169 5.000   -12.251 1.00 21.51 ? 64   ARG T NH2 1 
ATOM   688  N N   . ASP B 2 65 ? -21.445 -2.117  -9.299  1.00 32.56 ? 65   ASP T N   1 
ATOM   689  C CA  . ASP B 2 65 ? -22.097 -3.420  -9.300  1.00 33.66 ? 65   ASP T CA  1 
ATOM   690  C C   . ASP B 2 65 ? -22.960 -3.591  -8.032  1.00 34.07 ? 65   ASP T C   1 
ATOM   691  O O   . ASP B 2 65 ? -22.448 -3.780  -6.921  1.00 34.45 ? 65   ASP T O   1 
ATOM   692  C CB  . ASP B 2 65 ? -21.035 -4.518  -9.439  1.00 33.63 ? 65   ASP T CB  1 
ATOM   693  C CG  . ASP B 2 65 ? -21.604 -5.933  -9.368  1.00 35.66 ? 65   ASP T CG  1 
ATOM   694  O OD1 . ASP B 2 65 ? -22.835 -6.121  -9.190  1.00 35.85 ? 65   ASP T OD1 1 
ATOM   695  O OD2 . ASP B 2 65 ? -20.788 -6.884  -9.489  1.00 37.94 ? 65   ASP T OD2 1 
ATOM   696  N N   . GLU B 2 66 ? -24.274 -3.533  -8.221  1.00 34.78 ? 66   GLU T N   1 
ATOM   697  C CA  . GLU B 2 66 ? -25.241 -3.664  -7.132  1.00 35.73 ? 66   GLU T CA  1 
ATOM   698  C C   . GLU B 2 66 ? -25.129 -4.980  -6.346  1.00 36.00 ? 66   GLU T C   1 
ATOM   699  O O   . GLU B 2 66 ? -25.556 -5.044  -5.186  1.00 35.99 ? 66   GLU T O   1 
ATOM   700  C CB  . GLU B 2 66 ? -26.666 -3.494  -7.667  1.00 36.12 ? 66   GLU T CB  1 
ATOM   701  C CG  . GLU B 2 66 ? -26.925 -2.166  -8.396  1.00 38.62 ? 66   GLU T CG  1 
ATOM   702  C CD  . GLU B 2 66 ? -28.381 -1.674  -8.268  1.00 41.77 ? 66   GLU T CD  1 
ATOM   703  O OE1 . GLU B 2 66 ? -29.319 -2.479  -8.497  1.00 43.66 ? 66   GLU T OE1 1 
ATOM   704  O OE2 . GLU B 2 66 ? -28.585 -0.479  -7.942  1.00 41.37 ? 66   GLU T OE2 1 
ATOM   705  N N   . ASN B 2 67 ? -24.565 -6.017  -6.985  1.00 36.02 ? 67   ASN T N   1 
ATOM   706  C CA  . ASN B 2 67 ? -24.306 -7.320  -6.347  1.00 36.07 ? 67   ASN T CA  1 
ATOM   707  C C   . ASN B 2 67 ? -23.011 -7.363  -5.510  1.00 35.70 ? 67   ASN T C   1 
ATOM   708  O O   . ASN B 2 67 ? -22.623 -8.431  -5.022  1.00 35.70 ? 67   ASN T O   1 
ATOM   709  C CB  . ASN B 2 67 ? -24.285 -8.458  -7.389  1.00 36.66 ? 67   ASN T CB  1 
ATOM   710  C CG  . ASN B 2 67 ? -25.650 -8.690  -8.075  1.00 38.37 ? 67   ASN T CG  1 
ATOM   711  O OD1 . ASN B 2 67 ? -26.615 -7.942  -7.877  1.00 40.95 ? 67   ASN T OD1 1 
ATOM   712  N ND2 . ASN B 2 67 ? -25.720 -9.741  -8.890  1.00 39.84 ? 67   ASN T ND2 1 
ATOM   713  N N   . GLU B 2 68 ? -22.348 -6.214  -5.345  1.00 34.97 ? 68   GLU T N   1 
ATOM   714  C CA  . GLU B 2 68 ? -21.152 -6.139  -4.506  1.00 34.03 ? 68   GLU T CA  1 
ATOM   715  C C   . GLU B 2 68 ? -21.293 -5.196  -3.309  1.00 32.69 ? 68   GLU T C   1 
ATOM   716  O O   . GLU B 2 68 ? -21.754 -4.055  -3.429  1.00 33.18 ? 68   GLU T O   1 
ATOM   717  C CB  . GLU B 2 68 ? -19.904 -5.790  -5.328  1.00 34.44 ? 68   GLU T CB  1 
ATOM   718  C CG  . GLU B 2 68 ? -18.658 -5.522  -4.454  1.00 37.10 ? 68   GLU T CG  1 
ATOM   719  C CD  . GLU B 2 68 ? -17.359 -6.117  -4.999  1.00 39.81 ? 68   GLU T CD  1 
ATOM   720  O OE1 . GLU B 2 68 ? -17.430 -7.203  -5.638  1.00 40.86 ? 68   GLU T OE1 1 
ATOM   721  O OE2 . GLU B 2 68 ? -16.271 -5.505  -4.763  1.00 37.85 ? 68   GLU T OE2 1 
ATOM   722  N N   . ASP B 2 69 ? -20.884 -5.690  -2.145  1.00 30.75 ? 69   ASP T N   1 
ATOM   723  C CA  . ASP B 2 69 ? -20.688 -4.836  -0.984  1.00 27.88 ? 69   ASP T CA  1 
ATOM   724  C C   . ASP B 2 69 ? -19.195 -4.539  -0.849  1.00 25.65 ? 69   ASP T C   1 
ATOM   725  O O   . ASP B 2 69 ? -18.391 -5.434  -0.609  1.00 25.73 ? 69   ASP T O   1 
ATOM   726  C CB  . ASP B 2 69 ? -21.228 -5.515  0.281   1.00 28.47 ? 69   ASP T CB  1 
ATOM   727  C CG  . ASP B 2 69 ? -21.276 -4.577  1.485   1.00 27.98 ? 69   ASP T CG  1 
ATOM   728  O OD1 . ASP B 2 69 ? -20.656 -3.491  1.455   1.00 27.92 ? 69   ASP T OD1 1 
ATOM   729  O OD2 . ASP B 2 69 ? -21.941 -4.930  2.480   1.00 29.96 ? 69   ASP T OD2 1 
ATOM   730  N N   . VAL B 2 70 ? -18.829 -3.274  -0.991  1.00 23.08 ? 70   VAL T N   1 
ATOM   731  C CA  . VAL B 2 70 ? -17.422 -2.885  -0.933  1.00 20.04 ? 70   VAL T CA  1 
ATOM   732  C C   . VAL B 2 70 ? -17.015 -2.365  0.465   1.00 19.25 ? 70   VAL T C   1 
ATOM   733  O O   . VAL B 2 70 ? -15.913 -1.876  0.622   1.00 17.38 ? 70   VAL T O   1 
ATOM   734  C CB  . VAL B 2 70 ? -17.077 -1.822  -2.027  1.00 20.05 ? 70   VAL T CB  1 
ATOM   735  C CG1 . VAL B 2 70 ? -17.348 -2.380  -3.437  1.00 18.79 ? 70   VAL T CG1 1 
ATOM   736  C CG2 . VAL B 2 70 ? -17.852 -0.534  -1.806  1.00 17.74 ? 70   VAL T CG2 1 
ATOM   737  N N   . SER B 2 71 ? -17.898 -2.469  1.463   1.00 17.66 ? 71   SER T N   1 
ATOM   738  C CA  . SER B 2 71 ? -17.608 -1.895  2.785   1.00 17.62 ? 71   SER T CA  1 
ATOM   739  C C   . SER B 2 71 ? -16.388 -2.551  3.453   1.00 16.13 ? 71   SER T C   1 
ATOM   740  O O   . SER B 2 71 ? -15.626 -1.864  4.122   1.00 16.35 ? 71   SER T O   1 
ATOM   741  C CB  . SER B 2 71 ? -18.844 -1.886  3.709   1.00 17.77 ? 71   SER T CB  1 
ATOM   742  O OG  . SER B 2 71 ? -19.223 -3.211  4.021   1.00 20.10 ? 71   SER T OG  1 
ATOM   743  N N   . GLY B 2 72 ? -16.192 -3.857  3.244   1.00 15.53 ? 72   GLY T N   1 
ATOM   744  C CA  . GLY B 2 72 ? -15.000 -4.574  3.740   1.00 14.73 ? 72   GLY T CA  1 
ATOM   745  C C   . GLY B 2 72 ? -13.733 -4.018  3.088   1.00 14.18 ? 72   GLY T C   1 
ATOM   746  O O   . GLY B 2 72 ? -12.737 -3.730  3.764   1.00 13.55 ? 72   GLY T O   1 
ATOM   747  N N   . ARG B 2 73 ? -13.783 -3.838  1.770   1.00 13.47 ? 73   ARG T N   1 
ATOM   748  C CA  . ARG B 2 73 ? -12.644 -3.280  1.025   1.00 13.63 ? 73   ARG T CA  1 
ATOM   749  C C   . ARG B 2 73 ? -12.389 -1.841  1.412   1.00 12.68 ? 73   ARG T C   1 
ATOM   750  O O   . ARG B 2 73 ? -11.247 -1.450  1.608   1.00 12.33 ? 73   ARG T O   1 
ATOM   751  C CB  . ARG B 2 73 ? -12.838 -3.415  -0.495  1.00 14.22 ? 73   ARG T CB  1 
ATOM   752  C CG  . ARG B 2 73 ? -12.906 -4.864  -0.906  1.00 17.18 ? 73   ARG T CG  1 
ATOM   753  C CD  . ARG B 2 73 ? -12.782 -5.123  -2.401  1.00 22.93 ? 73   ARG T CD  1 
ATOM   754  N NE  . ARG B 2 73 ? -13.267 -6.477  -2.719  1.00 28.46 ? 73   ARG T NE  1 
ATOM   755  C CZ  . ARG B 2 73 ? -12.558 -7.617  -2.710  1.00 32.51 ? 73   ARG T CZ  1 
ATOM   756  N NH1 . ARG B 2 73 ? -11.262 -7.649  -2.421  1.00 33.68 ? 73   ARG T NH1 1 
ATOM   757  N NH2 . ARG B 2 73 ? -13.169 -8.762  -3.012  1.00 35.45 ? 73   ARG T NH2 1 
ATOM   758  N N   . GLU B 2 74 ? -13.450 -1.050  1.544   1.00 12.07 ? 74   GLU T N   1 
ATOM   759  C CA  . GLU B 2 74 ? -13.312 0.297   2.073   1.00 12.54 ? 74   GLU T CA  1 
ATOM   760  C C   . GLU B 2 74 ? -12.648 0.354   3.461   1.00 12.15 ? 74   GLU T C   1 
ATOM   761  O O   . GLU B 2 74 ? -11.773 1.191   3.693   1.00 10.89 ? 74   GLU T O   1 
ATOM   762  C CB  . GLU B 2 74 ? -14.654 1.023   2.070   1.00 13.42 ? 74   GLU T CB  1 
ATOM   763  C CG  . GLU B 2 74 ? -15.138 1.312   0.651   1.00 15.16 ? 74   GLU T CG  1 
ATOM   764  C CD  . GLU B 2 74 ? -16.499 1.916   0.636   1.00 18.65 ? 74   GLU T CD  1 
ATOM   765  O OE1 . GLU B 2 74 ? -17.339 1.508   1.474   1.00 18.18 ? 74   GLU T OE1 1 
ATOM   766  O OE2 . GLU B 2 74 ? -16.720 2.804   -0.208  1.00 21.14 ? 74   GLU T OE2 1 
ATOM   767  N N   . ALA B 2 75 ? -13.029 -0.545  4.368   1.00 11.71 ? 75   ALA T N   1 
ATOM   768  C CA  . ALA B 2 75 ? -12.357 -0.592  5.696   1.00 11.06 ? 75   ALA T CA  1 
ATOM   769  C C   . ALA B 2 75 ? -10.869 -0.990  5.606   1.00 11.03 ? 75   ALA T C   1 
ATOM   770  O O   . ALA B 2 75 ? -10.037 -0.501  6.374   1.00 11.26 ? 75   ALA T O   1 
ATOM   771  C CB  . ALA B 2 75 ? -13.106 -1.512  6.658   1.00 10.78 ? 75   ALA T CB  1 
ATOM   772  N N   . GLN B 2 76 ? -10.525 -1.879  4.679   1.00 10.64 ? 76   GLN T N   1 
ATOM   773  C CA  . GLN B 2 76 ? -9.127  -2.266  4.496   1.00 10.51 ? 76   GLN T CA  1 
ATOM   774  C C   . GLN B 2 76 ? -8.290  -1.087  3.974   1.00 10.17 ? 76   GLN T C   1 
ATOM   775  O O   . GLN B 2 76 ? -7.178  -0.845  4.438   1.00 9.88  ? 76   GLN T O   1 
ATOM   776  C CB  . GLN B 2 76 ? -9.018  -3.444  3.542   1.00 10.47 ? 76   GLN T CB  1 
ATOM   777  C CG  . GLN B 2 76 ? -9.526  -4.748  4.117   1.00 12.09 ? 76   GLN T CG  1 
ATOM   778  C CD  . GLN B 2 76 ? -9.382  -5.882  3.119   1.00 13.12 ? 76   GLN T CD  1 
ATOM   779  O OE1 . GLN B 2 76 ? -8.628  -6.828  3.339   1.00 15.91 ? 76   GLN T OE1 1 
ATOM   780  N NE2 . GLN B 2 76 ? -10.107 -5.791  2.012   1.00 11.74 ? 76   GLN T NE2 1 
ATOM   781  N N   . VAL B 2 77 ? -8.837  -0.339  3.020   1.00 9.42  ? 77   VAL T N   1 
ATOM   782  C CA  . VAL B 2 77 ? -8.134  0.827   2.512   1.00 9.32  ? 77   VAL T CA  1 
ATOM   783  C C   . VAL B 2 77 ? -7.998  1.929   3.565   1.00 9.31  ? 77   VAL T C   1 
ATOM   784  O O   . VAL B 2 77 ? -6.949  2.573   3.678   1.00 8.73  ? 77   VAL T O   1 
ATOM   785  C CB  . VAL B 2 77 ? -8.758  1.358   1.185   1.00 9.72  ? 77   VAL T CB  1 
ATOM   786  C CG1 . VAL B 2 77 ? -8.044  2.634   0.744   1.00 9.08  ? 77   VAL T CG1 1 
ATOM   787  C CG2 . VAL B 2 77 ? -8.646  0.275   0.102   1.00 10.01 ? 77   VAL T CG2 1 
ATOM   788  N N   . LYS B 2 78 ? -9.042  2.141   4.357   1.00 9.48  ? 78   LYS T N   1 
ATOM   789  C CA  . LYS B 2 78 ? -8.936  3.116   5.430   1.00 9.72  ? 78   LYS T CA  1 
ATOM   790  C C   . LYS B 2 78 ? -7.811  2.751   6.420   1.00 9.12  ? 78   LYS T C   1 
ATOM   791  O O   . LYS B 2 78 ? -7.063  3.607   6.883   1.00 9.22  ? 78   LYS T O   1 
ATOM   792  C CB  . LYS B 2 78 ? -10.267 3.230   6.162   1.00 10.83 ? 78   LYS T CB  1 
ATOM   793  C CG  . LYS B 2 78 ? -10.228 4.243   7.274   1.00 12.39 ? 78   LYS T CG  1 
ATOM   794  C CD  . LYS B 2 78 ? -11.561 4.331   7.970   1.00 16.93 ? 78   LYS T CD  1 
ATOM   795  C CE  . LYS B 2 78 ? -11.457 5.191   9.240   1.00 19.97 ? 78   LYS T CE  1 
ATOM   796  N NZ  . LYS B 2 78 ? -12.774 5.818   9.569   1.00 23.65 ? 78   LYS T NZ  1 
ATOM   797  N N   . ASN B 2 79 ? -7.725  1.470   6.737   1.00 8.69  ? 79   ASN T N   1 
ATOM   798  C CA  . ASN B 2 79 ? -6.701  0.926   7.614   1.00 8.87  ? 79   ASN T CA  1 
ATOM   799  C C   . ASN B 2 79 ? -5.298  1.155   7.062   1.00 8.32  ? 79   ASN T C   1 
ATOM   800  O O   . ASN B 2 79 ? -4.404  1.570   7.794   1.00 8.16  ? 79   ASN T O   1 
ATOM   801  C CB  . ASN B 2 79 ? -7.000  -0.571  7.844   1.00 8.45  ? 79   ASN T CB  1 
ATOM   802  C CG  . ASN B 2 79 ? -5.859  -1.311  8.493   1.00 10.78 ? 79   ASN T CG  1 
ATOM   803  O OD1 . ASN B 2 79 ? -4.911  -1.708  7.829   1.00 13.10 ? 79   ASN T OD1 1 
ATOM   804  N ND2 . ASN B 2 79 ? -5.955  -1.520  9.794   1.00 10.77 ? 79   ASN T ND2 1 
ATOM   805  N N   . ILE B 2 80 ? -5.109  0.868   5.770   1.00 8.59  ? 80   ILE T N   1 
ATOM   806  C CA  . ILE B 2 80 ? -3.820  1.100   5.098   1.00 9.57  ? 80   ILE T CA  1 
ATOM   807  C C   . ILE B 2 80 ? -3.437  2.558   5.142   1.00 8.79  ? 80   ILE T C   1 
ATOM   808  O O   . ILE B 2 80 ? -2.297  2.873   5.410   1.00 8.11  ? 80   ILE T O   1 
ATOM   809  C CB  . ILE B 2 80 ? -3.847  0.634   3.611   1.00 9.50  ? 80   ILE T CB  1 
ATOM   810  C CG1 . ILE B 2 80 ? -3.901  -0.899  3.527   1.00 10.61 ? 80   ILE T CG1 1 
ATOM   811  C CG2 . ILE B 2 80 ? -2.621  1.178   2.820   1.00 9.93  ? 80   ILE T CG2 1 
ATOM   812  C CD1 . ILE B 2 80 ? -4.205  -1.378  2.099   1.00 10.71 ? 80   ILE T CD1 1 
ATOM   813  N N   . LYS B 2 81 ? -4.406  3.444   4.890   1.00 9.54  ? 81   LYS T N   1 
ATOM   814  C CA  . LYS B 2 81 ? -4.168  4.879   4.950   1.00 9.70  ? 81   LYS T CA  1 
ATOM   815  C C   . LYS B 2 81 ? -3.737  5.299   6.365   1.00 8.42  ? 81   LYS T C   1 
ATOM   816  O O   . LYS B 2 81 ? -2.882  6.153   6.517   1.00 7.05  ? 81   LYS T O   1 
ATOM   817  C CB  . LYS B 2 81 ? -5.384  5.682   4.451   1.00 10.02 ? 81   LYS T CB  1 
ATOM   818  C CG  . LYS B 2 81 ? -5.639  5.563   2.902   1.00 12.35 ? 81   LYS T CG  1 
ATOM   819  C CD  . LYS B 2 81 ? -7.018  6.166   2.519   1.00 12.46 ? 81   LYS T CD  1 
ATOM   820  C CE  . LYS B 2 81 ? -7.239  6.287   1.025   1.00 15.23 ? 81   LYS T CE  1 
ATOM   821  N NZ  . LYS B 2 81 ? -8.658  6.667   0.693   1.00 15.42 ? 81   LYS T NZ  1 
ATOM   822  N N   . GLN B 2 82 ? -4.309  4.672   7.392   1.00 8.03  ? 82   GLN T N   1 
ATOM   823  C CA  . GLN B 2 82 ? -3.909  4.980   8.772   1.00 8.37  ? 82   GLN T CA  1 
ATOM   824  C C   . GLN B 2 82 ? -2.486  4.505   9.069   1.00 8.03  ? 82   GLN T C   1 
ATOM   825  O O   . GLN B 2 82 ? -1.712  5.221   9.705   1.00 8.84  ? 82   GLN T O   1 
ATOM   826  C CB  . GLN B 2 82 ? -4.886  4.353   9.764   1.00 8.07  ? 82   GLN T CB  1 
ATOM   827  C CG  . GLN B 2 82 ? -6.230  5.055   9.733   1.00 8.28  ? 82   GLN T CG  1 
ATOM   828  C CD  . GLN B 2 82 ? -7.325  4.267   10.366  1.00 6.51  ? 82   GLN T CD  1 
ATOM   829  O OE1 . GLN B 2 82 ? -7.360  3.053   10.269  1.00 10.46 ? 82   GLN T OE1 1 
ATOM   830  N NE2 . GLN B 2 82 ? -8.262  4.960   11.003  1.00 9.80  ? 82   GLN T NE2 1 
ATOM   831  N N   . GLN B 2 83 ? -2.169  3.286   8.625   1.00 7.50  ? 83   GLN T N   1 
ATOM   832  C CA  . GLN B 2 83 ? -0.822  2.728   8.731   1.00 7.27  ? 83   GLN T CA  1 
ATOM   833  C C   . GLN B 2 83 ? 0.184   3.661   8.043   1.00 6.96  ? 83   GLN T C   1 
ATOM   834  O O   . GLN B 2 83 ? 1.216   4.003   8.625   1.00 7.24  ? 83   GLN T O   1 
ATOM   835  C CB  . GLN B 2 83 ? -0.787  1.303   8.155   1.00 6.56  ? 83   GLN T CB  1 
ATOM   836  C CG  . GLN B 2 83 ? 0.548   0.543   8.300   1.00 7.51  ? 83   GLN T CG  1 
ATOM   837  C CD  . GLN B 2 83 ? 0.522   -0.833  7.649   1.00 8.32  ? 83   GLN T CD  1 
ATOM   838  O OE1 . GLN B 2 83 ? -0.427  -1.167  6.924   1.00 7.27  ? 83   GLN T OE1 1 
ATOM   839  N NE2 . GLN B 2 83 ? 1.563   -1.643  7.909   1.00 6.42  ? 83   GLN T NE2 1 
ATOM   840  N N   . LEU B 2 84 ? -0.149  4.095   6.829   1.00 6.23  ? 84   LEU T N   1 
ATOM   841  C CA  . LEU B 2 84 ? 0.730   4.993   6.053   1.00 6.30  ? 84   LEU T CA  1 
ATOM   842  C C   . LEU B 2 84 ? 0.936   6.325   6.777   1.00 6.52  ? 84   LEU T C   1 
ATOM   843  O O   . LEU B 2 84 ? 2.059   6.794   6.927   1.00 6.53  ? 84   LEU T O   1 
ATOM   844  C CB  . LEU B 2 84 ? 0.150   5.210   4.652   1.00 5.70  ? 84   LEU T CB  1 
ATOM   845  C CG  . LEU B 2 84 ? 0.959   6.203   3.799   1.00 6.16  ? 84   LEU T CG  1 
ATOM   846  C CD1 . LEU B 2 84 ? 2.396   5.679   3.597   1.00 5.28  ? 84   LEU T CD1 1 
ATOM   847  C CD2 . LEU B 2 84 ? 0.265   6.498   2.481   1.00 6.27  ? 84   LEU T CD2 1 
ATOM   848  N N   . ASP B 2 85 ? -0.149  6.919   7.273   1.00 7.45  ? 85   ASP T N   1 
ATOM   849  C CA  . ASP B 2 85 ? -0.049  8.188   7.997   1.00 8.42  ? 85   ASP T CA  1 
ATOM   850  C C   . ASP B 2 85 ? 0.803   8.134   9.275   1.00 8.04  ? 85   ASP T C   1 
ATOM   851  O O   . ASP B 2 85 ? 1.629   9.033   9.522   1.00 7.59  ? 85   ASP T O   1 
ATOM   852  C CB  . ASP B 2 85 ? -1.453  8.747   8.264   1.00 9.20  ? 85   ASP T CB  1 
ATOM   853  C CG  . ASP B 2 85 ? -2.064  9.362   7.007   1.00 13.41 ? 85   ASP T CG  1 
ATOM   854  O OD1 . ASP B 2 85 ? -1.342  9.448   5.965   1.00 15.82 ? 85   ASP T OD1 1 
ATOM   855  O OD2 . ASP B 2 85 ? -3.249  9.734   7.051   1.00 15.55 ? 85   ASP T OD2 1 
ATOM   856  N N   . ALA B 2 86 ? 0.595   7.095   10.079  1.00 7.98  ? 86   ALA T N   1 
ATOM   857  C CA  . ALA B 2 86 ? 1.432   6.841   11.262  1.00 8.44  ? 86   ALA T CA  1 
ATOM   858  C C   . ALA B 2 86 ? 2.902   6.697   10.861  1.00 8.48  ? 86   ALA T C   1 
ATOM   859  O O   . ALA B 2 86 ? 3.789   7.253   11.519  1.00 8.66  ? 86   ALA T O   1 
ATOM   860  C CB  . ALA B 2 86 ? 0.966   5.584   12.002  1.00 8.41  ? 86   ALA T CB  1 
ATOM   861  N N   . LEU B 2 87 ? 3.159   5.937   9.804   1.00 8.41  ? 87   LEU T N   1 
ATOM   862  C CA  . LEU B 2 87 ? 4.540   5.689   9.353   1.00 8.91  ? 87   LEU T CA  1 
ATOM   863  C C   . LEU B 2 87 ? 5.242   6.960   8.836   1.00 9.33  ? 87   LEU T C   1 
ATOM   864  O O   . LEU B 2 87 ? 6.408   7.205   9.172   1.00 8.68  ? 87   LEU T O   1 
ATOM   865  C CB  . LEU B 2 87 ? 4.592   4.571   8.290   1.00 8.64  ? 87   LEU T CB  1 
ATOM   866  C CG  . LEU B 2 87 ? 5.940   4.226   7.655   1.00 9.76  ? 87   LEU T CG  1 
ATOM   867  C CD1 . LEU B 2 87 ? 6.876   3.800   8.743   1.00 11.27 ? 87   LEU T CD1 1 
ATOM   868  C CD2 . LEU B 2 87 ? 5.800   3.082   6.634   1.00 9.74  ? 87   LEU T CD2 1 
ATOM   869  N N   . LYS B 2 88 ? 4.532   7.752   8.040   1.00 9.28  ? 88   LYS T N   1 
ATOM   870  C CA  . LYS B 2 88 ? 5.092   8.976   7.452   1.00 11.42 ? 88   LYS T CA  1 
ATOM   871  C C   . LYS B 2 88 ? 5.581   9.929   8.531   1.00 12.18 ? 88   LYS T C   1 
ATOM   872  O O   . LYS B 2 88 ? 6.649   10.546  8.397   1.00 13.29 ? 88   LYS T O   1 
ATOM   873  C CB  . LYS B 2 88 ? 4.033   9.712   6.649   1.00 10.76 ? 88   LYS T CB  1 
ATOM   874  C CG  . LYS B 2 88 ? 3.881   9.274   5.229   1.00 13.10 ? 88   LYS T CG  1 
ATOM   875  C CD  . LYS B 2 88 ? 2.574   9.833   4.785   1.00 15.93 ? 88   LYS T CD  1 
ATOM   876  C CE  . LYS B 2 88 ? 2.537   10.117  3.348   1.00 19.34 ? 88   LYS T CE  1 
ATOM   877  N NZ  . LYS B 2 88 ? 1.374   11.056  3.098   1.00 22.94 ? 88   LYS T NZ  1 
ATOM   878  N N   . LEU B 2 89 ? 4.781   10.073  9.582   1.00 12.65 ? 89   LEU T N   1 
ATOM   879  C CA  . LEU B 2 89 ? 5.181   10.891  10.722  1.00 13.02 ? 89   LEU T CA  1 
ATOM   880  C C   . LEU B 2 89 ? 6.427   10.317  11.430  1.00 12.89 ? 89   LEU T C   1 
ATOM   881  O O   . LEU B 2 89 ? 7.383   11.057  11.685  1.00 13.26 ? 89   LEU T O   1 
ATOM   882  C CB  . LEU B 2 89 ? 4.013   11.142  11.703  1.00 13.20 ? 89   LEU T CB  1 
ATOM   883  C CG  . LEU B 2 89 ? 4.286   12.259  12.748  1.00 13.47 ? 89   LEU T CG  1 
ATOM   884  C CD1 . LEU B 2 89 ? 4.630   13.596  12.081  1.00 15.19 ? 89   LEU T CD1 1 
ATOM   885  C CD2 . LEU B 2 89 ? 3.141   12.453  13.709  1.00 12.77 ? 89   LEU T CD2 1 
ATOM   886  N N   . ARG B 2 90 ? 6.449   9.013   11.719  1.00 12.64 ? 90   ARG T N   1 
ATOM   887  C CA  . ARG B 2 90 ? 7.666   8.387   12.292  1.00 12.74 ? 90   ARG T CA  1 
ATOM   888  C C   . ARG B 2 90 ? 8.904   8.685   11.434  1.00 12.79 ? 90   ARG T C   1 
ATOM   889  O O   . ARG B 2 90 ? 9.964   9.055   11.943  1.00 13.05 ? 90   ARG T O   1 
ATOM   890  C CB  . ARG B 2 90 ? 7.522   6.864   12.394  1.00 11.48 ? 90   ARG T CB  1 
ATOM   891  C CG  . ARG B 2 90 ? 6.644   6.398   13.506  1.00 12.44 ? 90   ARG T CG  1 
ATOM   892  C CD  . ARG B 2 90 ? 6.846   4.925   13.740  1.00 11.72 ? 90   ARG T CD  1 
ATOM   893  N NE  . ARG B 2 90 ? 7.945   4.681   14.665  1.00 11.01 ? 90   ARG T NE  1 
ATOM   894  C CZ  . ARG B 2 90 ? 8.711   3.593   14.661  1.00 13.67 ? 90   ARG T CZ  1 
ATOM   895  N NH1 . ARG B 2 90 ? 8.547   2.645   13.754  1.00 12.42 ? 90   ARG T NH1 1 
ATOM   896  N NH2 . ARG B 2 90 ? 9.682   3.468   15.559  1.00 16.35 ? 90   ARG T NH2 1 
ATOM   897  N N   . PHE B 2 91 ? 8.746   8.506   10.126  1.00 13.25 ? 91   PHE T N   1 
ATOM   898  C CA  . PHE B 2 91 ? 9.826   8.736   9.165   1.00 13.91 ? 91   PHE T CA  1 
ATOM   899  C C   . PHE B 2 91 ? 10.270  10.186  9.227   1.00 14.04 ? 91   PHE T C   1 
ATOM   900  O O   . PHE B 2 91 ? 11.464  10.463  9.383   1.00 14.46 ? 91   PHE T O   1 
ATOM   901  C CB  . PHE B 2 91 ? 9.395   8.325   7.742   1.00 13.82 ? 91   PHE T CB  1 
ATOM   902  C CG  . PHE B 2 91 ? 10.444  8.566   6.689   1.00 13.96 ? 91   PHE T CG  1 
ATOM   903  C CD1 . PHE B 2 91 ? 11.659  7.880   6.720   1.00 15.03 ? 91   PHE T CD1 1 
ATOM   904  C CD2 . PHE B 2 91 ? 10.211  9.462   5.659   1.00 14.47 ? 91   PHE T CD2 1 
ATOM   905  C CE1 . PHE B 2 91 ? 12.651  8.113   5.743   1.00 15.08 ? 91   PHE T CE1 1 
ATOM   906  C CE2 . PHE B 2 91 ? 11.190  9.682   4.664   1.00 15.52 ? 91   PHE T CE2 1 
ATOM   907  C CZ  . PHE B 2 91 ? 12.408  9.016   4.716   1.00 14.45 ? 91   PHE T CZ  1 
ATOM   908  N N   . ASP B 2 92 ? 9.307   11.102  9.144   1.00 14.63 ? 92   ASP T N   1 
ATOM   909  C CA  . ASP B 2 92 ? 9.578   12.545  9.193   1.00 16.27 ? 92   ASP T CA  1 
ATOM   910  C C   . ASP B 2 92 ? 10.284  12.995  10.480  1.00 16.95 ? 92   ASP T C   1 
ATOM   911  O O   . ASP B 2 92 ? 11.104  13.911  10.442  1.00 17.46 ? 92   ASP T O   1 
ATOM   912  C CB  . ASP B 2 92 ? 8.288   13.371  9.007   1.00 15.62 ? 92   ASP T CB  1 
ATOM   913  C CG  . ASP B 2 92 ? 7.697   13.236  7.628   1.00 16.72 ? 92   ASP T CG  1 
ATOM   914  O OD1 . ASP B 2 92 ? 8.386   12.692  6.720   1.00 14.59 ? 92   ASP T OD1 1 
ATOM   915  O OD2 . ASP B 2 92 ? 6.531   13.676  7.447   1.00 16.81 ? 92   ASP T OD2 1 
ATOM   916  N N   . ARG B 2 93 ? 9.971   12.348  11.598  1.00 17.58 ? 93   ARG T N   1 
ATOM   917  C CA  . ARG B 2 93 ? 10.500  12.758  12.896  1.00 18.74 ? 93   ARG T CA  1 
ATOM   918  C C   . ARG B 2 93 ? 11.812  12.100  13.359  1.00 20.25 ? 93   ARG T C   1 
ATOM   919  O O   . ARG B 2 93 ? 12.230  12.338  14.469  1.00 20.12 ? 93   ARG T O   1 
ATOM   920  C CB  . ARG B 2 93 ? 9.435   12.593  13.973  1.00 17.63 ? 93   ARG T CB  1 
ATOM   921  C CG  . ARG B 2 93 ? 8.145   13.349  13.698  1.00 15.74 ? 93   ARG T CG  1 
ATOM   922  C CD  . ARG B 2 93 ? 7.101   13.037  14.761  1.00 11.47 ? 93   ARG T CD  1 
ATOM   923  N NE  . ARG B 2 93 ? 7.508   13.541  16.069  1.00 11.37 ? 93   ARG T NE  1 
ATOM   924  C CZ  . ARG B 2 93 ? 6.934   13.201  17.217  1.00 11.65 ? 93   ARG T CZ  1 
ATOM   925  N NH1 . ARG B 2 93 ? 5.927   12.329  17.247  1.00 10.76 ? 93   ARG T NH1 1 
ATOM   926  N NH2 . ARG B 2 93 ? 7.376   13.732  18.341  1.00 10.93 ? 93   ARG T NH2 1 
ATOM   927  N N   . ARG B 2 94 ? 12.448  11.270  12.538  1.00 23.32 ? 94   ARG T N   1 
ATOM   928  C CA  . ARG B 2 94 ? 13.816  10.789  12.847  1.00 26.81 ? 94   ARG T CA  1 
ATOM   929  C C   . ARG B 2 94 ? 14.767  11.977  13.082  1.00 28.78 ? 94   ARG T C   1 
ATOM   930  O O   . ARG B 2 94 ? 14.903  12.875  12.236  1.00 29.22 ? 94   ARG T O   1 
ATOM   931  C CB  . ARG B 2 94 ? 14.390  9.906   11.730  1.00 26.10 ? 94   ARG T CB  1 
ATOM   932  C CG  . ARG B 2 94 ? 13.620  8.638   11.430  1.00 26.83 ? 94   ARG T CG  1 
ATOM   933  C CD  . ARG B 2 94 ? 13.948  8.088   10.016  1.00 27.78 ? 94   ARG T CD  1 
ATOM   934  N NE  . ARG B 2 94 ? 13.853  9.132   8.991   1.00 29.98 ? 94   ARG T NE  1 
ATOM   935  C CZ  . ARG B 2 94 ? 14.856  9.515   8.199   1.00 32.84 ? 94   ARG T CZ  1 
ATOM   936  N NH1 . ARG B 2 94 ? 16.044  8.922   8.266   1.00 33.96 ? 94   ARG T NH1 1 
ATOM   937  N NH2 . ARG B 2 94 ? 14.668  10.487  7.317   1.00 33.37 ? 94   ARG T NH2 1 
ATOM   938  N N   . ILE B 2 95 ? 15.399  12.000  14.248  1.00 31.53 ? 95   ILE T N   1 
ATOM   939  C CA  . ILE B 2 95 ? 16.331  13.076  14.569  1.00 33.91 ? 95   ILE T CA  1 
ATOM   940  C C   . ILE B 2 95 ? 17.709  12.541  14.954  1.00 34.57 ? 95   ILE T C   1 
ATOM   941  O O   . ILE B 2 95 ? 17.839  11.443  15.522  1.00 35.58 ? 95   ILE T O   1 
ATOM   942  C CB  . ILE B 2 95 ? 15.806  14.008  15.690  1.00 34.20 ? 95   ILE T CB  1 
ATOM   943  C CG1 . ILE B 2 95 ? 14.337  14.387  15.485  1.00 35.23 ? 95   ILE T CG1 1 
ATOM   944  C CG2 . ILE B 2 95 ? 16.608  15.280  15.697  1.00 35.64 ? 95   ILE T CG2 1 
ATOM   945  C CD1 . ILE B 2 95 ? 14.109  15.304  14.304  1.00 34.60 ? 95   ILE T CD1 1 
ATOM   946  O OXT . ILE B 2 95 ? 18.719  13.213  14.702  1.00 35.46 ? 95   ILE T OXT 1 
HETATM 947  S S   . SO4 C 3 .  ? 8.255   -6.847  -8.059  1.00 13.77 ? 1031 SO4 P S   1 
HETATM 948  O O1  . SO4 C 3 .  ? 7.120   -7.491  -8.727  1.00 14.54 ? 1031 SO4 P O1  1 
HETATM 949  O O2  . SO4 C 3 .  ? 9.065   -6.129  -9.051  1.00 17.18 ? 1031 SO4 P O2  1 
HETATM 950  O O3  . SO4 C 3 .  ? 7.807   -5.901  -7.032  1.00 13.49 ? 1031 SO4 P O3  1 
HETATM 951  O O4  . SO4 C 3 .  ? 9.099   -7.874  -7.388  1.00 12.79 ? 1031 SO4 P O4  1 
HETATM 952  S S   . SO4 D 3 .  ? 10.362  -10.961 -0.005  1.00 39.64 ? 1096 SO4 T S   1 
HETATM 953  O O1  . SO4 D 3 .  ? 9.969   -12.077 -0.862  1.00 39.72 ? 1096 SO4 T O1  1 
HETATM 954  O O2  . SO4 D 3 .  ? 9.620   -9.749  -0.319  1.00 38.34 ? 1096 SO4 T O2  1 
HETATM 955  O O3  . SO4 D 3 .  ? 11.781  -10.703 -0.216  1.00 39.93 ? 1096 SO4 T O3  1 
HETATM 956  O O4  . SO4 D 3 .  ? 10.081  -11.327 1.380   1.00 40.35 ? 1096 SO4 T O4  1 
HETATM 957  S S   . SO4 E 3 .  ? -4.840  4.089   -16.182 0.50 21.18 ? 1097 SO4 T S   1 
HETATM 958  O O1  . SO4 E 3 .  ? -6.192  3.548   -16.299 0.50 22.23 ? 1097 SO4 T O1  1 
HETATM 959  O O2  . SO4 E 3 .  ? -4.392  3.928   -14.805 0.50 19.46 ? 1097 SO4 T O2  1 
HETATM 960  O O3  . SO4 E 3 .  ? -3.972  3.366   -17.101 0.50 21.48 ? 1097 SO4 T O3  1 
HETATM 961  O O4  . SO4 E 3 .  ? -4.833  5.517   -16.499 0.50 21.24 ? 1097 SO4 T O4  1 
HETATM 962  S S   . SO4 F 3 .  ? 19.636  -3.109  7.675   1.00 73.63 ? 1098 SO4 T S   1 
HETATM 963  O O1  . SO4 F 3 .  ? 19.274  -2.854  9.067   1.00 73.28 ? 1098 SO4 T O1  1 
HETATM 964  O O2  . SO4 F 3 .  ? 18.421  -3.152  6.857   1.00 73.40 ? 1098 SO4 T O2  1 
HETATM 965  O O3  . SO4 F 3 .  ? 20.516  -2.035  7.218   1.00 72.89 ? 1098 SO4 T O3  1 
HETATM 966  O O4  . SO4 F 3 .  ? 20.333  -4.394  7.588   1.00 73.23 ? 1098 SO4 T O4  1 
HETATM 967  O O   . HOH G 4 .  ? 13.393  -7.353  0.801   1.00 36.51 ? 2001 HOH P O   1 
HETATM 968  O O   . HOH G 4 .  ? 18.494  -7.378  0.414   1.00 28.91 ? 2002 HOH P O   1 
HETATM 969  O O   . HOH G 4 .  ? 20.159  -5.519  -1.022  1.00 29.63 ? 2003 HOH P O   1 
HETATM 970  O O   . HOH G 4 .  ? 12.298  -8.178  -2.507  1.00 16.98 ? 2004 HOH P O   1 
HETATM 971  O O   . HOH G 4 .  ? 8.952   -1.777  -5.509  1.00 18.84 ? 2005 HOH P O   1 
HETATM 972  O O   . HOH G 4 .  ? 10.166  -11.871 -7.843  1.00 37.53 ? 2006 HOH P O   1 
HETATM 973  O O   . HOH G 4 .  ? 7.744   -11.916 -8.789  1.00 36.99 ? 2007 HOH P O   1 
HETATM 974  O O   . HOH G 4 .  ? 7.829   -13.448 -4.950  1.00 30.70 ? 2008 HOH P O   1 
HETATM 975  O O   . HOH G 4 .  ? 1.171   -4.926  -4.658  1.00 21.45 ? 2009 HOH P O   1 
HETATM 976  O O   . HOH G 4 .  ? 4.215   -0.729  -9.918  1.00 16.43 ? 2010 HOH P O   1 
HETATM 977  O O   . HOH G 4 .  ? 5.089   0.015   -6.709  1.00 13.46 ? 2011 HOH P O   1 
HETATM 978  O O   . HOH G 4 .  ? 1.689   -8.719  -13.543 1.00 32.87 ? 2012 HOH P O   1 
HETATM 979  O O   . HOH G 4 .  ? 2.057   -12.691 -6.613  1.00 37.73 ? 2013 HOH P O   1 
HETATM 980  O O   . HOH G 4 .  ? 3.959   3.929   -8.420  1.00 14.41 ? 2014 HOH P O   1 
HETATM 981  O O   . HOH G 4 .  ? 7.459   -9.464  -12.754 1.00 44.11 ? 2015 HOH P O   1 
HETATM 982  O O   . HOH G 4 .  ? -5.660  -9.695  -13.121 1.00 17.64 ? 2016 HOH P O   1 
HETATM 983  O O   . HOH G 4 .  ? -9.187  -3.801  -9.906  1.00 29.79 ? 2017 HOH P O   1 
HETATM 984  O O   . HOH G 4 .  ? -4.289  -11.628 -20.641 1.00 34.81 ? 2018 HOH P O   1 
HETATM 985  O O   . HOH G 4 .  ? -8.166  -9.827  -13.947 1.00 35.13 ? 2019 HOH P O   1 
HETATM 986  O O   . HOH G 4 .  ? -14.314 -9.572  -12.364 1.00 53.40 ? 2020 HOH P O   1 
HETATM 987  O O   . HOH G 4 .  ? -10.534 -4.979  -20.591 1.00 39.93 ? 2021 HOH P O   1 
HETATM 988  O O   . HOH G 4 .  ? -7.721  -6.467  -18.721 1.00 35.45 ? 2022 HOH P O   1 
HETATM 989  O O   . HOH G 4 .  ? -12.798 -7.383  -20.009 1.00 45.19 ? 2023 HOH P O   1 
HETATM 990  O O   . HOH G 4 .  ? -13.012 -0.207  -15.517 1.00 27.30 ? 2024 HOH P O   1 
HETATM 991  O O   . HOH G 4 .  ? 7.921   -9.882  -10.202 1.00 20.38 ? 2025 HOH P O   1 
HETATM 992  O O   . HOH G 4 .  ? 11.285  -9.266  -8.069  1.00 22.46 ? 2026 HOH P O   1 
HETATM 993  O O   . HOH G 4 .  ? 8.779   -4.487  -5.047  1.00 11.62 ? 2027 HOH P O   1 
HETATM 994  O O   . HOH G 4 .  ? 11.349  -6.708  -10.488 1.00 23.40 ? 2028 HOH P O   1 
HETATM 995  O O   . HOH H 4 .  ? -2.737  -8.386  -7.214  1.00 19.78 ? 2001 HOH T O   1 
HETATM 996  O O   . HOH H 4 .  ? -9.749  -7.889  -7.300  1.00 28.73 ? 2002 HOH T O   1 
HETATM 997  O O   . HOH H 4 .  ? -5.488  -9.323  2.008   1.00 31.89 ? 2003 HOH T O   1 
HETATM 998  O O   . HOH H 4 .  ? 0.391   -8.113  4.670   1.00 16.14 ? 2004 HOH T O   1 
HETATM 999  O O   . HOH H 4 .  ? 21.705  15.354  14.482  1.00 27.14 ? 2005 HOH T O   1 
HETATM 1000 O O   . HOH H 4 .  ? 3.986   -10.245 -2.481  1.00 48.89 ? 2006 HOH T O   1 
HETATM 1001 O O   . HOH H 4 .  ? 1.390   -2.737  -2.723  1.00 15.77 ? 2007 HOH T O   1 
HETATM 1002 O O   . HOH H 4 .  ? 2.593   -10.086 0.410   1.00 33.07 ? 2008 HOH T O   1 
HETATM 1003 O O   . HOH H 4 .  ? 8.898   -8.158  6.832   1.00 48.91 ? 2009 HOH T O   1 
HETATM 1004 O O   . HOH H 4 .  ? 19.252  4.592   -2.476  1.00 29.63 ? 2010 HOH T O   1 
HETATM 1005 O O   . HOH H 4 .  ? 20.163  0.925   -1.126  1.00 35.78 ? 2011 HOH T O   1 
HETATM 1006 O O   . HOH H 4 .  ? 12.797  -4.112  7.935   1.00 20.23 ? 2012 HOH T O   1 
HETATM 1007 O O   . HOH H 4 .  ? 8.490   11.709  -1.992  1.00 14.38 ? 2013 HOH T O   1 
HETATM 1008 O O   . HOH H 4 .  ? 4.143   3.677   12.231  1.00 5.58  ? 2014 HOH T O   1 
HETATM 1009 O O   . HOH H 4 .  ? 10.363  -6.651  8.726   1.00 33.84 ? 2015 HOH T O   1 
HETATM 1010 O O   . HOH H 4 .  ? 12.348  -3.990  13.731  1.00 33.63 ? 2016 HOH T O   1 
HETATM 1011 O O   . HOH H 4 .  ? -2.341  8.186   0.769   1.00 35.48 ? 2017 HOH T O   1 
HETATM 1012 O O   . HOH H 4 .  ? 16.970  3.256   16.099  1.00 38.91 ? 2018 HOH T O   1 
HETATM 1013 O O   . HOH H 4 .  ? 8.485   -1.799  14.786  1.00 33.06 ? 2019 HOH T O   1 
HETATM 1014 O O   . HOH H 4 .  ? 10.882  8.574   14.370  1.00 25.97 ? 2020 HOH T O   1 
HETATM 1015 O O   . HOH H 4 .  ? -14.717 -7.651  1.458   1.00 28.62 ? 2021 HOH T O   1 
HETATM 1016 O O   . HOH H 4 .  ? 21.130  4.585   10.575  1.00 41.32 ? 2022 HOH T O   1 
HETATM 1017 O O   . HOH H 4 .  ? 16.414  6.255   9.185   1.00 41.35 ? 2023 HOH T O   1 
HETATM 1018 O O   . HOH H 4 .  ? 18.237  5.162   -0.258  1.00 23.38 ? 2024 HOH T O   1 
HETATM 1019 O O   . HOH H 4 .  ? 23.963  7.343   2.017   1.00 41.49 ? 2025 HOH T O   1 
HETATM 1020 O O   . HOH H 4 .  ? 19.598  7.600   0.809   1.00 39.79 ? 2026 HOH T O   1 
HETATM 1021 O O   . HOH H 4 .  ? 15.605  -0.826  -0.005  1.00 20.77 ? 2027 HOH T O   1 
HETATM 1022 O O   . HOH H 4 .  ? 18.193  -0.709  -0.819  1.00 34.88 ? 2028 HOH T O   1 
HETATM 1023 O O   . HOH H 4 .  ? 18.047  5.445   -4.123  1.00 28.06 ? 2029 HOH T O   1 
HETATM 1024 O O   . HOH H 4 .  ? 20.083  6.992   -4.995  1.00 34.10 ? 2030 HOH T O   1 
HETATM 1025 O O   . HOH H 4 .  ? 15.471  4.804   -4.319  1.00 13.44 ? 2031 HOH T O   1 
HETATM 1026 O O   . HOH H 4 .  ? 16.944  11.919  0.342   1.00 53.43 ? 2032 HOH T O   1 
HETATM 1027 O O   . HOH H 4 .  ? 7.466   9.945   -0.409  1.00 9.82  ? 2033 HOH T O   1 
HETATM 1028 O O   . HOH H 4 .  ? 9.694   13.035  0.297   1.00 15.24 ? 2034 HOH T O   1 
HETATM 1029 O O   . HOH H 4 .  ? 7.950   6.558   -6.092  1.00 7.81  ? 2035 HOH T O   1 
HETATM 1030 O O   . HOH H 4 .  ? 9.915   10.298  -3.729  1.00 35.75 ? 2036 HOH T O   1 
HETATM 1031 O O   . HOH H 4 .  ? 13.219  5.398   -7.945  1.00 9.48  ? 2037 HOH T O   1 
HETATM 1032 O O   . HOH H 4 .  ? 5.420   0.361   -2.813  1.00 21.77 ? 2038 HOH T O   1 
HETATM 1033 O O   . HOH H 4 .  ? 3.320   8.500   0.860   1.00 31.20 ? 2039 HOH T O   1 
HETATM 1034 O O   . HOH H 4 .  ? 7.336   -0.026  -4.934  1.00 18.55 ? 2040 HOH T O   1 
HETATM 1035 O O   . HOH H 4 .  ? 10.380  3.037   -6.178  1.00 11.60 ? 2041 HOH T O   1 
HETATM 1036 O O   . HOH H 4 .  ? 5.009   9.838   0.055   1.00 27.30 ? 2042 HOH T O   1 
HETATM 1037 O O   . HOH H 4 .  ? 0.461   10.726  -4.432  1.00 28.15 ? 2043 HOH T O   1 
HETATM 1038 O O   . HOH H 4 .  ? -2.965  7.819   -1.833  1.00 15.09 ? 2044 HOH T O   1 
HETATM 1039 O O   . HOH H 4 .  ? 1.608   5.975   -11.395 1.00 23.59 ? 2045 HOH T O   1 
HETATM 1040 O O   . HOH H 4 .  ? -2.284  5.541   -9.031  1.00 19.41 ? 2046 HOH T O   1 
HETATM 1041 O O   . HOH H 4 .  ? 0.088   9.952   -9.889  1.00 42.02 ? 2047 HOH T O   1 
HETATM 1042 O O   . HOH H 4 .  ? 2.738   -0.297  -2.995  1.00 20.20 ? 2048 HOH T O   1 
HETATM 1043 O O   . HOH H 4 .  ? -1.851  -0.874  -8.803  1.00 16.83 ? 2049 HOH T O   1 
HETATM 1044 O O   . HOH H 4 .  ? -12.308 4.107   0.004   1.00 44.10 ? 2050 HOH T O   1 
HETATM 1045 O O   . HOH H 4 .  ? -7.465  7.753   -3.357  1.00 35.50 ? 2051 HOH T O   1 
HETATM 1046 O O   . HOH H 4 .  ? -13.006 -3.233  -9.271  1.00 37.76 ? 2052 HOH T O   1 
HETATM 1047 O O   . HOH H 4 .  ? -23.561 2.016   -7.494  1.00 40.82 ? 2053 HOH T O   1 
HETATM 1048 O O   . HOH H 4 .  ? -22.754 -1.251  -4.516  1.00 22.71 ? 2054 HOH T O   1 
HETATM 1049 O O   . HOH H 4 .  ? -18.538 7.322   -1.879  1.00 47.52 ? 2055 HOH T O   1 
HETATM 1050 O O   . HOH H 4 .  ? -19.166 5.781   -9.898  1.00 13.71 ? 2056 HOH T O   1 
HETATM 1051 O O   . HOH H 4 .  ? -18.204 -0.053  -14.411 1.00 31.52 ? 2057 HOH T O   1 
HETATM 1052 O O   . HOH H 4 .  ? -15.709 -5.535  0.307   1.00 20.35 ? 2058 HOH T O   1 
HETATM 1053 O O   . HOH H 4 .  ? -16.323 0.527   5.376   1.00 19.10 ? 2059 HOH T O   1 
HETATM 1054 O O   . HOH H 4 .  ? -18.058 -6.160  2.569   1.00 25.19 ? 2060 HOH T O   1 
HETATM 1055 O O   . HOH H 4 .  ? -12.416 -5.195  6.341   1.00 19.51 ? 2061 HOH T O   1 
HETATM 1056 O O   . HOH H 4 .  ? -15.633 -6.514  -2.485  1.00 40.14 ? 2062 HOH T O   1 
HETATM 1057 O O   . HOH H 4 .  ? -11.852 3.645   2.542   1.00 20.91 ? 2063 HOH T O   1 
HETATM 1058 O O   . HOH H 4 .  ? -10.924 0.589   8.628   1.00 10.00 ? 2064 HOH T O   1 
HETATM 1059 O O   . HOH H 4 .  ? -6.091  -6.103  5.392   1.00 25.99 ? 2065 HOH T O   1 
HETATM 1060 O O   . HOH H 4 .  ? -6.079  -3.290  5.544   1.00 19.34 ? 2066 HOH T O   1 
HETATM 1061 O O   . HOH H 4 .  ? -12.400 -7.230  2.869   1.00 39.14 ? 2067 HOH T O   1 
HETATM 1062 O O   . HOH H 4 .  ? -7.657  6.554   6.828   1.00 19.36 ? 2068 HOH T O   1 
HETATM 1063 O O   . HOH H 4 .  ? -8.001  -3.945  8.051   1.00 27.76 ? 2069 HOH T O   1 
HETATM 1064 O O   . HOH H 4 .  ? -10.276 5.353   3.024   1.00 21.64 ? 2070 HOH T O   1 
HETATM 1065 O O   . HOH H 4 .  ? -9.322  1.492   10.590  1.00 12.84 ? 2071 HOH T O   1 
HETATM 1066 O O   . HOH H 4 .  ? 2.716   2.218   10.580  1.00 6.24  ? 2072 HOH T O   1 
HETATM 1067 O O   . HOH H 4 .  ? -3.037  8.185   3.780   1.00 25.30 ? 2073 HOH T O   1 
HETATM 1068 O O   . HOH H 4 .  ? 1.400   11.647  8.696   1.00 23.52 ? 2074 HOH T O   1 
HETATM 1069 O O   . HOH H 4 .  ? -4.152  10.771  9.278   1.00 17.39 ? 2075 HOH T O   1 
HETATM 1070 O O   . HOH H 4 .  ? 0.590   10.933  11.453  1.00 28.94 ? 2076 HOH T O   1 
HETATM 1071 O O   . HOH H 4 .  ? 3.506   8.228   13.965  1.00 11.18 ? 2077 HOH T O   1 
HETATM 1072 O O   . HOH H 4 .  ? 0.457   9.947   1.397   1.00 36.59 ? 2078 HOH T O   1 
HETATM 1073 O O   . HOH H 4 .  ? 6.008   15.632  9.020   1.00 31.65 ? 2079 HOH T O   1 
HETATM 1074 O O   . HOH H 4 .  ? 5.481   9.961   15.417  1.00 16.96 ? 2080 HOH T O   1 
HETATM 1075 O O   . HOH H 4 .  ? 8.841   10.301  17.839  1.00 17.89 ? 2081 HOH T O   1 
HETATM 1076 O O   . HOH H 4 .  ? 14.650  13.085  9.375   1.00 43.02 ? 2082 HOH T O   1 
HETATM 1077 O O   . HOH H 4 .  ? 19.144  15.819  15.037  1.00 28.49 ? 2083 HOH T O   1 
HETATM 1078 O O   . HOH H 4 .  ? 13.510  -10.921 -2.319  1.00 34.78 ? 2084 HOH T O   1 
HETATM 1079 O O   . HOH H 4 .  ? 19.428  -1.651  4.858   1.00 44.30 ? 2085 HOH T O   1 
HETATM 1080 O O   . HOH H 4 .  ? 20.992  0.657   6.391   1.00 36.36 ? 2086 HOH T O   1 
# 
loop_
_pdbx_poly_seq_scheme.asym_id 
_pdbx_poly_seq_scheme.entity_id 
_pdbx_poly_seq_scheme.seq_id 
_pdbx_poly_seq_scheme.mon_id 
_pdbx_poly_seq_scheme.ndb_seq_num 
_pdbx_poly_seq_scheme.pdb_seq_num 
_pdbx_poly_seq_scheme.auth_seq_num 
_pdbx_poly_seq_scheme.pdb_mon_id 
_pdbx_poly_seq_scheme.auth_mon_id 
_pdbx_poly_seq_scheme.pdb_strand_id 
_pdbx_poly_seq_scheme.pdb_ins_code 
_pdbx_poly_seq_scheme.hetero 
A 1 1  LYS 1  9  9  LYS LYS P . n 
A 1 2  SER 2  10 10 SER SER P . n 
A 1 3  LEU 3  11 11 LEU LEU P . n 
A 1 4  ARG 4  12 12 ARG ARG P . n 
A 1 5  VAL 5  13 13 VAL VAL P . n 
A 1 6  SER 6  14 14 SER SER P . n 
A 1 7  SER 7  15 15 SER SER P . n 
A 1 8  LEU 8  16 16 LEU LEU P . n 
A 1 9  ASN 9  17 17 ASN ASN P . n 
A 1 10 LYS 10 18 18 LYS LYS P . n 
A 1 11 ASP 11 19 19 ASP ASP P . n 
A 1 12 ARG 12 20 20 ARG ARG P . n 
A 1 13 ARG 13 21 21 ARG ARG P . n 
A 1 14 LEU 14 22 22 LEU LEU P . n 
A 1 15 LEU 15 23 23 LEU LEU P . n 
A 1 16 LEU 16 24 24 LEU LEU P . n 
A 1 17 ARG 17 25 25 ARG ARG P . n 
A 1 18 GLU 18 26 26 GLU GLU P . n 
A 1 19 PHE 19 27 27 PHE PHE P . n 
A 1 20 TYR 20 28 28 TYR TYR P . n 
A 1 21 ASN 21 29 29 ASN ASN P . n 
A 1 22 LEU 22 30 30 LEU LEU P . n 
A 1 23 GLU 23 31 ?  ?   ?   P . n 
A 1 24 ASN 24 32 ?  ?   ?   P . n 
B 2 1  MET 1  1  ?  ?   ?   T . n 
B 2 2  ASN 2  2  ?  ?   ?   T . n 
B 2 3  ASN 3  3  ?  ?   ?   T . n 
B 2 4  SER 4  4  ?  ?   ?   T . n 
B 2 5  GLU 5  5  5  GLU GLU T . n 
B 2 6  ASP 6  6  6  ASP ASP T . n 
B 2 7  PRO 7  7  7  PRO PRO T . n 
B 2 8  PHE 8  8  8  PHE PHE T . n 
B 2 9  GLN 9  9  9  GLN GLN T . n 
B 2 10 GLN 10 10 10 GLN GLN T . n 
B 2 11 VAL 11 11 11 VAL VAL T . n 
B 2 12 VAL 12 12 12 VAL VAL T . n 
B 2 13 LYS 13 13 13 LYS LYS T . n 
B 2 14 ASP 14 14 14 ASP ASP T . n 
B 2 15 THR 15 15 15 THR THR T . n 
B 2 16 LYS 16 16 16 LYS LYS T . n 
B 2 17 GLU 17 17 17 GLU GLU T . n 
B 2 18 GLN 18 18 18 GLN GLN T . n 
B 2 19 LEU 19 19 19 LEU LEU T . n 
B 2 20 ASN 20 20 20 ASN ASN T . n 
B 2 21 ARG 21 21 21 ARG ARG T . n 
B 2 22 ILE 22 22 22 ILE ILE T . n 
B 2 23 ASN 23 23 23 ASN ASN T . n 
B 2 24 ASN 24 24 24 ASN ASN T . n 
B 2 25 TYR 25 25 25 TYR TYR T . n 
B 2 26 ILE 26 26 26 ILE ILE T . n 
B 2 27 THR 27 27 27 THR THR T . n 
B 2 28 ARG 28 28 28 ARG ARG T . n 
B 2 29 HIS 29 29 29 HIS HIS T . n 
B 2 30 ASN 30 30 30 ASN ASN T . n 
B 2 31 THR 31 31 31 THR THR T . n 
B 2 32 ALA 32 32 32 ALA ALA T . n 
B 2 33 GLY 33 33 ?  ?   ?   T . n 
B 2 34 ASP 34 34 ?  ?   ?   T . n 
B 2 35 ASP 35 35 35 ASP ASP T . n 
B 2 36 ASP 36 36 36 ASP ASP T . n 
B 2 37 GLN 37 37 37 GLN GLN T . n 
B 2 38 GLU 38 38 38 GLU GLU T . n 
B 2 39 GLU 39 39 39 GLU GLU T . n 
B 2 40 GLU 40 40 40 GLU GLU T . n 
B 2 41 ILE 41 41 41 ILE ILE T . n 
B 2 42 GLN 42 42 42 GLN GLN T . n 
B 2 43 ASP 43 43 43 ASP ASP T . n 
B 2 44 ILE 44 44 44 ILE ILE T . n 
B 2 45 LEU 45 45 45 LEU LEU T . n 
B 2 46 LYS 46 46 46 LYS LYS T . n 
B 2 47 ASP 47 47 47 ASP ASP T . n 
B 2 48 VAL 48 48 48 VAL VAL T . n 
B 2 49 GLU 49 49 49 GLU GLU T . n 
B 2 50 GLU 50 50 50 GLU GLU T . n 
B 2 51 THR 51 51 51 THR THR T . n 
B 2 52 ILE 52 52 52 ILE ILE T . n 
B 2 53 VAL 53 53 53 VAL VAL T . n 
B 2 54 ASP 54 54 54 ASP ASP T . n 
B 2 55 LEU 55 55 55 LEU LEU T . n 
B 2 56 ASP 56 56 56 ASP ASP T . n 
B 2 57 ARG 57 57 57 ARG ARG T . n 
B 2 58 SER 58 58 58 SER SER T . n 
B 2 59 ILE 59 59 59 ILE ILE T . n 
B 2 60 ILE 60 60 60 ILE ILE T . n 
B 2 61 VAL 61 61 61 VAL VAL T . n 
B 2 62 MET 62 62 62 MET MET T . n 
B 2 63 LYS 63 63 63 LYS LYS T . n 
B 2 64 ARG 64 64 64 ARG ARG T . n 
B 2 65 ASP 65 65 65 ASP ASP T . n 
B 2 66 GLU 66 66 66 GLU GLU T . n 
B 2 67 ASN 67 67 67 ASN ASN T . n 
B 2 68 GLU 68 68 68 GLU GLU T . n 
B 2 69 ASP 69 69 69 ASP ASP T . n 
B 2 70 VAL 70 70 70 VAL VAL T . n 
B 2 71 SER 71 71 71 SER SER T . n 
B 2 72 GLY 72 72 72 GLY GLY T . n 
B 2 73 ARG 73 73 73 ARG ARG T . n 
B 2 74 GLU 74 74 74 GLU GLU T . n 
B 2 75 ALA 75 75 75 ALA ALA T . n 
B 2 76 GLN 76 76 76 GLN GLN T . n 
B 2 77 VAL 77 77 77 VAL VAL T . n 
B 2 78 LYS 78 78 78 LYS LYS T . n 
B 2 79 ASN 79 79 79 ASN ASN T . n 
B 2 80 ILE 80 80 80 ILE ILE T . n 
B 2 81 LYS 81 81 81 LYS LYS T . n 
B 2 82 GLN 82 82 82 GLN GLN T . n 
B 2 83 GLN 83 83 83 GLN GLN T . n 
B 2 84 LEU 84 84 84 LEU LEU T . n 
B 2 85 ASP 85 85 85 ASP ASP T . n 
B 2 86 ALA 86 86 86 ALA ALA T . n 
B 2 87 LEU 87 87 87 LEU LEU T . n 
B 2 88 LYS 88 88 88 LYS LYS T . n 
B 2 89 LEU 89 89 89 LEU LEU T . n 
B 2 90 ARG 90 90 90 ARG ARG T . n 
B 2 91 PHE 91 91 91 PHE PHE T . n 
B 2 92 ASP 92 92 92 ASP ASP T . n 
B 2 93 ARG 93 93 93 ARG ARG T . n 
B 2 94 ARG 94 94 94 ARG ARG T . n 
B 2 95 ILE 95 95 95 ILE ILE T . n 
# 
loop_
_pdbx_nonpoly_scheme.asym_id 
_pdbx_nonpoly_scheme.entity_id 
_pdbx_nonpoly_scheme.mon_id 
_pdbx_nonpoly_scheme.ndb_seq_num 
_pdbx_nonpoly_scheme.pdb_seq_num 
_pdbx_nonpoly_scheme.auth_seq_num 
_pdbx_nonpoly_scheme.pdb_mon_id 
_pdbx_nonpoly_scheme.auth_mon_id 
_pdbx_nonpoly_scheme.pdb_strand_id 
_pdbx_nonpoly_scheme.pdb_ins_code 
C 3 SO4 1  1031 1031 SO4 SO4 P . 
D 3 SO4 1  1096 1096 SO4 SO4 T . 
E 3 SO4 1  1097 1097 SO4 SO4 T . 
F 3 SO4 1  1098 1098 SO4 SO4 T . 
G 4 HOH 1  2001 2001 HOH HOH P . 
G 4 HOH 2  2002 2002 HOH HOH P . 
G 4 HOH 3  2003 2003 HOH HOH P . 
G 4 HOH 4  2004 2004 HOH HOH P . 
G 4 HOH 5  2005 2005 HOH HOH P . 
G 4 HOH 6  2006 2006 HOH HOH P . 
G 4 HOH 7  2007 2007 HOH HOH P . 
G 4 HOH 8  2008 2008 HOH HOH P . 
G 4 HOH 9  2009 2009 HOH HOH P . 
G 4 HOH 10 2010 2010 HOH HOH P . 
G 4 HOH 11 2011 2011 HOH HOH P . 
G 4 HOH 12 2012 2012 HOH HOH P . 
G 4 HOH 13 2013 2013 HOH HOH P . 
G 4 HOH 14 2014 2014 HOH HOH P . 
G 4 HOH 15 2015 2015 HOH HOH P . 
G 4 HOH 16 2016 2016 HOH HOH P . 
G 4 HOH 17 2017 2017 HOH HOH P . 
G 4 HOH 18 2018 2018 HOH HOH P . 
G 4 HOH 19 2019 2019 HOH HOH P . 
G 4 HOH 20 2020 2020 HOH HOH P . 
G 4 HOH 21 2021 2021 HOH HOH P . 
G 4 HOH 22 2022 2022 HOH HOH P . 
G 4 HOH 23 2023 2023 HOH HOH P . 
G 4 HOH 24 2024 2024 HOH HOH P . 
G 4 HOH 25 2025 2025 HOH HOH P . 
G 4 HOH 26 2026 2026 HOH HOH P . 
G 4 HOH 27 2027 2027 HOH HOH P . 
G 4 HOH 28 2028 2028 HOH HOH P . 
H 4 HOH 1  2001 2001 HOH HOH T . 
H 4 HOH 2  2002 2002 HOH HOH T . 
H 4 HOH 3  2003 2003 HOH HOH T . 
H 4 HOH 4  2004 2004 HOH HOH T . 
H 4 HOH 5  2005 2005 HOH HOH T . 
H 4 HOH 6  2006 2006 HOH HOH T . 
H 4 HOH 7  2007 2007 HOH HOH T . 
H 4 HOH 8  2008 2008 HOH HOH T . 
H 4 HOH 9  2009 2009 HOH HOH T . 
H 4 HOH 10 2010 2010 HOH HOH T . 
H 4 HOH 11 2011 2011 HOH HOH T . 
H 4 HOH 12 2012 2012 HOH HOH T . 
H 4 HOH 13 2013 2013 HOH HOH T . 
H 4 HOH 14 2014 2014 HOH HOH T . 
H 4 HOH 15 2015 2015 HOH HOH T . 
H 4 HOH 16 2016 2016 HOH HOH T . 
H 4 HOH 17 2017 2017 HOH HOH T . 
H 4 HOH 18 2018 2018 HOH HOH T . 
H 4 HOH 19 2019 2019 HOH HOH T . 
H 4 HOH 20 2020 2020 HOH HOH T . 
H 4 HOH 21 2021 2021 HOH HOH T . 
H 4 HOH 22 2022 2022 HOH HOH T . 
H 4 HOH 23 2023 2023 HOH HOH T . 
H 4 HOH 24 2024 2024 HOH HOH T . 
H 4 HOH 25 2025 2025 HOH HOH T . 
H 4 HOH 26 2026 2026 HOH HOH T . 
H 4 HOH 27 2027 2027 HOH HOH T . 
H 4 HOH 28 2028 2028 HOH HOH T . 
H 4 HOH 29 2029 2029 HOH HOH T . 
H 4 HOH 30 2030 2030 HOH HOH T . 
H 4 HOH 31 2031 2031 HOH HOH T . 
H 4 HOH 32 2032 2032 HOH HOH T . 
H 4 HOH 33 2033 2033 HOH HOH T . 
H 4 HOH 34 2034 2034 HOH HOH T . 
H 4 HOH 35 2035 2035 HOH HOH T . 
H 4 HOH 36 2036 2036 HOH HOH T . 
H 4 HOH 37 2037 2037 HOH HOH T . 
H 4 HOH 38 2038 2038 HOH HOH T . 
H 4 HOH 39 2039 2039 HOH HOH T . 
H 4 HOH 40 2040 2040 HOH HOH T . 
H 4 HOH 41 2041 2041 HOH HOH T . 
H 4 HOH 42 2042 2042 HOH HOH T . 
H 4 HOH 43 2043 2043 HOH HOH T . 
H 4 HOH 44 2044 2044 HOH HOH T . 
H 4 HOH 45 2045 2045 HOH HOH T . 
H 4 HOH 46 2046 2046 HOH HOH T . 
H 4 HOH 47 2047 2047 HOH HOH T . 
H 4 HOH 48 2048 2048 HOH HOH T . 
H 4 HOH 49 2049 2049 HOH HOH T . 
H 4 HOH 50 2050 2050 HOH HOH T . 
H 4 HOH 51 2051 2051 HOH HOH T . 
H 4 HOH 52 2052 2052 HOH HOH T . 
H 4 HOH 53 2053 2053 HOH HOH T . 
H 4 HOH 54 2054 2054 HOH HOH T . 
H 4 HOH 55 2055 2055 HOH HOH T . 
H 4 HOH 56 2056 2056 HOH HOH T . 
H 4 HOH 57 2057 2057 HOH HOH T . 
H 4 HOH 58 2058 2058 HOH HOH T . 
H 4 HOH 59 2059 2059 HOH HOH T . 
H 4 HOH 60 2060 2060 HOH HOH T . 
H 4 HOH 61 2061 2061 HOH HOH T . 
H 4 HOH 62 2062 2062 HOH HOH T . 
H 4 HOH 63 2063 2063 HOH HOH T . 
H 4 HOH 64 2064 2064 HOH HOH T . 
H 4 HOH 65 2065 2065 HOH HOH T . 
H 4 HOH 66 2066 2066 HOH HOH T . 
H 4 HOH 67 2067 2067 HOH HOH T . 
H 4 HOH 68 2068 2068 HOH HOH T . 
H 4 HOH 69 2069 2069 HOH HOH T . 
H 4 HOH 70 2070 2070 HOH HOH T . 
H 4 HOH 71 2071 2071 HOH HOH T . 
H 4 HOH 72 2072 2072 HOH HOH T . 
H 4 HOH 73 2073 2073 HOH HOH T . 
H 4 HOH 74 2074 2074 HOH HOH T . 
H 4 HOH 75 2075 2075 HOH HOH T . 
H 4 HOH 76 2076 2076 HOH HOH T . 
H 4 HOH 77 2077 2077 HOH HOH T . 
H 4 HOH 78 2078 2078 HOH HOH T . 
H 4 HOH 79 2079 2079 HOH HOH T . 
H 4 HOH 80 2080 2080 HOH HOH T . 
H 4 HOH 81 2081 2081 HOH HOH T . 
H 4 HOH 82 2082 2082 HOH HOH T . 
H 4 HOH 83 2083 2083 HOH HOH T . 
H 4 HOH 84 2084 2084 HOH HOH T . 
H 4 HOH 85 2085 2085 HOH HOH T . 
H 4 HOH 86 2086 2086 HOH HOH T . 
# 
_pdbx_struct_assembly.id                   1 
_pdbx_struct_assembly.details              author_and_software_defined_assembly 
_pdbx_struct_assembly.method_details       PQS 
_pdbx_struct_assembly.oligomeric_details   dimeric 
_pdbx_struct_assembly.oligomeric_count     2 
# 
_pdbx_struct_assembly_gen.assembly_id       1 
_pdbx_struct_assembly_gen.oper_expression   1 
_pdbx_struct_assembly_gen.asym_id_list      A,B,C,D,E,F,G,H 
# 
_pdbx_struct_oper_list.id                   1 
_pdbx_struct_oper_list.type                 'identity operation' 
_pdbx_struct_oper_list.name                 1_555 
_pdbx_struct_oper_list.symmetry_operation   x,y,z 
_pdbx_struct_oper_list.matrix[1][1]         1.0000000000 
_pdbx_struct_oper_list.matrix[1][2]         0.0000000000 
_pdbx_struct_oper_list.matrix[1][3]         0.0000000000 
_pdbx_struct_oper_list.vector[1]            0.0000000000 
_pdbx_struct_oper_list.matrix[2][1]         0.0000000000 
_pdbx_struct_oper_list.matrix[2][2]         1.0000000000 
_pdbx_struct_oper_list.matrix[2][3]         0.0000000000 
_pdbx_struct_oper_list.vector[2]            0.0000000000 
_pdbx_struct_oper_list.matrix[3][1]         0.0000000000 
_pdbx_struct_oper_list.matrix[3][2]         0.0000000000 
_pdbx_struct_oper_list.matrix[3][3]         1.0000000000 
_pdbx_struct_oper_list.vector[3]            0.0000000000 
# 
loop_
_pdbx_audit_revision_history.ordinal 
_pdbx_audit_revision_history.data_content_type 
_pdbx_audit_revision_history.major_revision 
_pdbx_audit_revision_history.minor_revision 
_pdbx_audit_revision_history.revision_date 
1 'Structure model' 1 0 2006-01-25 
2 'Structure model' 1 1 2011-05-08 
3 'Structure model' 1 2 2011-07-13 
4 'Structure model' 1 3 2023-12-13 
# 
_pdbx_audit_revision_details.ordinal             1 
_pdbx_audit_revision_details.revision_ordinal    1 
_pdbx_audit_revision_details.data_content_type   'Structure model' 
_pdbx_audit_revision_details.provider            repository 
_pdbx_audit_revision_details.type                'Initial release' 
_pdbx_audit_revision_details.description         ? 
_pdbx_audit_revision_details.details             ? 
# 
loop_
_pdbx_audit_revision_group.ordinal 
_pdbx_audit_revision_group.revision_ordinal 
_pdbx_audit_revision_group.data_content_type 
_pdbx_audit_revision_group.group 
1 2 'Structure model' 'Version format compliance' 
2 3 'Structure model' 'Version format compliance' 
3 4 'Structure model' 'Data collection'           
4 4 'Structure model' 'Database references'       
5 4 'Structure model' Other                       
6 4 'Structure model' 'Refinement description'    
# 
loop_
_pdbx_audit_revision_category.ordinal 
_pdbx_audit_revision_category.revision_ordinal 
_pdbx_audit_revision_category.data_content_type 
_pdbx_audit_revision_category.category 
1 4 'Structure model' chem_comp_atom                
2 4 'Structure model' chem_comp_bond                
3 4 'Structure model' database_2                    
4 4 'Structure model' pdbx_database_status          
5 4 'Structure model' pdbx_initial_refinement_model 
# 
loop_
_pdbx_audit_revision_item.ordinal 
_pdbx_audit_revision_item.revision_ordinal 
_pdbx_audit_revision_item.data_content_type 
_pdbx_audit_revision_item.item 
1 4 'Structure model' '_database_2.pdbx_DOI'                 
2 4 'Structure model' '_database_2.pdbx_database_accession'  
3 4 'Structure model' '_pdbx_database_status.status_code_sf' 
# 
loop_
_software.name 
_software.classification 
_software.version 
_software.citation_id 
_software.pdbx_ordinal 
REFMAC refinement       5.2.0005 ? 1 
MOSFLM 'data reduction' .        ? 2 
SCALA  'data scaling'   .        ? 3 
PHASER phasing          .        ? 4 
# 
loop_
_pdbx_validate_close_contact.id 
_pdbx_validate_close_contact.PDB_model_num 
_pdbx_validate_close_contact.auth_atom_id_1 
_pdbx_validate_close_contact.auth_asym_id_1 
_pdbx_validate_close_contact.auth_comp_id_1 
_pdbx_validate_close_contact.auth_seq_id_1 
_pdbx_validate_close_contact.PDB_ins_code_1 
_pdbx_validate_close_contact.label_alt_id_1 
_pdbx_validate_close_contact.auth_atom_id_2 
_pdbx_validate_close_contact.auth_asym_id_2 
_pdbx_validate_close_contact.auth_comp_id_2 
_pdbx_validate_close_contact.auth_seq_id_2 
_pdbx_validate_close_contact.PDB_ins_code_2 
_pdbx_validate_close_contact.label_alt_id_2 
_pdbx_validate_close_contact.dist 
1 1 OE1 T GLU 49 ? ? O T HOH 2043 ? ? 1.93 
2 1 O   P TYR 28 ? ? O P HOH 2021 ? ? 2.10 
# 
_pdbx_validate_torsion.id              1 
_pdbx_validate_torsion.PDB_model_num   1 
_pdbx_validate_torsion.auth_comp_id    SER 
_pdbx_validate_torsion.auth_asym_id    P 
_pdbx_validate_torsion.auth_seq_id     15 
_pdbx_validate_torsion.PDB_ins_code    ? 
_pdbx_validate_torsion.label_alt_id    ? 
_pdbx_validate_torsion.phi             73.84 
_pdbx_validate_torsion.psi             -3.13 
# 
loop_
_pdbx_unobs_or_zero_occ_residues.id 
_pdbx_unobs_or_zero_occ_residues.PDB_model_num 
_pdbx_unobs_or_zero_occ_residues.polymer_flag 
_pdbx_unobs_or_zero_occ_residues.occupancy_flag 
_pdbx_unobs_or_zero_occ_residues.auth_asym_id 
_pdbx_unobs_or_zero_occ_residues.auth_comp_id 
_pdbx_unobs_or_zero_occ_residues.auth_seq_id 
_pdbx_unobs_or_zero_occ_residues.PDB_ins_code 
_pdbx_unobs_or_zero_occ_residues.label_asym_id 
_pdbx_unobs_or_zero_occ_residues.label_comp_id 
_pdbx_unobs_or_zero_occ_residues.label_seq_id 
1 1 Y 1 P GLU 31 ? A GLU 23 
2 1 Y 1 P ASN 32 ? A ASN 24 
3 1 Y 1 T MET 1  ? B MET 1  
4 1 Y 1 T ASN 2  ? B ASN 2  
5 1 Y 1 T ASN 3  ? B ASN 3  
6 1 Y 1 T SER 4  ? B SER 4  
7 1 Y 1 T GLY 33 ? B GLY 33 
8 1 Y 1 T ASP 34 ? B ASP 34 
# 
loop_
_chem_comp_atom.comp_id 
_chem_comp_atom.atom_id 
_chem_comp_atom.type_symbol 
_chem_comp_atom.pdbx_aromatic_flag 
_chem_comp_atom.pdbx_stereo_config 
_chem_comp_atom.pdbx_ordinal 
ALA N    N N N 1   
ALA CA   C N S 2   
ALA C    C N N 3   
ALA O    O N N 4   
ALA CB   C N N 5   
ALA OXT  O N N 6   
ALA H    H N N 7   
ALA H2   H N N 8   
ALA HA   H N N 9   
ALA HB1  H N N 10  
ALA HB2  H N N 11  
ALA HB3  H N N 12  
ALA HXT  H N N 13  
ARG N    N N N 14  
ARG CA   C N S 15  
ARG C    C N N 16  
ARG O    O N N 17  
ARG CB   C N N 18  
ARG CG   C N N 19  
ARG CD   C N N 20  
ARG NE   N N N 21  
ARG CZ   C N N 22  
ARG NH1  N N N 23  
ARG NH2  N N N 24  
ARG OXT  O N N 25  
ARG H    H N N 26  
ARG H2   H N N 27  
ARG HA   H N N 28  
ARG HB2  H N N 29  
ARG HB3  H N N 30  
ARG HG2  H N N 31  
ARG HG3  H N N 32  
ARG HD2  H N N 33  
ARG HD3  H N N 34  
ARG HE   H N N 35  
ARG HH11 H N N 36  
ARG HH12 H N N 37  
ARG HH21 H N N 38  
ARG HH22 H N N 39  
ARG HXT  H N N 40  
ASN N    N N N 41  
ASN CA   C N S 42  
ASN C    C N N 43  
ASN O    O N N 44  
ASN CB   C N N 45  
ASN CG   C N N 46  
ASN OD1  O N N 47  
ASN ND2  N N N 48  
ASN OXT  O N N 49  
ASN H    H N N 50  
ASN H2   H N N 51  
ASN HA   H N N 52  
ASN HB2  H N N 53  
ASN HB3  H N N 54  
ASN HD21 H N N 55  
ASN HD22 H N N 56  
ASN HXT  H N N 57  
ASP N    N N N 58  
ASP CA   C N S 59  
ASP C    C N N 60  
ASP O    O N N 61  
ASP CB   C N N 62  
ASP CG   C N N 63  
ASP OD1  O N N 64  
ASP OD2  O N N 65  
ASP OXT  O N N 66  
ASP H    H N N 67  
ASP H2   H N N 68  
ASP HA   H N N 69  
ASP HB2  H N N 70  
ASP HB3  H N N 71  
ASP HD2  H N N 72  
ASP HXT  H N N 73  
GLN N    N N N 74  
GLN CA   C N S 75  
GLN C    C N N 76  
GLN O    O N N 77  
GLN CB   C N N 78  
GLN CG   C N N 79  
GLN CD   C N N 80  
GLN OE1  O N N 81  
GLN NE2  N N N 82  
GLN OXT  O N N 83  
GLN H    H N N 84  
GLN H2   H N N 85  
GLN HA   H N N 86  
GLN HB2  H N N 87  
GLN HB3  H N N 88  
GLN HG2  H N N 89  
GLN HG3  H N N 90  
GLN HE21 H N N 91  
GLN HE22 H N N 92  
GLN HXT  H N N 93  
GLU N    N N N 94  
GLU CA   C N S 95  
GLU C    C N N 96  
GLU O    O N N 97  
GLU CB   C N N 98  
GLU CG   C N N 99  
GLU CD   C N N 100 
GLU OE1  O N N 101 
GLU OE2  O N N 102 
GLU OXT  O N N 103 
GLU H    H N N 104 
GLU H2   H N N 105 
GLU HA   H N N 106 
GLU HB2  H N N 107 
GLU HB3  H N N 108 
GLU HG2  H N N 109 
GLU HG3  H N N 110 
GLU HE2  H N N 111 
GLU HXT  H N N 112 
GLY N    N N N 113 
GLY CA   C N N 114 
GLY C    C N N 115 
GLY O    O N N 116 
GLY OXT  O N N 117 
GLY H    H N N 118 
GLY H2   H N N 119 
GLY HA2  H N N 120 
GLY HA3  H N N 121 
GLY HXT  H N N 122 
HIS N    N N N 123 
HIS CA   C N S 124 
HIS C    C N N 125 
HIS O    O N N 126 
HIS CB   C N N 127 
HIS CG   C Y N 128 
HIS ND1  N Y N 129 
HIS CD2  C Y N 130 
HIS CE1  C Y N 131 
HIS NE2  N Y N 132 
HIS OXT  O N N 133 
HIS H    H N N 134 
HIS H2   H N N 135 
HIS HA   H N N 136 
HIS HB2  H N N 137 
HIS HB3  H N N 138 
HIS HD1  H N N 139 
HIS HD2  H N N 140 
HIS HE1  H N N 141 
HIS HE2  H N N 142 
HIS HXT  H N N 143 
HOH O    O N N 144 
HOH H1   H N N 145 
HOH H2   H N N 146 
ILE N    N N N 147 
ILE CA   C N S 148 
ILE C    C N N 149 
ILE O    O N N 150 
ILE CB   C N S 151 
ILE CG1  C N N 152 
ILE CG2  C N N 153 
ILE CD1  C N N 154 
ILE OXT  O N N 155 
ILE H    H N N 156 
ILE H2   H N N 157 
ILE HA   H N N 158 
ILE HB   H N N 159 
ILE HG12 H N N 160 
ILE HG13 H N N 161 
ILE HG21 H N N 162 
ILE HG22 H N N 163 
ILE HG23 H N N 164 
ILE HD11 H N N 165 
ILE HD12 H N N 166 
ILE HD13 H N N 167 
ILE HXT  H N N 168 
LEU N    N N N 169 
LEU CA   C N S 170 
LEU C    C N N 171 
LEU O    O N N 172 
LEU CB   C N N 173 
LEU CG   C N N 174 
LEU CD1  C N N 175 
LEU CD2  C N N 176 
LEU OXT  O N N 177 
LEU H    H N N 178 
LEU H2   H N N 179 
LEU HA   H N N 180 
LEU HB2  H N N 181 
LEU HB3  H N N 182 
LEU HG   H N N 183 
LEU HD11 H N N 184 
LEU HD12 H N N 185 
LEU HD13 H N N 186 
LEU HD21 H N N 187 
LEU HD22 H N N 188 
LEU HD23 H N N 189 
LEU HXT  H N N 190 
LYS N    N N N 191 
LYS CA   C N S 192 
LYS C    C N N 193 
LYS O    O N N 194 
LYS CB   C N N 195 
LYS CG   C N N 196 
LYS CD   C N N 197 
LYS CE   C N N 198 
LYS NZ   N N N 199 
LYS OXT  O N N 200 
LYS H    H N N 201 
LYS H2   H N N 202 
LYS HA   H N N 203 
LYS HB2  H N N 204 
LYS HB3  H N N 205 
LYS HG2  H N N 206 
LYS HG3  H N N 207 
LYS HD2  H N N 208 
LYS HD3  H N N 209 
LYS HE2  H N N 210 
LYS HE3  H N N 211 
LYS HZ1  H N N 212 
LYS HZ2  H N N 213 
LYS HZ3  H N N 214 
LYS HXT  H N N 215 
MET N    N N N 216 
MET CA   C N S 217 
MET C    C N N 218 
MET O    O N N 219 
MET CB   C N N 220 
MET CG   C N N 221 
MET SD   S N N 222 
MET CE   C N N 223 
MET OXT  O N N 224 
MET H    H N N 225 
MET H2   H N N 226 
MET HA   H N N 227 
MET HB2  H N N 228 
MET HB3  H N N 229 
MET HG2  H N N 230 
MET HG3  H N N 231 
MET HE1  H N N 232 
MET HE2  H N N 233 
MET HE3  H N N 234 
MET HXT  H N N 235 
PHE N    N N N 236 
PHE CA   C N S 237 
PHE C    C N N 238 
PHE O    O N N 239 
PHE CB   C N N 240 
PHE CG   C Y N 241 
PHE CD1  C Y N 242 
PHE CD2  C Y N 243 
PHE CE1  C Y N 244 
PHE CE2  C Y N 245 
PHE CZ   C Y N 246 
PHE OXT  O N N 247 
PHE H    H N N 248 
PHE H2   H N N 249 
PHE HA   H N N 250 
PHE HB2  H N N 251 
PHE HB3  H N N 252 
PHE HD1  H N N 253 
PHE HD2  H N N 254 
PHE HE1  H N N 255 
PHE HE2  H N N 256 
PHE HZ   H N N 257 
PHE HXT  H N N 258 
PRO N    N N N 259 
PRO CA   C N S 260 
PRO C    C N N 261 
PRO O    O N N 262 
PRO CB   C N N 263 
PRO CG   C N N 264 
PRO CD   C N N 265 
PRO OXT  O N N 266 
PRO H    H N N 267 
PRO HA   H N N 268 
PRO HB2  H N N 269 
PRO HB3  H N N 270 
PRO HG2  H N N 271 
PRO HG3  H N N 272 
PRO HD2  H N N 273 
PRO HD3  H N N 274 
PRO HXT  H N N 275 
SER N    N N N 276 
SER CA   C N S 277 
SER C    C N N 278 
SER O    O N N 279 
SER CB   C N N 280 
SER OG   O N N 281 
SER OXT  O N N 282 
SER H    H N N 283 
SER H2   H N N 284 
SER HA   H N N 285 
SER HB2  H N N 286 
SER HB3  H N N 287 
SER HG   H N N 288 
SER HXT  H N N 289 
SO4 S    S N N 290 
SO4 O1   O N N 291 
SO4 O2   O N N 292 
SO4 O3   O N N 293 
SO4 O4   O N N 294 
THR N    N N N 295 
THR CA   C N S 296 
THR C    C N N 297 
THR O    O N N 298 
THR CB   C N R 299 
THR OG1  O N N 300 
THR CG2  C N N 301 
THR OXT  O N N 302 
THR H    H N N 303 
THR H2   H N N 304 
THR HA   H N N 305 
THR HB   H N N 306 
THR HG1  H N N 307 
THR HG21 H N N 308 
THR HG22 H N N 309 
THR HG23 H N N 310 
THR HXT  H N N 311 
TYR N    N N N 312 
TYR CA   C N S 313 
TYR C    C N N 314 
TYR O    O N N 315 
TYR CB   C N N 316 
TYR CG   C Y N 317 
TYR CD1  C Y N 318 
TYR CD2  C Y N 319 
TYR CE1  C Y N 320 
TYR CE2  C Y N 321 
TYR CZ   C Y N 322 
TYR OH   O N N 323 
TYR OXT  O N N 324 
TYR H    H N N 325 
TYR H2   H N N 326 
TYR HA   H N N 327 
TYR HB2  H N N 328 
TYR HB3  H N N 329 
TYR HD1  H N N 330 
TYR HD2  H N N 331 
TYR HE1  H N N 332 
TYR HE2  H N N 333 
TYR HH   H N N 334 
TYR HXT  H N N 335 
VAL N    N N N 336 
VAL CA   C N S 337 
VAL C    C N N 338 
VAL O    O N N 339 
VAL CB   C N N 340 
VAL CG1  C N N 341 
VAL CG2  C N N 342 
VAL OXT  O N N 343 
VAL H    H N N 344 
VAL H2   H N N 345 
VAL HA   H N N 346 
VAL HB   H N N 347 
VAL HG11 H N N 348 
VAL HG12 H N N 349 
VAL HG13 H N N 350 
VAL HG21 H N N 351 
VAL HG22 H N N 352 
VAL HG23 H N N 353 
VAL HXT  H N N 354 
# 
loop_
_chem_comp_bond.comp_id 
_chem_comp_bond.atom_id_1 
_chem_comp_bond.atom_id_2 
_chem_comp_bond.value_order 
_chem_comp_bond.pdbx_aromatic_flag 
_chem_comp_bond.pdbx_stereo_config 
_chem_comp_bond.pdbx_ordinal 
ALA N   CA   sing N N 1   
ALA N   H    sing N N 2   
ALA N   H2   sing N N 3   
ALA CA  C    sing N N 4   
ALA CA  CB   sing N N 5   
ALA CA  HA   sing N N 6   
ALA C   O    doub N N 7   
ALA C   OXT  sing N N 8   
ALA CB  HB1  sing N N 9   
ALA CB  HB2  sing N N 10  
ALA CB  HB3  sing N N 11  
ALA OXT HXT  sing N N 12  
ARG N   CA   sing N N 13  
ARG N   H    sing N N 14  
ARG N   H2   sing N N 15  
ARG CA  C    sing N N 16  
ARG CA  CB   sing N N 17  
ARG CA  HA   sing N N 18  
ARG C   O    doub N N 19  
ARG C   OXT  sing N N 20  
ARG CB  CG   sing N N 21  
ARG CB  HB2  sing N N 22  
ARG CB  HB3  sing N N 23  
ARG CG  CD   sing N N 24  
ARG CG  HG2  sing N N 25  
ARG CG  HG3  sing N N 26  
ARG CD  NE   sing N N 27  
ARG CD  HD2  sing N N 28  
ARG CD  HD3  sing N N 29  
ARG NE  CZ   sing N N 30  
ARG NE  HE   sing N N 31  
ARG CZ  NH1  sing N N 32  
ARG CZ  NH2  doub N N 33  
ARG NH1 HH11 sing N N 34  
ARG NH1 HH12 sing N N 35  
ARG NH2 HH21 sing N N 36  
ARG NH2 HH22 sing N N 37  
ARG OXT HXT  sing N N 38  
ASN N   CA   sing N N 39  
ASN N   H    sing N N 40  
ASN N   H2   sing N N 41  
ASN CA  C    sing N N 42  
ASN CA  CB   sing N N 43  
ASN CA  HA   sing N N 44  
ASN C   O    doub N N 45  
ASN C   OXT  sing N N 46  
ASN CB  CG   sing N N 47  
ASN CB  HB2  sing N N 48  
ASN CB  HB3  sing N N 49  
ASN CG  OD1  doub N N 50  
ASN CG  ND2  sing N N 51  
ASN ND2 HD21 sing N N 52  
ASN ND2 HD22 sing N N 53  
ASN OXT HXT  sing N N 54  
ASP N   CA   sing N N 55  
ASP N   H    sing N N 56  
ASP N   H2   sing N N 57  
ASP CA  C    sing N N 58  
ASP CA  CB   sing N N 59  
ASP CA  HA   sing N N 60  
ASP C   O    doub N N 61  
ASP C   OXT  sing N N 62  
ASP CB  CG   sing N N 63  
ASP CB  HB2  sing N N 64  
ASP CB  HB3  sing N N 65  
ASP CG  OD1  doub N N 66  
ASP CG  OD2  sing N N 67  
ASP OD2 HD2  sing N N 68  
ASP OXT HXT  sing N N 69  
GLN N   CA   sing N N 70  
GLN N   H    sing N N 71  
GLN N   H2   sing N N 72  
GLN CA  C    sing N N 73  
GLN CA  CB   sing N N 74  
GLN CA  HA   sing N N 75  
GLN C   O    doub N N 76  
GLN C   OXT  sing N N 77  
GLN CB  CG   sing N N 78  
GLN CB  HB2  sing N N 79  
GLN CB  HB3  sing N N 80  
GLN CG  CD   sing N N 81  
GLN CG  HG2  sing N N 82  
GLN CG  HG3  sing N N 83  
GLN CD  OE1  doub N N 84  
GLN CD  NE2  sing N N 85  
GLN NE2 HE21 sing N N 86  
GLN NE2 HE22 sing N N 87  
GLN OXT HXT  sing N N 88  
GLU N   CA   sing N N 89  
GLU N   H    sing N N 90  
GLU N   H2   sing N N 91  
GLU CA  C    sing N N 92  
GLU CA  CB   sing N N 93  
GLU CA  HA   sing N N 94  
GLU C   O    doub N N 95  
GLU C   OXT  sing N N 96  
GLU CB  CG   sing N N 97  
GLU CB  HB2  sing N N 98  
GLU CB  HB3  sing N N 99  
GLU CG  CD   sing N N 100 
GLU CG  HG2  sing N N 101 
GLU CG  HG3  sing N N 102 
GLU CD  OE1  doub N N 103 
GLU CD  OE2  sing N N 104 
GLU OE2 HE2  sing N N 105 
GLU OXT HXT  sing N N 106 
GLY N   CA   sing N N 107 
GLY N   H    sing N N 108 
GLY N   H2   sing N N 109 
GLY CA  C    sing N N 110 
GLY CA  HA2  sing N N 111 
GLY CA  HA3  sing N N 112 
GLY C   O    doub N N 113 
GLY C   OXT  sing N N 114 
GLY OXT HXT  sing N N 115 
HIS N   CA   sing N N 116 
HIS N   H    sing N N 117 
HIS N   H2   sing N N 118 
HIS CA  C    sing N N 119 
HIS CA  CB   sing N N 120 
HIS CA  HA   sing N N 121 
HIS C   O    doub N N 122 
HIS C   OXT  sing N N 123 
HIS CB  CG   sing N N 124 
HIS CB  HB2  sing N N 125 
HIS CB  HB3  sing N N 126 
HIS CG  ND1  sing Y N 127 
HIS CG  CD2  doub Y N 128 
HIS ND1 CE1  doub Y N 129 
HIS ND1 HD1  sing N N 130 
HIS CD2 NE2  sing Y N 131 
HIS CD2 HD2  sing N N 132 
HIS CE1 NE2  sing Y N 133 
HIS CE1 HE1  sing N N 134 
HIS NE2 HE2  sing N N 135 
HIS OXT HXT  sing N N 136 
HOH O   H1   sing N N 137 
HOH O   H2   sing N N 138 
ILE N   CA   sing N N 139 
ILE N   H    sing N N 140 
ILE N   H2   sing N N 141 
ILE CA  C    sing N N 142 
ILE CA  CB   sing N N 143 
ILE CA  HA   sing N N 144 
ILE C   O    doub N N 145 
ILE C   OXT  sing N N 146 
ILE CB  CG1  sing N N 147 
ILE CB  CG2  sing N N 148 
ILE CB  HB   sing N N 149 
ILE CG1 CD1  sing N N 150 
ILE CG1 HG12 sing N N 151 
ILE CG1 HG13 sing N N 152 
ILE CG2 HG21 sing N N 153 
ILE CG2 HG22 sing N N 154 
ILE CG2 HG23 sing N N 155 
ILE CD1 HD11 sing N N 156 
ILE CD1 HD12 sing N N 157 
ILE CD1 HD13 sing N N 158 
ILE OXT HXT  sing N N 159 
LEU N   CA   sing N N 160 
LEU N   H    sing N N 161 
LEU N   H2   sing N N 162 
LEU CA  C    sing N N 163 
LEU CA  CB   sing N N 164 
LEU CA  HA   sing N N 165 
LEU C   O    doub N N 166 
LEU C   OXT  sing N N 167 
LEU CB  CG   sing N N 168 
LEU CB  HB2  sing N N 169 
LEU CB  HB3  sing N N 170 
LEU CG  CD1  sing N N 171 
LEU CG  CD2  sing N N 172 
LEU CG  HG   sing N N 173 
LEU CD1 HD11 sing N N 174 
LEU CD1 HD12 sing N N 175 
LEU CD1 HD13 sing N N 176 
LEU CD2 HD21 sing N N 177 
LEU CD2 HD22 sing N N 178 
LEU CD2 HD23 sing N N 179 
LEU OXT HXT  sing N N 180 
LYS N   CA   sing N N 181 
LYS N   H    sing N N 182 
LYS N   H2   sing N N 183 
LYS CA  C    sing N N 184 
LYS CA  CB   sing N N 185 
LYS CA  HA   sing N N 186 
LYS C   O    doub N N 187 
LYS C   OXT  sing N N 188 
LYS CB  CG   sing N N 189 
LYS CB  HB2  sing N N 190 
LYS CB  HB3  sing N N 191 
LYS CG  CD   sing N N 192 
LYS CG  HG2  sing N N 193 
LYS CG  HG3  sing N N 194 
LYS CD  CE   sing N N 195 
LYS CD  HD2  sing N N 196 
LYS CD  HD3  sing N N 197 
LYS CE  NZ   sing N N 198 
LYS CE  HE2  sing N N 199 
LYS CE  HE3  sing N N 200 
LYS NZ  HZ1  sing N N 201 
LYS NZ  HZ2  sing N N 202 
LYS NZ  HZ3  sing N N 203 
LYS OXT HXT  sing N N 204 
MET N   CA   sing N N 205 
MET N   H    sing N N 206 
MET N   H2   sing N N 207 
MET CA  C    sing N N 208 
MET CA  CB   sing N N 209 
MET CA  HA   sing N N 210 
MET C   O    doub N N 211 
MET C   OXT  sing N N 212 
MET CB  CG   sing N N 213 
MET CB  HB2  sing N N 214 
MET CB  HB3  sing N N 215 
MET CG  SD   sing N N 216 
MET CG  HG2  sing N N 217 
MET CG  HG3  sing N N 218 
MET SD  CE   sing N N 219 
MET CE  HE1  sing N N 220 
MET CE  HE2  sing N N 221 
MET CE  HE3  sing N N 222 
MET OXT HXT  sing N N 223 
PHE N   CA   sing N N 224 
PHE N   H    sing N N 225 
PHE N   H2   sing N N 226 
PHE CA  C    sing N N 227 
PHE CA  CB   sing N N 228 
PHE CA  HA   sing N N 229 
PHE C   O    doub N N 230 
PHE C   OXT  sing N N 231 
PHE CB  CG   sing N N 232 
PHE CB  HB2  sing N N 233 
PHE CB  HB3  sing N N 234 
PHE CG  CD1  doub Y N 235 
PHE CG  CD2  sing Y N 236 
PHE CD1 CE1  sing Y N 237 
PHE CD1 HD1  sing N N 238 
PHE CD2 CE2  doub Y N 239 
PHE CD2 HD2  sing N N 240 
PHE CE1 CZ   doub Y N 241 
PHE CE1 HE1  sing N N 242 
PHE CE2 CZ   sing Y N 243 
PHE CE2 HE2  sing N N 244 
PHE CZ  HZ   sing N N 245 
PHE OXT HXT  sing N N 246 
PRO N   CA   sing N N 247 
PRO N   CD   sing N N 248 
PRO N   H    sing N N 249 
PRO CA  C    sing N N 250 
PRO CA  CB   sing N N 251 
PRO CA  HA   sing N N 252 
PRO C   O    doub N N 253 
PRO C   OXT  sing N N 254 
PRO CB  CG   sing N N 255 
PRO CB  HB2  sing N N 256 
PRO CB  HB3  sing N N 257 
PRO CG  CD   sing N N 258 
PRO CG  HG2  sing N N 259 
PRO CG  HG3  sing N N 260 
PRO CD  HD2  sing N N 261 
PRO CD  HD3  sing N N 262 
PRO OXT HXT  sing N N 263 
SER N   CA   sing N N 264 
SER N   H    sing N N 265 
SER N   H2   sing N N 266 
SER CA  C    sing N N 267 
SER CA  CB   sing N N 268 
SER CA  HA   sing N N 269 
SER C   O    doub N N 270 
SER C   OXT  sing N N 271 
SER CB  OG   sing N N 272 
SER CB  HB2  sing N N 273 
SER CB  HB3  sing N N 274 
SER OG  HG   sing N N 275 
SER OXT HXT  sing N N 276 
SO4 S   O1   doub N N 277 
SO4 S   O2   doub N N 278 
SO4 S   O3   sing N N 279 
SO4 S   O4   sing N N 280 
THR N   CA   sing N N 281 
THR N   H    sing N N 282 
THR N   H2   sing N N 283 
THR CA  C    sing N N 284 
THR CA  CB   sing N N 285 
THR CA  HA   sing N N 286 
THR C   O    doub N N 287 
THR C   OXT  sing N N 288 
THR CB  OG1  sing N N 289 
THR CB  CG2  sing N N 290 
THR CB  HB   sing N N 291 
THR OG1 HG1  sing N N 292 
THR CG2 HG21 sing N N 293 
THR CG2 HG22 sing N N 294 
THR CG2 HG23 sing N N 295 
THR OXT HXT  sing N N 296 
TYR N   CA   sing N N 297 
TYR N   H    sing N N 298 
TYR N   H2   sing N N 299 
TYR CA  C    sing N N 300 
TYR CA  CB   sing N N 301 
TYR CA  HA   sing N N 302 
TYR C   O    doub N N 303 
TYR C   OXT  sing N N 304 
TYR CB  CG   sing N N 305 
TYR CB  HB2  sing N N 306 
TYR CB  HB3  sing N N 307 
TYR CG  CD1  doub Y N 308 
TYR CG  CD2  sing Y N 309 
TYR CD1 CE1  sing Y N 310 
TYR CD1 HD1  sing N N 311 
TYR CD2 CE2  doub Y N 312 
TYR CD2 HD2  sing N N 313 
TYR CE1 CZ   doub Y N 314 
TYR CE1 HE1  sing N N 315 
TYR CE2 CZ   sing Y N 316 
TYR CE2 HE2  sing N N 317 
TYR CZ  OH   sing N N 318 
TYR OH  HH   sing N N 319 
TYR OXT HXT  sing N N 320 
VAL N   CA   sing N N 321 
VAL N   H    sing N N 322 
VAL N   H2   sing N N 323 
VAL CA  C    sing N N 324 
VAL CA  CB   sing N N 325 
VAL CA  HA   sing N N 326 
VAL C   O    doub N N 327 
VAL C   OXT  sing N N 328 
VAL CB  CG1  sing N N 329 
VAL CB  CG2  sing N N 330 
VAL CB  HB   sing N N 331 
VAL CG1 HG11 sing N N 332 
VAL CG1 HG12 sing N N 333 
VAL CG1 HG13 sing N N 334 
VAL CG2 HG21 sing N N 335 
VAL CG2 HG22 sing N N 336 
VAL CG2 HG23 sing N N 337 
VAL OXT HXT  sing N N 338 
# 
loop_
_pdbx_entity_nonpoly.entity_id 
_pdbx_entity_nonpoly.name 
_pdbx_entity_nonpoly.comp_id 
3 'SULFATE ION' SO4 
4 water         HOH 
# 
_pdbx_initial_refinement_model.id               1 
_pdbx_initial_refinement_model.entity_id_list   ? 
_pdbx_initial_refinement_model.type             'experimental model' 
_pdbx_initial_refinement_model.source_name      PDB 
_pdbx_initial_refinement_model.accession_code   2C5I 
_pdbx_initial_refinement_model.details          'PDB ENTRY 2C5I' 
# 
